data_2J2F
#
_entry.id   2J2F
#
_cell.length_a   82.049
_cell.length_b   145.768
_cell.length_c   193.245
_cell.angle_alpha   90.00
_cell.angle_beta   90.00
_cell.angle_gamma   90.00
#
_symmetry.space_group_name_H-M   'P 21 21 21'
#
loop_
_entity.id
_entity.type
_entity.pdbx_description
1 polymer 'ACYL-[ACYL-CARRIER-PROTEIN] DESATURASE'
2 non-polymer 'FE (III) ION'
3 water water
#
_entity_poly.entity_id   1
_entity_poly.type   'polypeptide(L)'
_entity_poly.pdbx_seq_one_letter_code
;ASTLKSGSKEVENLKKPFMPPREVHVQVTHSMPPQKIEIFKSLDNWAEENILVHLKPVEKCWQPQDFLPDPASDGFDEQV
RELRERAKEIPDDYFVVLVGDMITEEALPTYQTMLNTLDGVRDETGASPTSWAIWTRAWTAEENRHGDLLNKYLYLSGRV
DMRQIEKTIQYLIGSGMDPRTENSPYLGFIYTSFQERADFISHGNTARQAKEHGDIKLAQICGTIAADEKRHETAYTKIV
EKLFEIDPDGTVLAFADMMRKKISMPAHLMYDGRDDNLFDHFSAVAQRLGVYTAKDYADILEFLVGRWKVDKLTGLSAEG
QKAQDYVCRLPPRIRRLEERAQGRAKEAPTMPFSWIFDRQVKL
;
_entity_poly.pdbx_strand_id   A,B,C,D,E,F
#
loop_
_chem_comp.id
_chem_comp.type
_chem_comp.name
_chem_comp.formula
FE non-polymer 'FE (III) ION' 'Fe 3'
#
# COMPACT_ATOMS: atom_id res chain seq x y z
N LYS A 16 -1.87 -24.19 -11.01
CA LYS A 16 -0.85 -24.49 -9.96
C LYS A 16 0.31 -23.48 -9.85
N PRO A 17 0.65 -23.05 -8.61
CA PRO A 17 1.69 -22.02 -8.41
C PRO A 17 3.15 -22.40 -8.82
N PHE A 18 4.05 -22.48 -7.83
CA PHE A 18 5.48 -22.22 -8.05
C PHE A 18 6.29 -23.43 -8.53
N MET A 19 5.96 -23.81 -9.76
CA MET A 19 6.49 -24.99 -10.46
C MET A 19 7.21 -24.53 -11.74
N PRO A 20 8.55 -24.66 -11.75
CA PRO A 20 9.31 -24.30 -12.96
C PRO A 20 9.02 -25.27 -14.11
N PRO A 21 9.18 -24.78 -15.36
CA PRO A 21 8.97 -25.71 -16.48
C PRO A 21 10.09 -26.77 -16.47
N ARG A 22 9.80 -27.93 -17.05
CA ARG A 22 10.77 -29.00 -17.08
C ARG A 22 10.99 -29.43 -18.50
N GLU A 23 12.10 -30.15 -18.71
CA GLU A 23 12.37 -30.76 -19.99
C GLU A 23 11.27 -31.79 -20.33
N VAL A 24 10.66 -31.66 -21.50
CA VAL A 24 9.52 -32.51 -21.87
C VAL A 24 9.93 -33.75 -22.65
N HIS A 25 11.22 -33.90 -22.92
CA HIS A 25 11.73 -35.05 -23.68
C HIS A 25 12.43 -36.07 -22.77
N VAL A 26 12.31 -37.34 -23.13
CA VAL A 26 12.98 -38.44 -22.45
C VAL A 26 14.49 -38.26 -22.42
N GLN A 27 15.08 -38.56 -21.26
CA GLN A 27 16.52 -38.40 -21.01
C GLN A 27 17.31 -39.56 -21.65
N VAL A 28 18.20 -39.23 -22.59
CA VAL A 28 19.01 -40.23 -23.30
C VAL A 28 20.51 -40.02 -23.00
N THR A 29 21.12 -40.95 -22.27
CA THR A 29 22.53 -40.84 -21.88
C THR A 29 23.46 -41.77 -22.68
N HIS A 30 24.71 -41.32 -22.83
CA HIS A 30 25.83 -42.11 -23.41
C HIS A 30 25.51 -42.80 -24.73
N SER A 31 25.04 -42.01 -25.69
CA SER A 31 24.66 -42.54 -27.01
C SER A 31 25.86 -42.85 -27.89
N MET A 32 26.91 -42.04 -27.80
CA MET A 32 28.15 -42.30 -28.53
C MET A 32 28.76 -43.65 -28.15
N PRO A 33 29.20 -44.46 -29.16
CA PRO A 33 29.87 -45.73 -28.88
C PRO A 33 31.16 -45.53 -28.05
N PRO A 34 31.30 -46.29 -26.95
CA PRO A 34 32.36 -46.09 -25.92
C PRO A 34 33.80 -46.19 -26.47
N GLN A 35 33.98 -46.88 -27.59
CA GLN A 35 35.29 -46.95 -28.22
C GLN A 35 35.74 -45.59 -28.79
N LYS A 36 34.79 -44.79 -29.25
CA LYS A 36 35.12 -43.50 -29.86
C LYS A 36 35.68 -42.49 -28.86
N ILE A 37 35.66 -42.85 -27.58
CA ILE A 37 36.26 -42.08 -26.49
C ILE A 37 37.76 -41.91 -26.70
N GLU A 38 38.38 -42.91 -27.33
CA GLU A 38 39.81 -42.86 -27.63
C GLU A 38 40.19 -41.81 -28.67
N ILE A 39 39.31 -41.59 -29.65
CA ILE A 39 39.53 -40.54 -30.67
C ILE A 39 39.90 -39.22 -30.00
N PHE A 40 39.21 -38.91 -28.91
CA PHE A 40 39.42 -37.64 -28.21
C PHE A 40 40.68 -37.67 -27.37
N LYS A 41 40.99 -38.81 -26.74
CA LYS A 41 42.25 -38.93 -26.01
C LYS A 41 43.43 -38.70 -26.97
N SER A 42 43.28 -39.19 -28.20
CA SER A 42 44.27 -39.02 -29.28
C SER A 42 44.43 -37.58 -29.74
N LEU A 43 43.31 -36.85 -29.77
CA LEU A 43 43.29 -35.48 -30.27
C LEU A 43 43.72 -34.46 -29.22
N ASP A 44 44.19 -34.95 -28.07
CA ASP A 44 44.60 -34.09 -26.98
C ASP A 44 45.60 -33.02 -27.46
N ASN A 45 46.77 -33.48 -27.90
CA ASN A 45 47.79 -32.63 -28.50
C ASN A 45 47.20 -31.70 -29.56
N TRP A 46 46.45 -32.27 -30.50
CA TRP A 46 45.80 -31.48 -31.54
C TRP A 46 44.97 -30.33 -30.94
N ALA A 47 44.16 -30.65 -29.93
CA ALA A 47 43.34 -29.63 -29.23
C ALA A 47 44.20 -28.53 -28.60
N GLU A 48 45.33 -28.94 -28.04
CA GLU A 48 46.29 -28.04 -27.43
C GLU A 48 47.01 -27.20 -28.48
N GLU A 49 46.59 -27.25 -29.74
CA GLU A 49 47.26 -26.47 -30.77
C GLU A 49 46.29 -25.79 -31.70
N ASN A 50 45.09 -26.32 -31.76
CA ASN A 50 44.09 -25.79 -32.64
C ASN A 50 42.92 -25.16 -31.89
N ILE A 51 42.81 -25.48 -30.61
CA ILE A 51 41.68 -25.04 -29.79
C ILE A 51 42.11 -24.08 -28.68
N LEU A 52 42.93 -24.56 -27.75
CA LEU A 52 43.50 -23.71 -26.69
C LEU A 52 44.06 -22.39 -27.21
N VAL A 53 44.49 -22.36 -28.46
CA VAL A 53 44.96 -21.11 -29.07
C VAL A 53 43.88 -20.02 -29.20
N HIS A 54 42.60 -20.36 -29.01
CA HIS A 54 41.45 -19.40 -29.11
C HIS A 54 41.04 -18.81 -27.76
N LEU A 55 41.71 -19.26 -26.72
CA LEU A 55 41.60 -18.63 -25.42
C LEU A 55 42.58 -17.45 -25.34
N LYS A 56 42.06 -16.32 -24.84
CA LYS A 56 42.83 -15.11 -24.57
C LYS A 56 43.43 -15.32 -23.19
N PRO A 57 44.76 -15.20 -23.07
CA PRO A 57 45.45 -15.31 -21.77
C PRO A 57 44.96 -14.27 -20.79
N VAL A 58 44.81 -14.68 -19.52
CA VAL A 58 44.18 -13.85 -18.49
C VAL A 58 44.67 -12.43 -18.50
N GLU A 59 45.99 -12.23 -18.39
CA GLU A 59 46.58 -10.88 -18.31
C GLU A 59 46.16 -9.96 -19.45
N LYS A 60 45.79 -10.54 -20.59
CA LYS A 60 45.37 -9.75 -21.75
C LYS A 60 43.86 -9.59 -21.92
N CYS A 61 43.09 -10.16 -20.99
CA CYS A 61 41.65 -10.10 -21.07
C CYS A 61 41.09 -8.82 -20.46
N TRP A 62 40.02 -8.32 -21.05
CA TRP A 62 39.20 -7.30 -20.38
C TRP A 62 38.63 -7.84 -19.07
N GLN A 63 38.26 -6.96 -18.14
CA GLN A 63 37.52 -7.39 -16.95
C GLN A 63 36.26 -6.53 -16.78
N PRO A 64 35.24 -7.02 -16.07
CA PRO A 64 34.07 -6.19 -15.94
C PRO A 64 34.34 -4.75 -15.51
N GLN A 65 35.25 -4.49 -14.56
CA GLN A 65 35.57 -3.12 -14.13
C GLN A 65 35.99 -2.17 -15.24
N ASP A 66 36.57 -2.69 -16.28
CA ASP A 66 36.95 -1.88 -17.44
C ASP A 66 35.75 -1.12 -18.00
N PHE A 67 34.52 -1.64 -17.85
CA PHE A 67 33.35 -0.99 -18.47
C PHE A 67 32.33 -0.40 -17.51
N LEU A 68 32.69 -0.40 -16.22
CA LEU A 68 31.78 0.06 -15.21
C LEU A 68 32.30 1.31 -14.52
N PRO A 69 31.43 2.04 -13.86
CA PRO A 69 31.96 3.13 -13.05
C PRO A 69 33.05 2.66 -12.07
N ASP A 70 34.09 3.46 -11.94
CA ASP A 70 35.20 3.12 -11.08
C ASP A 70 34.92 3.54 -9.64
N PRO A 71 34.69 2.57 -8.75
CA PRO A 71 34.29 2.93 -7.38
C PRO A 71 35.44 3.45 -6.53
N ALA A 72 36.67 3.37 -7.00
CA ALA A 72 37.76 3.96 -6.28
C ALA A 72 38.20 5.26 -6.94
N SER A 73 37.28 5.92 -7.62
CA SER A 73 37.60 7.19 -8.31
C SER A 73 36.68 8.35 -7.92
N ASP A 74 37.22 9.54 -7.84
CA ASP A 74 36.37 10.71 -7.53
C ASP A 74 35.26 10.89 -8.58
N GLY A 75 35.49 10.34 -9.76
CA GLY A 75 34.48 10.22 -10.76
C GLY A 75 33.34 9.26 -10.56
N PHE A 76 33.35 8.49 -9.50
CA PHE A 76 32.34 7.47 -9.36
C PHE A 76 30.90 7.98 -9.40
N ASP A 77 30.58 8.97 -8.58
CA ASP A 77 29.24 9.50 -8.58
C ASP A 77 28.80 9.92 -9.97
N GLU A 78 29.51 10.86 -10.60
CA GLU A 78 29.04 11.35 -11.90
C GLU A 78 28.92 10.21 -12.91
N GLN A 79 29.76 9.18 -12.74
CA GLN A 79 29.77 8.11 -13.69
C GLN A 79 28.49 7.32 -13.52
N VAL A 80 28.11 7.01 -12.29
CA VAL A 80 26.93 6.23 -12.00
C VAL A 80 25.68 7.04 -12.41
N ARG A 81 25.78 8.34 -12.25
CA ARG A 81 24.67 9.25 -12.58
C ARG A 81 24.47 9.30 -14.09
N GLU A 82 25.56 9.48 -14.84
CA GLU A 82 25.44 9.47 -16.29
C GLU A 82 24.91 8.12 -16.75
N LEU A 83 25.35 7.04 -16.11
CA LEU A 83 24.89 5.69 -16.49
C LEU A 83 23.36 5.57 -16.39
N ARG A 84 22.84 6.02 -15.25
CA ARG A 84 21.41 6.03 -15.03
C ARG A 84 20.67 6.99 -15.92
N GLU A 85 21.29 8.11 -16.30
CA GLU A 85 20.57 9.05 -17.18
C GLU A 85 20.39 8.41 -18.53
N ARG A 86 21.48 7.82 -19.04
CA ARG A 86 21.45 7.14 -20.29
C ARG A 86 20.37 6.04 -20.32
N ALA A 87 20.20 5.36 -19.20
CA ALA A 87 19.34 4.19 -19.10
C ALA A 87 17.88 4.57 -19.15
N LYS A 88 17.56 5.79 -18.73
CA LYS A 88 16.21 6.34 -18.95
C LYS A 88 15.79 6.44 -20.42
N GLU A 89 16.70 6.78 -21.30
CA GLU A 89 16.42 6.82 -22.73
C GLU A 89 16.40 5.44 -23.38
N ILE A 90 16.73 4.39 -22.65
CA ILE A 90 16.63 3.06 -23.25
C ILE A 90 15.27 2.47 -22.85
N PRO A 91 14.45 2.08 -23.83
CA PRO A 91 13.07 1.65 -23.56
C PRO A 91 13.00 0.29 -22.86
N ASP A 92 11.91 0.05 -22.16
CA ASP A 92 11.71 -1.19 -21.42
C ASP A 92 11.88 -2.45 -22.28
N ASP A 93 11.34 -2.42 -23.51
CA ASP A 93 11.48 -3.52 -24.49
C ASP A 93 12.90 -4.08 -24.39
N TYR A 94 13.83 -3.18 -24.67
CA TYR A 94 15.22 -3.50 -24.75
C TYR A 94 15.78 -4.06 -23.43
N PHE A 95 15.36 -3.48 -22.30
CA PHE A 95 15.78 -4.02 -20.99
C PHE A 95 15.32 -5.46 -20.75
N VAL A 96 14.14 -5.79 -21.26
CA VAL A 96 13.62 -7.14 -21.11
C VAL A 96 14.60 -8.12 -21.74
N VAL A 97 15.00 -7.81 -22.98
CA VAL A 97 15.88 -8.66 -23.77
C VAL A 97 17.20 -8.73 -23.06
N LEU A 98 17.75 -7.57 -22.80
CA LEU A 98 19.01 -7.48 -22.11
C LEU A 98 19.04 -8.25 -20.80
N VAL A 99 17.95 -8.18 -20.06
CA VAL A 99 17.84 -8.92 -18.83
C VAL A 99 17.90 -10.42 -19.07
N GLY A 100 17.18 -10.87 -20.11
CA GLY A 100 17.13 -12.29 -20.50
C GLY A 100 18.52 -12.80 -20.87
N ASP A 101 19.26 -11.96 -21.58
CA ASP A 101 20.61 -12.32 -21.98
C ASP A 101 21.47 -12.47 -20.75
N MET A 102 21.38 -11.49 -19.86
CA MET A 102 22.17 -11.50 -18.65
C MET A 102 21.83 -12.73 -17.80
N ILE A 103 20.55 -13.07 -17.69
CA ILE A 103 20.12 -14.22 -16.90
C ILE A 103 20.70 -15.49 -17.48
N THR A 104 20.61 -15.60 -18.80
CA THR A 104 21.22 -16.72 -19.51
C THR A 104 22.71 -16.83 -19.13
N GLU A 105 23.44 -15.71 -19.15
CA GLU A 105 24.85 -15.73 -18.77
C GLU A 105 25.06 -16.17 -17.33
N GLU A 106 24.21 -15.73 -16.41
CA GLU A 106 24.49 -16.06 -15.02
C GLU A 106 24.30 -17.52 -14.69
N ALA A 107 23.60 -18.27 -15.55
CA ALA A 107 23.38 -19.70 -15.29
C ALA A 107 24.60 -20.53 -15.69
N LEU A 108 25.74 -19.85 -15.80
CA LEU A 108 27.00 -20.41 -16.22
C LEU A 108 27.35 -21.79 -15.65
N PRO A 109 27.20 -22.00 -14.34
CA PRO A 109 27.66 -23.28 -13.80
C PRO A 109 27.00 -24.47 -14.49
N THR A 110 25.71 -24.34 -14.82
CA THR A 110 25.06 -25.31 -15.68
C THR A 110 25.86 -25.64 -16.96
N TYR A 111 26.42 -24.63 -17.63
CA TYR A 111 27.06 -24.84 -18.93
C TYR A 111 28.41 -25.49 -18.79
N GLN A 112 29.02 -25.32 -17.63
CA GLN A 112 30.30 -25.99 -17.41
C GLN A 112 29.97 -27.47 -17.19
N THR A 113 28.86 -27.72 -16.51
CA THR A 113 28.37 -29.08 -16.37
C THR A 113 28.04 -29.70 -17.75
N MET A 114 27.45 -28.90 -18.64
CA MET A 114 27.11 -29.36 -20.00
C MET A 114 28.30 -29.96 -20.75
N LEU A 115 29.46 -29.32 -20.59
CA LEU A 115 30.68 -29.78 -21.20
C LEU A 115 31.25 -30.96 -20.43
N ASN A 116 31.14 -30.93 -19.10
CA ASN A 116 31.63 -32.04 -18.29
C ASN A 116 30.76 -33.30 -18.33
N THR A 117 29.72 -33.29 -19.16
CA THR A 117 28.92 -34.50 -19.34
C THR A 117 29.37 -35.27 -20.56
N LEU A 118 30.20 -34.64 -21.41
CA LEU A 118 30.65 -35.25 -22.65
C LEU A 118 31.72 -36.32 -22.41
N ASP A 119 31.48 -37.50 -23.00
CA ASP A 119 32.20 -38.74 -22.70
C ASP A 119 33.71 -38.69 -22.81
N GLY A 120 34.24 -38.21 -23.92
CA GLY A 120 35.69 -38.23 -24.13
C GLY A 120 36.44 -36.97 -23.70
N VAL A 121 35.74 -36.05 -23.06
CA VAL A 121 36.27 -34.70 -22.86
C VAL A 121 36.08 -34.15 -21.46
N ARG A 122 35.24 -34.80 -20.65
CA ARG A 122 34.96 -34.32 -19.29
C ARG A 122 36.24 -34.16 -18.43
N ASP A 123 36.18 -33.20 -17.52
CA ASP A 123 37.19 -33.00 -16.51
C ASP A 123 36.91 -34.00 -15.41
N GLU A 124 37.76 -35.01 -15.23
CA GLU A 124 37.49 -36.09 -14.28
C GLU A 124 37.76 -35.78 -12.80
N THR A 125 38.38 -34.64 -12.51
CA THR A 125 38.74 -34.30 -11.13
C THR A 125 38.29 -32.89 -10.71
N GLY A 126 38.20 -31.98 -11.70
CA GLY A 126 37.99 -30.59 -11.42
C GLY A 126 39.23 -29.77 -11.75
N ALA A 127 40.32 -30.46 -12.09
CA ALA A 127 41.60 -29.80 -12.41
C ALA A 127 42.45 -30.73 -13.25
N SER A 128 41.81 -31.41 -14.20
CA SER A 128 42.52 -32.35 -15.07
C SER A 128 43.49 -31.65 -16.04
N PRO A 129 44.75 -32.11 -16.10
CA PRO A 129 45.75 -31.57 -17.05
C PRO A 129 45.46 -31.78 -18.55
N THR A 130 44.37 -32.45 -18.89
CA THR A 130 44.07 -32.67 -20.31
C THR A 130 43.77 -31.35 -20.98
N SER A 131 44.00 -31.29 -22.29
CA SER A 131 43.66 -30.13 -23.10
C SER A 131 42.17 -29.80 -23.02
N TRP A 132 41.35 -30.85 -23.03
CA TRP A 132 39.88 -30.70 -22.99
C TRP A 132 39.41 -30.07 -21.71
N ALA A 133 39.91 -30.54 -20.57
CA ALA A 133 39.55 -30.00 -19.28
C ALA A 133 40.10 -28.59 -19.10
N ILE A 134 41.29 -28.32 -19.67
CA ILE A 134 41.89 -26.99 -19.63
C ILE A 134 41.02 -25.97 -20.35
N TRP A 135 40.55 -26.33 -21.55
CA TRP A 135 39.60 -25.51 -22.30
C TRP A 135 38.30 -25.21 -21.52
N THR A 136 37.70 -26.24 -20.97
CA THR A 136 36.43 -26.10 -20.26
C THR A 136 36.60 -25.08 -19.12
N ARG A 137 37.69 -25.17 -18.40
CA ARG A 137 37.90 -24.33 -17.27
C ARG A 137 38.13 -22.87 -17.68
N ALA A 138 38.79 -22.66 -18.81
CA ALA A 138 39.23 -21.35 -19.21
C ALA A 138 38.07 -20.70 -19.93
N TRP A 139 37.35 -21.52 -20.68
CA TRP A 139 36.12 -21.05 -21.32
C TRP A 139 35.12 -20.58 -20.26
N THR A 140 34.98 -21.35 -19.19
CA THR A 140 34.11 -21.02 -18.07
C THR A 140 34.56 -19.71 -17.44
N ALA A 141 35.84 -19.62 -17.09
CA ALA A 141 36.46 -18.37 -16.59
C ALA A 141 36.19 -17.14 -17.50
N GLU A 142 36.18 -17.34 -18.81
CA GLU A 142 35.87 -16.22 -19.69
C GLU A 142 34.42 -15.87 -19.62
N GLU A 143 33.56 -16.89 -19.62
CA GLU A 143 32.14 -16.63 -19.60
C GLU A 143 31.70 -15.90 -18.35
N ASN A 144 32.29 -16.26 -17.22
CA ASN A 144 31.96 -15.65 -15.95
C ASN A 144 31.91 -14.07 -15.94
N ARG A 145 32.71 -13.43 -16.77
CA ARG A 145 32.82 -11.99 -16.79
C ARG A 145 31.65 -11.41 -17.50
N HIS A 146 30.96 -12.21 -18.31
CA HIS A 146 29.81 -11.71 -19.07
C HIS A 146 28.68 -11.42 -18.09
N GLY A 147 28.31 -12.42 -17.28
CA GLY A 147 27.28 -12.26 -16.26
C GLY A 147 27.60 -11.10 -15.32
N ASP A 148 28.82 -11.12 -14.75
CA ASP A 148 29.30 -10.08 -13.84
C ASP A 148 29.09 -8.66 -14.41
N LEU A 149 29.50 -8.47 -15.65
CA LEU A 149 29.40 -7.17 -16.22
C LEU A 149 27.93 -6.73 -16.44
N LEU A 150 27.12 -7.58 -17.08
CA LEU A 150 25.72 -7.23 -17.37
C LEU A 150 24.91 -7.09 -16.07
N ASN A 151 25.27 -7.90 -15.08
CA ASN A 151 24.69 -7.82 -13.74
C ASN A 151 24.84 -6.43 -13.11
N LYS A 152 26.07 -5.97 -12.94
CA LYS A 152 26.33 -4.68 -12.37
C LYS A 152 25.75 -3.58 -13.20
N TYR A 153 25.76 -3.71 -14.52
CA TYR A 153 25.15 -2.69 -15.36
C TYR A 153 23.64 -2.54 -15.05
N LEU A 154 22.96 -3.69 -14.99
CA LEU A 154 21.53 -3.68 -14.78
C LEU A 154 21.25 -3.15 -13.36
N TYR A 155 22.04 -3.60 -12.39
CA TYR A 155 21.96 -3.10 -11.05
C TYR A 155 22.03 -1.56 -10.93
N LEU A 156 23.04 -0.96 -11.52
CA LEU A 156 23.22 0.46 -11.40
C LEU A 156 22.15 1.23 -12.16
N SER A 157 21.60 0.64 -13.22
CA SER A 157 20.68 1.34 -14.11
C SER A 157 19.41 1.83 -13.43
N GLY A 158 18.93 1.05 -12.48
CA GLY A 158 17.67 1.32 -11.79
C GLY A 158 16.44 1.11 -12.63
N ARG A 159 16.59 0.51 -13.80
CA ARG A 159 15.49 0.38 -14.73
C ARG A 159 14.79 -0.97 -14.57
N VAL A 160 15.38 -1.84 -13.77
CA VAL A 160 14.94 -3.20 -13.69
C VAL A 160 14.87 -3.65 -12.24
N ASP A 161 14.15 -4.76 -12.03
CA ASP A 161 13.87 -5.27 -10.71
C ASP A 161 14.81 -6.39 -10.35
N MET A 162 15.92 -6.03 -9.70
CA MET A 162 16.98 -7.00 -9.42
C MET A 162 16.54 -8.19 -8.57
N ARG A 163 15.48 -8.03 -7.78
CA ARG A 163 15.08 -9.12 -6.92
C ARG A 163 14.35 -10.18 -7.68
N GLN A 164 13.57 -9.76 -8.68
CA GLN A 164 12.86 -10.71 -9.55
C GLN A 164 13.82 -11.35 -10.54
N ILE A 165 14.91 -10.65 -10.86
CA ILE A 165 15.92 -11.17 -11.77
C ILE A 165 16.77 -12.19 -11.03
N GLU A 166 17.15 -11.85 -9.80
CA GLU A 166 17.92 -12.76 -8.99
C GLU A 166 17.15 -14.02 -8.75
N LYS A 167 15.82 -13.89 -8.66
CA LYS A 167 14.93 -15.02 -8.38
C LYS A 167 14.79 -15.92 -9.61
N THR A 168 14.66 -15.30 -10.76
CA THR A 168 14.69 -16.01 -12.00
C THR A 168 15.99 -16.81 -12.16
N ILE A 169 17.11 -16.20 -11.79
CA ILE A 169 18.40 -16.86 -11.89
C ILE A 169 18.45 -18.12 -11.02
N GLN A 170 17.97 -18.01 -9.79
CA GLN A 170 17.97 -19.17 -8.90
C GLN A 170 17.06 -20.31 -9.40
N TYR A 171 15.97 -19.93 -10.07
CA TYR A 171 15.09 -20.93 -10.65
C TYR A 171 15.85 -21.65 -11.76
N LEU A 172 16.54 -20.86 -12.57
CA LEU A 172 17.24 -21.35 -13.74
C LEU A 172 18.35 -22.35 -13.46
N ILE A 173 19.17 -22.08 -12.43
CA ILE A 173 20.25 -22.98 -12.02
C ILE A 173 19.68 -24.26 -11.40
N GLY A 174 18.62 -24.13 -10.60
CA GLY A 174 17.96 -25.29 -10.00
C GLY A 174 17.41 -26.20 -11.06
N SER A 175 16.94 -25.59 -12.14
CA SER A 175 16.32 -26.31 -13.24
C SER A 175 17.38 -26.92 -14.12
N GLY A 176 18.48 -26.22 -14.30
CA GLY A 176 19.49 -26.68 -15.23
C GLY A 176 18.95 -26.69 -16.64
N MET A 177 19.58 -27.50 -17.47
CA MET A 177 19.09 -27.70 -18.81
C MET A 177 19.61 -29.02 -19.34
N ASP A 178 18.84 -29.61 -20.25
CA ASP A 178 19.27 -30.79 -21.03
C ASP A 178 19.22 -30.47 -22.54
N PRO A 179 20.39 -30.14 -23.12
CA PRO A 179 20.54 -29.80 -24.54
C PRO A 179 20.40 -31.01 -25.42
N ARG A 180 20.26 -32.17 -24.78
CA ARG A 180 20.04 -33.46 -25.46
C ARG A 180 21.27 -33.91 -26.28
N THR A 181 22.44 -33.71 -25.67
CA THR A 181 23.73 -34.04 -26.26
C THR A 181 24.13 -35.47 -25.95
N GLU A 182 23.42 -36.07 -25.00
CA GLU A 182 23.51 -37.51 -24.72
C GLU A 182 24.94 -37.95 -24.40
N ASN A 183 25.71 -37.03 -23.83
CA ASN A 183 27.12 -37.23 -23.44
C ASN A 183 28.07 -37.38 -24.62
N SER A 184 27.56 -37.10 -25.82
CA SER A 184 28.35 -37.27 -27.03
C SER A 184 29.09 -36.01 -27.37
N PRO A 185 30.43 -36.06 -27.30
CA PRO A 185 31.25 -34.93 -27.74
C PRO A 185 30.86 -34.46 -29.16
N TYR A 186 30.40 -35.39 -30.01
CA TYR A 186 29.94 -34.99 -31.33
C TYR A 186 28.79 -34.02 -31.22
N LEU A 187 27.75 -34.43 -30.47
CA LEU A 187 26.51 -33.66 -30.36
C LEU A 187 26.87 -32.40 -29.63
N GLY A 188 27.65 -32.57 -28.55
CA GLY A 188 28.06 -31.48 -27.65
C GLY A 188 28.61 -30.29 -28.41
N PHE A 189 29.65 -30.55 -29.21
CA PHE A 189 30.37 -29.48 -29.91
C PHE A 189 29.60 -28.94 -31.11
N ILE A 190 28.68 -29.74 -31.64
CA ILE A 190 27.75 -29.23 -32.65
C ILE A 190 26.87 -28.22 -31.94
N TYR A 191 26.33 -28.64 -30.82
CA TYR A 191 25.44 -27.80 -30.03
C TYR A 191 26.09 -26.47 -29.72
N THR A 192 27.23 -26.52 -29.03
CA THR A 192 27.90 -25.30 -28.59
C THR A 192 28.39 -24.45 -29.78
N SER A 193 28.69 -25.07 -30.92
CA SER A 193 29.01 -24.31 -32.12
C SER A 193 27.83 -23.41 -32.49
N PHE A 194 26.64 -24.01 -32.51
CA PHE A 194 25.42 -23.28 -32.81
C PHE A 194 25.15 -22.18 -31.77
N GLN A 195 25.17 -22.53 -30.48
CA GLN A 195 24.88 -21.54 -29.41
C GLN A 195 25.80 -20.34 -29.39
N GLU A 196 27.10 -20.60 -29.47
CA GLU A 196 28.08 -19.53 -29.53
C GLU A 196 27.82 -18.50 -30.62
N ARG A 197 27.43 -18.98 -31.80
CA ARG A 197 27.07 -18.08 -32.87
C ARG A 197 25.77 -17.32 -32.53
N ALA A 198 24.83 -17.99 -31.89
CA ALA A 198 23.58 -17.35 -31.53
C ALA A 198 23.90 -16.21 -30.57
N ASP A 199 24.68 -16.52 -29.54
CA ASP A 199 25.15 -15.55 -28.56
C ASP A 199 25.85 -14.40 -29.26
N PHE A 200 26.66 -14.71 -30.27
CA PHE A 200 27.37 -13.67 -31.04
C PHE A 200 26.40 -12.72 -31.78
N ILE A 201 25.26 -13.24 -32.17
CA ILE A 201 24.30 -12.46 -32.92
C ILE A 201 23.47 -11.60 -31.96
N SER A 202 23.03 -12.22 -30.87
CA SER A 202 22.20 -11.52 -29.91
C SER A 202 22.99 -10.38 -29.37
N HIS A 203 24.15 -10.71 -28.80
CA HIS A 203 24.97 -9.69 -28.16
C HIS A 203 25.34 -8.67 -29.22
N GLY A 204 25.82 -9.13 -30.37
CA GLY A 204 26.15 -8.21 -31.46
C GLY A 204 25.01 -7.26 -31.82
N ASN A 205 23.77 -7.77 -31.79
CA ASN A 205 22.62 -6.97 -32.14
C ASN A 205 22.24 -5.97 -31.06
N THR A 206 22.26 -6.41 -29.80
CA THR A 206 21.98 -5.52 -28.69
C THR A 206 23.04 -4.44 -28.71
N ALA A 207 24.22 -4.76 -29.23
CA ALA A 207 25.32 -3.81 -29.25
C ALA A 207 25.06 -2.66 -30.19
N ARG A 208 24.85 -2.99 -31.47
CA ARG A 208 24.52 -2.01 -32.53
C ARG A 208 23.24 -1.25 -32.19
N GLN A 209 22.24 -1.95 -31.67
CA GLN A 209 21.01 -1.29 -31.26
C GLN A 209 21.28 -0.35 -30.09
N ALA A 210 22.22 -0.77 -29.22
CA ALA A 210 22.59 0.00 -28.04
C ALA A 210 23.17 1.33 -28.44
N LYS A 211 23.82 1.37 -29.58
CA LYS A 211 24.28 2.64 -30.08
C LYS A 211 23.06 3.50 -30.40
N GLU A 212 22.09 2.94 -31.15
CA GLU A 212 20.94 3.76 -31.61
C GLU A 212 20.42 4.49 -30.37
N HIS A 213 19.69 3.78 -29.52
CA HIS A 213 19.04 4.36 -28.34
C HIS A 213 19.85 5.49 -27.62
N GLY A 214 21.12 5.69 -28.04
CA GLY A 214 22.03 6.69 -27.42
C GLY A 214 23.02 6.25 -26.31
N ASP A 215 23.41 4.99 -26.25
CA ASP A 215 24.46 4.61 -25.28
C ASP A 215 25.72 3.94 -25.82
N ILE A 216 26.71 4.72 -26.24
CA ILE A 216 27.99 4.12 -26.64
C ILE A 216 28.57 3.11 -25.62
N LYS A 217 28.65 3.49 -24.34
CA LYS A 217 29.30 2.61 -23.38
C LYS A 217 28.64 1.25 -23.31
N LEU A 218 27.29 1.25 -23.35
CA LEU A 218 26.51 -0.01 -23.33
C LEU A 218 26.81 -0.85 -24.57
N ALA A 219 27.09 -0.17 -25.68
CA ALA A 219 27.45 -0.80 -26.94
C ALA A 219 28.81 -1.48 -26.84
N GLN A 220 29.80 -0.77 -26.30
CA GLN A 220 31.08 -1.37 -26.00
C GLN A 220 30.94 -2.58 -25.11
N ILE A 221 30.06 -2.53 -24.11
CA ILE A 221 29.81 -3.69 -23.23
C ILE A 221 29.35 -4.90 -24.05
N CYS A 222 28.31 -4.69 -24.85
CA CYS A 222 27.70 -5.76 -25.56
C CYS A 222 28.67 -6.26 -26.63
N GLY A 223 29.29 -5.31 -27.33
CA GLY A 223 30.30 -5.63 -28.33
C GLY A 223 31.42 -6.50 -27.78
N THR A 224 31.97 -6.12 -26.64
CA THR A 224 33.07 -6.86 -26.06
C THR A 224 32.67 -8.28 -25.68
N ILE A 225 31.43 -8.45 -25.22
CA ILE A 225 30.90 -9.80 -24.93
C ILE A 225 30.76 -10.60 -26.24
N ALA A 226 30.25 -9.94 -27.28
CA ALA A 226 30.12 -10.54 -28.59
C ALA A 226 31.45 -11.09 -29.12
N ALA A 227 32.53 -10.32 -28.93
CA ALA A 227 33.82 -10.69 -29.46
C ALA A 227 34.30 -11.97 -28.77
N ASP A 228 34.12 -12.09 -27.45
CA ASP A 228 34.41 -13.34 -26.73
C ASP A 228 33.65 -14.54 -27.36
N GLU A 229 32.44 -14.27 -27.84
CA GLU A 229 31.59 -15.33 -28.39
C GLU A 229 32.12 -15.86 -29.72
N LYS A 230 32.55 -14.94 -30.58
CA LYS A 230 33.14 -15.29 -31.85
C LYS A 230 34.31 -16.25 -31.68
N ARG A 231 35.20 -15.91 -30.75
CA ARG A 231 36.36 -16.74 -30.47
C ARG A 231 35.91 -18.10 -29.99
N HIS A 232 34.89 -18.14 -29.17
CA HIS A 232 34.42 -19.43 -28.73
C HIS A 232 33.89 -20.23 -29.91
N GLU A 233 33.08 -19.57 -30.75
CA GLU A 233 32.49 -20.19 -31.93
C GLU A 233 33.59 -20.78 -32.81
N THR A 234 34.57 -19.94 -33.13
CA THR A 234 35.73 -20.35 -33.91
C THR A 234 36.34 -21.62 -33.32
N ALA A 235 36.53 -21.66 -32.01
CA ALA A 235 37.13 -22.83 -31.36
C ALA A 235 36.29 -24.09 -31.52
N TYR A 236 34.99 -23.98 -31.23
CA TYR A 236 34.09 -25.13 -31.34
C TYR A 236 33.89 -25.59 -32.77
N THR A 237 33.92 -24.67 -33.73
CA THR A 237 33.76 -25.04 -35.13
C THR A 237 35.00 -25.79 -35.68
N LYS A 238 36.19 -25.48 -35.16
CA LYS A 238 37.40 -26.21 -35.59
C LYS A 238 37.37 -27.65 -35.11
N ILE A 239 36.63 -27.91 -34.03
CA ILE A 239 36.54 -29.27 -33.51
C ILE A 239 35.60 -30.12 -34.37
N VAL A 240 34.45 -29.56 -34.72
CA VAL A 240 33.51 -30.28 -35.57
C VAL A 240 34.11 -30.50 -36.96
N GLU A 241 34.74 -29.46 -37.50
CA GLU A 241 35.47 -29.56 -38.76
C GLU A 241 36.40 -30.77 -38.74
N LYS A 242 37.18 -30.87 -37.66
CA LYS A 242 38.11 -31.97 -37.43
C LYS A 242 37.38 -33.31 -37.31
N LEU A 243 36.23 -33.30 -36.66
CA LEU A 243 35.46 -34.54 -36.55
C LEU A 243 34.88 -34.96 -37.89
N PHE A 244 34.53 -33.99 -38.73
CA PHE A 244 34.05 -34.29 -40.09
C PHE A 244 35.17 -34.91 -40.92
N GLU A 245 36.37 -34.42 -40.69
CA GLU A 245 37.56 -34.89 -41.36
C GLU A 245 37.92 -36.30 -40.95
N ILE A 246 37.85 -36.61 -39.65
CA ILE A 246 38.19 -37.93 -39.12
C ILE A 246 37.04 -38.93 -39.29
N ASP A 247 35.82 -38.49 -39.03
CA ASP A 247 34.65 -39.36 -39.06
C ASP A 247 33.45 -38.65 -39.70
N PRO A 248 33.49 -38.45 -41.02
CA PRO A 248 32.42 -37.72 -41.70
C PRO A 248 31.05 -38.39 -41.53
N ASP A 249 31.02 -39.71 -41.31
CA ASP A 249 29.75 -40.41 -41.11
C ASP A 249 29.08 -40.17 -39.76
N GLY A 250 29.83 -40.35 -38.67
CA GLY A 250 29.30 -40.12 -37.32
C GLY A 250 28.93 -38.67 -37.10
N THR A 251 29.78 -37.77 -37.59
CA THR A 251 29.59 -36.33 -37.49
C THR A 251 28.40 -35.84 -38.31
N VAL A 252 28.29 -36.28 -39.56
CA VAL A 252 27.13 -35.94 -40.38
C VAL A 252 25.86 -36.37 -39.68
N LEU A 253 25.90 -37.55 -39.06
CA LEU A 253 24.74 -38.12 -38.37
C LEU A 253 24.43 -37.34 -37.09
N ALA A 254 25.47 -36.97 -36.37
CA ALA A 254 25.30 -36.18 -35.17
C ALA A 254 24.68 -34.83 -35.51
N PHE A 255 25.12 -34.24 -36.62
CA PHE A 255 24.63 -32.93 -37.06
C PHE A 255 23.13 -32.97 -37.36
N ALA A 256 22.68 -33.98 -38.10
CA ALA A 256 21.26 -34.15 -38.39
C ALA A 256 20.42 -34.39 -37.14
N ASP A 257 20.94 -35.23 -36.23
CA ASP A 257 20.24 -35.59 -35.00
C ASP A 257 19.89 -34.36 -34.17
N MET A 258 20.86 -33.46 -34.02
CA MET A 258 20.66 -32.22 -33.26
C MET A 258 19.56 -31.37 -33.86
N MET A 259 19.54 -31.28 -35.19
CA MET A 259 18.57 -30.43 -35.86
C MET A 259 17.14 -30.90 -35.77
N ARG A 260 16.90 -32.20 -35.97
CA ARG A 260 15.54 -32.79 -35.85
C ARG A 260 15.02 -32.50 -34.46
N LYS A 261 15.87 -32.79 -33.47
CA LYS A 261 15.58 -32.49 -32.08
C LYS A 261 15.31 -31.00 -31.89
N LYS A 262 15.91 -30.19 -32.78
CA LYS A 262 15.97 -28.73 -32.63
C LYS A 262 16.93 -28.32 -31.54
N ILE A 263 17.68 -27.25 -31.79
CA ILE A 263 18.60 -26.70 -30.81
C ILE A 263 17.80 -25.86 -29.80
N SER A 264 17.57 -26.39 -28.59
CA SER A 264 16.90 -25.61 -27.54
C SER A 264 17.90 -24.67 -26.87
N MET A 265 17.45 -23.44 -26.59
CA MET A 265 18.34 -22.42 -25.97
C MET A 265 18.62 -22.76 -24.52
N PRO A 266 19.83 -22.47 -24.04
CA PRO A 266 20.26 -22.84 -22.68
C PRO A 266 19.34 -22.34 -21.55
N ALA A 267 18.60 -21.27 -21.77
CA ALA A 267 17.72 -20.79 -20.72
C ALA A 267 16.25 -20.99 -21.06
N HIS A 268 15.91 -22.13 -21.65
CA HIS A 268 14.51 -22.28 -22.07
C HIS A 268 13.61 -22.60 -20.90
N LEU A 269 14.19 -23.03 -19.78
CA LEU A 269 13.41 -23.32 -18.57
C LEU A 269 13.20 -22.10 -17.64
N MET A 270 13.48 -20.91 -18.17
CA MET A 270 13.35 -19.63 -17.48
C MET A 270 11.99 -19.47 -16.72
N TYR A 271 12.06 -19.11 -15.44
CA TYR A 271 10.87 -19.00 -14.60
C TYR A 271 11.08 -17.98 -13.51
N ASP A 272 10.15 -17.04 -13.35
CA ASP A 272 10.27 -15.99 -12.32
C ASP A 272 9.25 -16.17 -11.19
N GLY A 273 8.52 -17.30 -11.24
CA GLY A 273 7.50 -17.62 -10.26
C GLY A 273 6.13 -17.04 -10.57
N ARG A 274 5.99 -16.37 -11.71
CA ARG A 274 4.74 -15.66 -12.06
C ARG A 274 4.30 -16.04 -13.48
N ASP A 275 5.25 -16.00 -14.42
CA ASP A 275 4.98 -16.34 -15.81
C ASP A 275 5.36 -17.81 -16.11
N ASP A 276 4.41 -18.59 -16.62
CA ASP A 276 4.69 -20.00 -16.97
C ASP A 276 5.31 -20.14 -18.36
N ASN A 277 5.29 -19.07 -19.13
CA ASN A 277 5.87 -19.05 -20.48
C ASN A 277 6.94 -17.97 -20.62
N LEU A 278 7.82 -17.88 -19.63
CA LEU A 278 8.73 -16.77 -19.56
C LEU A 278 9.70 -16.77 -20.73
N PHE A 279 10.21 -17.95 -21.07
CA PHE A 279 11.14 -18.04 -22.18
C PHE A 279 10.50 -17.68 -23.51
N ASP A 280 9.35 -18.29 -23.81
CA ASP A 280 8.60 -17.89 -25.00
C ASP A 280 8.44 -16.37 -25.07
N HIS A 281 8.01 -15.75 -23.96
CA HIS A 281 7.74 -14.32 -23.93
C HIS A 281 8.99 -13.47 -24.14
N PHE A 282 10.05 -13.79 -23.38
CA PHE A 282 11.34 -13.13 -23.56
C PHE A 282 11.77 -13.20 -25.02
N SER A 283 11.78 -14.41 -25.57
CA SER A 283 12.08 -14.67 -26.98
C SER A 283 11.23 -13.83 -27.95
N ALA A 284 9.92 -13.82 -27.74
CA ALA A 284 9.04 -13.01 -28.58
C ALA A 284 9.57 -11.57 -28.70
N VAL A 285 9.91 -10.96 -27.56
CA VAL A 285 10.43 -9.58 -27.53
C VAL A 285 11.74 -9.48 -28.29
N ALA A 286 12.59 -10.47 -28.09
CA ALA A 286 13.87 -10.54 -28.78
C ALA A 286 13.65 -10.67 -30.30
N GLN A 287 12.76 -11.58 -30.69
CA GLN A 287 12.31 -11.68 -32.08
C GLN A 287 11.88 -10.29 -32.56
N ARG A 288 10.81 -9.74 -31.98
CA ARG A 288 10.22 -8.48 -32.43
C ARG A 288 11.24 -7.36 -32.57
N LEU A 289 12.19 -7.33 -31.65
CA LEU A 289 13.19 -6.27 -31.62
C LEU A 289 14.30 -6.49 -32.64
N GLY A 290 14.33 -7.68 -33.24
CA GLY A 290 15.36 -8.04 -34.19
C GLY A 290 16.70 -8.28 -33.52
N VAL A 291 16.69 -8.73 -32.26
CA VAL A 291 17.93 -9.12 -31.57
C VAL A 291 18.29 -10.55 -31.96
N TYR A 292 17.32 -11.44 -31.91
CA TYR A 292 17.52 -12.83 -32.33
C TYR A 292 16.19 -13.33 -32.84
N THR A 293 16.17 -13.65 -34.13
CA THR A 293 14.96 -14.02 -34.83
C THR A 293 14.95 -15.48 -35.31
N ALA A 294 13.76 -15.97 -35.65
CA ALA A 294 13.61 -17.28 -36.24
C ALA A 294 14.51 -17.40 -37.48
N LYS A 295 14.72 -16.27 -38.15
CA LYS A 295 15.62 -16.17 -39.31
C LYS A 295 17.11 -16.34 -38.95
N ASP A 296 17.51 -15.74 -37.82
CA ASP A 296 18.89 -15.88 -37.38
C ASP A 296 19.19 -17.37 -37.20
N TYR A 297 18.28 -18.09 -36.55
CA TYR A 297 18.44 -19.52 -36.34
C TYR A 297 18.77 -20.23 -37.63
N ALA A 298 18.12 -19.82 -38.72
CA ALA A 298 18.35 -20.42 -40.04
C ALA A 298 19.72 -20.06 -40.57
N ASP A 299 20.08 -18.79 -40.50
CA ASP A 299 21.36 -18.32 -41.01
C ASP A 299 22.54 -19.05 -40.36
N ILE A 300 22.46 -19.24 -39.04
CA ILE A 300 23.46 -20.01 -38.30
C ILE A 300 23.59 -21.42 -38.88
N LEU A 301 22.45 -22.09 -39.03
CA LEU A 301 22.41 -23.43 -39.59
C LEU A 301 23.08 -23.50 -40.98
N GLU A 302 22.65 -22.61 -41.86
CA GLU A 302 23.20 -22.49 -43.20
C GLU A 302 24.69 -22.18 -43.18
N PHE A 303 25.08 -21.23 -42.33
CA PHE A 303 26.51 -20.93 -42.17
C PHE A 303 27.30 -22.18 -41.85
N LEU A 304 26.88 -22.89 -40.80
CA LEU A 304 27.55 -24.11 -40.35
C LEU A 304 27.63 -25.21 -41.41
N VAL A 305 26.57 -25.34 -42.20
CA VAL A 305 26.52 -26.28 -43.33
C VAL A 305 27.61 -25.96 -44.33
N GLY A 306 27.80 -24.66 -44.61
CA GLY A 306 28.84 -24.17 -45.50
C GLY A 306 30.21 -24.20 -44.84
N ARG A 307 30.27 -23.79 -43.57
CA ARG A 307 31.53 -23.74 -42.83
C ARG A 307 32.17 -25.12 -42.64
N TRP A 308 31.35 -26.18 -42.55
CA TRP A 308 31.86 -27.53 -42.32
C TRP A 308 31.93 -28.35 -43.60
N LYS A 309 31.51 -27.71 -44.69
CA LYS A 309 31.54 -28.28 -46.03
C LYS A 309 30.74 -29.59 -46.13
N VAL A 310 29.60 -29.61 -45.43
CA VAL A 310 28.70 -30.76 -45.44
C VAL A 310 28.34 -31.21 -46.86
N ASP A 311 28.03 -30.24 -47.72
CA ASP A 311 27.66 -30.51 -49.11
C ASP A 311 28.78 -31.17 -49.92
N LYS A 312 30.02 -30.78 -49.63
CA LYS A 312 31.19 -31.30 -50.36
C LYS A 312 31.63 -32.67 -49.84
N LEU A 313 30.89 -33.23 -48.90
CA LEU A 313 31.19 -34.56 -48.35
C LEU A 313 30.84 -35.68 -49.31
N THR A 314 31.73 -36.65 -49.44
CA THR A 314 31.48 -37.81 -50.28
C THR A 314 31.89 -39.11 -49.58
N GLY A 315 31.42 -40.24 -50.11
CA GLY A 315 31.62 -41.56 -49.50
C GLY A 315 30.95 -41.66 -48.13
N LEU A 316 29.65 -41.39 -48.11
CA LEU A 316 28.85 -41.52 -46.89
C LEU A 316 27.88 -42.69 -47.06
N SER A 317 27.58 -43.36 -45.93
CA SER A 317 26.66 -44.49 -45.96
C SER A 317 25.26 -43.99 -46.32
N ALA A 318 24.42 -44.90 -46.82
CA ALA A 318 23.02 -44.57 -47.09
C ALA A 318 22.44 -43.78 -45.94
N GLU A 319 22.98 -44.02 -44.75
CA GLU A 319 22.65 -43.30 -43.53
C GLU A 319 23.20 -41.86 -43.58
N GLY A 320 24.50 -41.74 -43.85
CA GLY A 320 25.13 -40.43 -43.99
C GLY A 320 24.49 -39.54 -45.06
N GLN A 321 24.11 -40.15 -46.18
CA GLN A 321 23.50 -39.41 -47.30
C GLN A 321 22.13 -38.80 -46.98
N LYS A 322 21.24 -39.59 -46.36
CA LYS A 322 19.95 -39.08 -45.89
C LYS A 322 20.15 -37.91 -44.93
N ALA A 323 21.11 -38.06 -44.03
CA ALA A 323 21.47 -37.05 -43.05
C ALA A 323 21.97 -35.79 -43.75
N GLN A 324 22.99 -35.95 -44.59
CA GLN A 324 23.61 -34.86 -45.34
C GLN A 324 22.58 -34.04 -46.11
N ASP A 325 21.65 -34.73 -46.76
CA ASP A 325 20.61 -34.09 -47.55
C ASP A 325 19.64 -33.32 -46.66
N TYR A 326 19.20 -33.96 -45.58
CA TYR A 326 18.30 -33.34 -44.62
C TYR A 326 18.87 -32.01 -44.14
N VAL A 327 20.15 -32.01 -43.78
CA VAL A 327 20.80 -30.83 -43.21
C VAL A 327 20.95 -29.69 -44.22
N CYS A 328 21.29 -30.05 -45.46
CA CYS A 328 21.47 -29.07 -46.52
C CYS A 328 20.17 -28.42 -47.01
N ARG A 329 19.04 -29.06 -46.75
CA ARG A 329 17.75 -28.55 -47.23
C ARG A 329 16.84 -28.06 -46.13
N LEU A 330 17.33 -28.05 -44.89
CA LEU A 330 16.53 -27.61 -43.76
C LEU A 330 16.45 -26.07 -43.62
N PRO A 331 17.55 -25.35 -43.91
CA PRO A 331 17.52 -23.89 -43.77
C PRO A 331 16.40 -23.16 -44.55
N PRO A 332 16.30 -23.35 -45.88
CA PRO A 332 15.19 -22.69 -46.59
C PRO A 332 13.79 -23.12 -46.12
N ARG A 333 13.62 -24.40 -45.81
CA ARG A 333 12.37 -24.93 -45.24
C ARG A 333 12.00 -24.20 -43.94
N ILE A 334 12.97 -24.07 -43.03
CA ILE A 334 12.79 -23.30 -41.80
C ILE A 334 12.52 -21.84 -42.13
N ARG A 335 13.22 -21.33 -43.15
CA ARG A 335 13.09 -19.92 -43.59
C ARG A 335 11.63 -19.63 -43.93
N ARG A 336 11.21 -20.03 -45.12
CA ARG A 336 9.83 -19.80 -45.56
C ARG A 336 8.80 -19.97 -44.41
N LEU A 337 8.80 -21.13 -43.76
CA LEU A 337 7.88 -21.47 -42.67
C LEU A 337 7.83 -20.38 -41.59
N GLU A 338 8.89 -20.30 -40.78
CA GLU A 338 8.98 -19.28 -39.71
C GLU A 338 9.45 -17.91 -40.25
N GLU A 339 9.02 -17.63 -41.50
CA GLU A 339 9.21 -16.36 -42.19
C GLU A 339 7.98 -15.49 -41.98
N ARG A 340 6.84 -15.94 -42.54
CA ARG A 340 5.53 -15.26 -42.42
C ARG A 340 5.08 -14.98 -40.98
N ALA A 341 5.58 -13.87 -40.41
CA ALA A 341 5.17 -13.40 -39.10
C ALA A 341 3.90 -12.54 -39.22
N GLN A 342 2.81 -13.17 -39.68
CA GLN A 342 1.51 -12.52 -39.86
C GLN A 342 0.70 -12.47 -38.55
N GLY A 343 0.21 -13.63 -38.12
CA GLY A 343 -0.67 -13.74 -36.95
C GLY A 343 -0.05 -13.59 -35.58
N ARG A 344 1.24 -13.28 -35.51
CA ARG A 344 1.98 -13.20 -34.23
C ARG A 344 2.89 -11.94 -34.09
N ALA A 345 3.20 -11.29 -35.22
CA ALA A 345 4.06 -10.08 -35.22
C ALA A 345 3.24 -8.81 -35.08
N LYS A 346 2.21 -8.67 -35.92
CA LYS A 346 1.34 -7.50 -35.89
C LYS A 346 0.44 -7.46 -34.64
N GLU A 347 -0.40 -8.49 -34.48
CA GLU A 347 -1.39 -8.62 -33.39
C GLU A 347 -0.79 -9.11 -32.08
N ALA A 348 0.50 -8.86 -31.87
CA ALA A 348 1.11 -9.27 -30.63
C ALA A 348 0.53 -8.45 -29.47
N PRO A 349 0.00 -9.11 -28.44
CA PRO A 349 -0.54 -8.38 -27.28
C PRO A 349 0.60 -7.77 -26.45
N THR A 350 0.24 -6.87 -25.55
CA THR A 350 1.14 -6.28 -24.57
C THR A 350 1.18 -7.15 -23.30
N MET A 351 2.35 -7.29 -22.69
CA MET A 351 2.48 -8.15 -21.54
C MET A 351 3.43 -7.60 -20.48
N PRO A 352 3.04 -7.74 -19.19
CA PRO A 352 3.91 -7.34 -18.07
C PRO A 352 5.03 -8.36 -17.79
N PHE A 353 6.22 -7.87 -17.46
CA PHE A 353 7.32 -8.71 -17.07
C PHE A 353 7.77 -8.36 -15.65
N SER A 354 7.89 -9.34 -14.78
CA SER A 354 8.32 -9.00 -13.45
C SER A 354 9.75 -8.40 -13.40
N TRP A 355 10.55 -8.56 -14.44
CA TRP A 355 11.91 -8.07 -14.48
C TRP A 355 11.91 -6.56 -14.57
N ILE A 356 10.81 -6.01 -15.07
CA ILE A 356 10.63 -4.55 -15.06
C ILE A 356 9.41 -4.10 -14.21
N PHE A 357 9.26 -4.69 -13.01
CA PHE A 357 8.24 -4.29 -12.02
C PHE A 357 6.84 -4.36 -12.60
N ASP A 358 6.62 -5.37 -13.44
CA ASP A 358 5.36 -5.59 -14.11
C ASP A 358 4.94 -4.46 -15.05
N ARG A 359 5.86 -3.60 -15.45
CA ARG A 359 5.57 -2.74 -16.60
C ARG A 359 5.42 -3.65 -17.82
N GLN A 360 4.72 -3.18 -18.85
CA GLN A 360 4.34 -4.01 -20.00
C GLN A 360 5.02 -3.61 -21.29
N VAL A 361 5.41 -4.62 -22.08
CA VAL A 361 6.02 -4.39 -23.39
C VAL A 361 5.33 -5.26 -24.42
N LYS A 362 5.49 -4.87 -25.69
CA LYS A 362 4.81 -5.53 -26.82
C LYS A 362 5.51 -6.85 -27.12
N LEU A 363 4.76 -7.95 -27.11
CA LEU A 363 5.30 -9.26 -27.48
C LEU A 363 5.48 -9.41 -28.99
N PRO B 17 -7.95 16.36 -17.95
CA PRO B 17 -7.42 15.17 -18.63
C PRO B 17 -8.35 13.93 -18.47
N PHE B 18 -9.50 14.12 -17.84
CA PHE B 18 -10.46 13.02 -17.68
C PHE B 18 -11.68 13.41 -18.47
N MET B 19 -11.75 12.83 -19.66
CA MET B 19 -12.66 13.26 -20.71
C MET B 19 -13.68 12.11 -20.97
N PRO B 20 -14.95 12.34 -20.64
CA PRO B 20 -16.01 11.39 -21.03
C PRO B 20 -16.20 11.37 -22.55
N PRO B 21 -16.68 10.23 -23.09
CA PRO B 21 -17.01 10.24 -24.52
C PRO B 21 -18.18 11.18 -24.80
N ARG B 22 -18.26 11.64 -26.04
CA ARG B 22 -19.33 12.56 -26.45
C ARG B 22 -20.11 12.02 -27.60
N GLU B 23 -21.29 12.56 -27.80
CA GLU B 23 -22.09 12.26 -29.00
C GLU B 23 -21.34 12.73 -30.27
N VAL B 24 -21.13 11.79 -31.21
CA VAL B 24 -20.27 12.07 -32.39
C VAL B 24 -21.07 12.57 -33.60
N HIS B 25 -22.39 12.66 -33.46
CA HIS B 25 -23.25 13.09 -34.55
C HIS B 25 -23.75 14.50 -34.31
N VAL B 26 -23.99 15.23 -35.38
CA VAL B 26 -24.56 16.58 -35.38
C VAL B 26 -25.93 16.61 -34.72
N GLN B 27 -26.14 17.65 -33.92
CA GLN B 27 -27.37 17.85 -33.15
C GLN B 27 -28.46 18.46 -34.05
N VAL B 28 -29.55 17.75 -34.20
CA VAL B 28 -30.65 18.16 -35.07
C VAL B 28 -31.90 18.39 -34.23
N THR B 29 -32.37 19.65 -34.16
CA THR B 29 -33.53 19.99 -33.33
C THR B 29 -34.77 20.32 -34.14
N HIS B 30 -35.93 20.01 -33.55
CA HIS B 30 -37.25 20.38 -34.09
C HIS B 30 -37.48 20.03 -35.55
N SER B 31 -37.27 18.76 -35.89
CA SER B 31 -37.45 18.26 -37.25
C SER B 31 -38.92 18.03 -37.60
N MET B 32 -39.74 17.58 -36.64
CA MET B 32 -41.18 17.50 -36.89
C MET B 32 -41.82 18.88 -37.34
N PRO B 33 -42.67 18.87 -38.40
CA PRO B 33 -43.36 20.11 -38.76
C PRO B 33 -44.24 20.62 -37.60
N PRO B 34 -44.15 21.93 -37.30
CA PRO B 34 -44.74 22.53 -36.09
C PRO B 34 -46.27 22.42 -36.05
N GLN B 35 -46.90 22.26 -37.22
CA GLN B 35 -48.35 22.07 -37.26
C GLN B 35 -48.78 20.72 -36.68
N LYS B 36 -47.91 19.71 -36.77
CA LYS B 36 -48.28 18.39 -36.28
C LYS B 36 -48.34 18.33 -34.76
N ILE B 37 -47.94 19.41 -34.10
CA ILE B 37 -48.06 19.57 -32.65
C ILE B 37 -49.53 19.47 -32.20
N GLU B 38 -50.43 19.94 -33.06
CA GLU B 38 -51.86 19.89 -32.76
C GLU B 38 -52.41 18.47 -32.72
N ILE B 39 -51.85 17.57 -33.53
CA ILE B 39 -52.25 16.14 -33.49
C ILE B 39 -52.23 15.61 -32.05
N PHE B 40 -51.17 15.97 -31.32
CA PHE B 40 -50.99 15.47 -29.97
C PHE B 40 -51.86 16.17 -28.95
N LYS B 41 -52.06 17.48 -29.11
CA LYS B 41 -53.08 18.20 -28.31
C LYS B 41 -54.45 17.52 -28.44
N SER B 42 -54.82 17.18 -29.67
CA SER B 42 -56.06 16.45 -29.95
C SER B 42 -56.18 15.07 -29.30
N LEU B 43 -55.05 14.36 -29.22
CA LEU B 43 -55.03 12.99 -28.73
C LEU B 43 -54.97 12.93 -27.19
N ASP B 44 -55.11 14.08 -26.56
CA ASP B 44 -54.98 14.16 -25.11
C ASP B 44 -55.93 13.18 -24.43
N ASN B 45 -57.22 13.38 -24.67
CA ASN B 45 -58.23 12.46 -24.17
C ASN B 45 -57.92 11.00 -24.51
N TRP B 46 -57.64 10.73 -25.79
CA TRP B 46 -57.28 9.39 -26.23
C TRP B 46 -56.17 8.81 -25.37
N ALA B 47 -55.10 9.59 -25.14
CA ALA B 47 -53.96 9.17 -24.32
C ALA B 47 -54.41 8.84 -22.91
N GLU B 48 -55.35 9.66 -22.43
CA GLU B 48 -55.92 9.48 -21.09
C GLU B 48 -56.78 8.23 -20.97
N GLU B 49 -56.87 7.44 -22.03
CA GLU B 49 -57.72 6.25 -22.05
C GLU B 49 -57.05 5.00 -22.61
N ASN B 50 -55.97 5.21 -23.35
CA ASN B 50 -55.26 4.12 -23.98
C ASN B 50 -53.83 4.01 -23.49
N ILE B 51 -53.34 5.09 -22.87
CA ILE B 51 -51.97 5.13 -22.37
C ILE B 51 -51.95 5.13 -20.85
N LEU B 52 -52.51 6.17 -20.23
CA LEU B 52 -52.47 6.29 -18.76
C LEU B 52 -52.94 5.03 -18.08
N VAL B 53 -53.75 4.25 -18.77
CA VAL B 53 -54.25 2.97 -18.21
C VAL B 53 -53.12 1.95 -17.98
N HIS B 54 -51.93 2.16 -18.54
CA HIS B 54 -50.79 1.23 -18.38
C HIS B 54 -49.87 1.56 -17.19
N LEU B 55 -50.18 2.66 -16.53
CA LEU B 55 -49.57 3.00 -15.27
C LEU B 55 -50.28 2.23 -14.15
N LYS B 56 -49.46 1.68 -13.25
CA LYS B 56 -49.92 1.01 -12.03
C LYS B 56 -50.07 2.08 -10.93
N PRO B 57 -51.29 2.26 -10.39
CA PRO B 57 -51.50 3.25 -9.35
C PRO B 57 -50.55 3.04 -8.16
N VAL B 58 -50.07 4.15 -7.60
CA VAL B 58 -49.04 4.08 -6.54
C VAL B 58 -49.35 3.04 -5.47
N GLU B 59 -50.55 3.10 -4.90
CA GLU B 59 -50.87 2.25 -3.74
C GLU B 59 -50.72 0.77 -4.07
N LYS B 60 -50.80 0.43 -5.35
CA LYS B 60 -50.71 -0.97 -5.76
C LYS B 60 -49.35 -1.34 -6.31
N CYS B 61 -48.38 -0.44 -6.24
CA CYS B 61 -47.03 -0.70 -6.75
C CYS B 61 -46.10 -1.32 -5.68
N TRP B 62 -45.21 -2.17 -6.16
CA TRP B 62 -44.16 -2.70 -5.34
C TRP B 62 -43.21 -1.51 -5.07
N GLN B 63 -42.45 -1.61 -3.99
CA GLN B 63 -41.44 -0.59 -3.64
C GLN B 63 -40.15 -1.34 -3.37
N PRO B 64 -38.99 -0.67 -3.53
CA PRO B 64 -37.72 -1.34 -3.26
C PRO B 64 -37.67 -2.13 -1.94
N GLN B 65 -38.20 -1.59 -0.86
CA GLN B 65 -38.18 -2.32 0.43
C GLN B 65 -38.78 -3.69 0.40
N ASP B 66 -39.80 -3.88 -0.43
CA ASP B 66 -40.39 -5.18 -0.64
C ASP B 66 -39.36 -6.26 -0.99
N PHE B 67 -38.21 -5.95 -1.59
CA PHE B 67 -37.26 -7.01 -1.99
C PHE B 67 -35.91 -7.01 -1.27
N LEU B 68 -35.80 -6.20 -0.23
CA LEU B 68 -34.56 -5.92 0.43
C LEU B 68 -34.65 -6.33 1.86
N PRO B 69 -33.52 -6.62 2.49
CA PRO B 69 -33.62 -6.94 3.89
C PRO B 69 -34.34 -5.78 4.63
N ASP B 70 -35.17 -6.17 5.61
CA ASP B 70 -35.99 -5.22 6.39
C ASP B 70 -35.18 -4.62 7.58
N PRO B 71 -34.77 -3.34 7.48
CA PRO B 71 -33.90 -2.77 8.52
C PRO B 71 -34.66 -2.44 9.83
N ALA B 72 -35.99 -2.49 9.84
CA ALA B 72 -36.69 -2.44 11.09
C ALA B 72 -37.13 -3.80 11.66
N SER B 73 -36.40 -4.88 11.33
CA SER B 73 -36.77 -6.24 11.73
C SER B 73 -35.64 -6.91 12.47
N ASP B 74 -35.96 -7.72 13.47
CA ASP B 74 -34.90 -8.52 14.07
C ASP B 74 -34.16 -9.44 13.05
N GLY B 75 -34.81 -9.74 11.92
CA GLY B 75 -34.24 -10.54 10.89
C GLY B 75 -33.25 -9.84 10.00
N PHE B 76 -33.05 -8.53 10.19
CA PHE B 76 -32.22 -7.74 9.33
C PHE B 76 -30.83 -8.27 9.10
N ASP B 77 -30.16 -8.67 10.19
CA ASP B 77 -28.83 -9.17 10.14
C ASP B 77 -28.80 -10.38 9.29
N GLU B 78 -29.50 -11.45 9.69
CA GLU B 78 -29.44 -12.71 8.92
C GLU B 78 -29.81 -12.45 7.45
N GLN B 79 -30.71 -11.50 7.22
CA GLN B 79 -31.17 -11.25 5.88
C GLN B 79 -30.04 -10.65 5.05
N VAL B 80 -29.34 -9.66 5.61
CA VAL B 80 -28.17 -9.12 4.94
C VAL B 80 -27.11 -10.20 4.69
N ARG B 81 -26.83 -10.99 5.69
CA ARG B 81 -25.85 -12.06 5.63
C ARG B 81 -26.20 -13.11 4.57
N GLU B 82 -27.46 -13.55 4.48
CA GLU B 82 -27.86 -14.47 3.42
C GLU B 82 -27.68 -13.88 2.04
N LEU B 83 -28.02 -12.60 1.89
CA LEU B 83 -27.88 -11.90 0.66
C LEU B 83 -26.45 -11.93 0.19
N ARG B 84 -25.54 -11.58 1.11
CA ARG B 84 -24.09 -11.62 0.84
C ARG B 84 -23.55 -13.00 0.53
N GLU B 85 -24.03 -14.04 1.20
CA GLU B 85 -23.55 -15.39 0.90
C GLU B 85 -23.97 -15.84 -0.46
N ARG B 86 -25.21 -15.52 -0.83
CA ARG B 86 -25.69 -15.79 -2.17
C ARG B 86 -24.87 -15.10 -3.25
N ALA B 87 -24.44 -13.89 -2.96
CA ALA B 87 -23.75 -13.04 -3.94
C ALA B 87 -22.36 -13.55 -4.27
N LYS B 88 -21.76 -14.29 -3.34
CA LYS B 88 -20.47 -14.88 -3.57
C LYS B 88 -20.55 -15.91 -4.66
N GLU B 89 -21.72 -16.54 -4.80
CA GLU B 89 -21.88 -17.61 -5.79
C GLU B 89 -22.27 -17.04 -7.14
N ILE B 90 -22.45 -15.72 -7.21
CA ILE B 90 -22.75 -15.09 -8.48
C ILE B 90 -21.45 -14.56 -9.03
N PRO B 91 -21.06 -14.97 -10.24
CA PRO B 91 -19.73 -14.67 -10.75
C PRO B 91 -19.56 -13.22 -11.20
N ASP B 92 -18.32 -12.78 -11.32
CA ASP B 92 -18.03 -11.36 -11.58
C ASP B 92 -18.65 -10.88 -12.90
N ASP B 93 -18.63 -11.79 -13.89
CA ASP B 93 -19.19 -11.54 -15.23
C ASP B 93 -20.54 -10.90 -15.08
N TYR B 94 -21.38 -11.60 -14.34
CA TYR B 94 -22.74 -11.24 -14.15
C TYR B 94 -22.93 -9.93 -13.39
N PHE B 95 -22.12 -9.71 -12.37
CA PHE B 95 -22.10 -8.41 -11.66
C PHE B 95 -21.78 -7.24 -12.57
N VAL B 96 -20.85 -7.45 -13.49
CA VAL B 96 -20.52 -6.39 -14.46
C VAL B 96 -21.79 -5.90 -15.16
N VAL B 97 -22.52 -6.86 -15.71
CA VAL B 97 -23.72 -6.62 -16.48
C VAL B 97 -24.74 -5.95 -15.63
N LEU B 98 -25.02 -6.57 -14.49
CA LEU B 98 -25.98 -6.02 -13.54
C LEU B 98 -25.66 -4.57 -13.11
N VAL B 99 -24.38 -4.27 -12.96
CA VAL B 99 -23.97 -2.98 -12.55
C VAL B 99 -24.25 -2.04 -13.69
N GLY B 100 -23.98 -2.47 -14.93
CA GLY B 100 -24.27 -1.63 -16.09
C GLY B 100 -25.75 -1.28 -16.22
N ASP B 101 -26.60 -2.27 -15.99
CA ASP B 101 -28.04 -2.08 -16.01
C ASP B 101 -28.38 -1.11 -14.93
N MET B 102 -27.85 -1.29 -13.71
CA MET B 102 -28.20 -0.38 -12.64
C MET B 102 -27.79 1.08 -12.96
N ILE B 103 -26.59 1.25 -13.51
CA ILE B 103 -26.08 2.55 -13.81
C ILE B 103 -26.97 3.21 -14.87
N THR B 104 -27.38 2.40 -15.84
CA THR B 104 -28.32 2.86 -16.83
C THR B 104 -29.59 3.36 -16.18
N GLU B 105 -30.13 2.58 -15.23
CA GLU B 105 -31.31 3.00 -14.49
C GLU B 105 -31.08 4.29 -13.69
N GLU B 106 -29.94 4.45 -13.05
CA GLU B 106 -29.78 5.63 -12.18
C GLU B 106 -29.68 6.94 -12.93
N ALA B 107 -29.46 6.89 -14.24
CA ALA B 107 -29.34 8.09 -15.05
C ALA B 107 -30.71 8.60 -15.49
N LEU B 108 -31.72 8.19 -14.71
CA LEU B 108 -33.15 8.52 -14.92
C LEU B 108 -33.45 9.98 -15.27
N PRO B 109 -32.87 10.95 -14.52
CA PRO B 109 -33.31 12.30 -14.81
C PRO B 109 -33.12 12.63 -16.29
N THR B 110 -32.01 12.14 -16.87
CA THR B 110 -31.77 12.28 -18.31
C THR B 110 -32.99 11.83 -19.11
N TYR B 111 -33.57 10.69 -18.76
CA TYR B 111 -34.66 10.10 -19.57
C TYR B 111 -35.96 10.85 -19.40
N GLN B 112 -36.18 11.50 -18.25
CA GLN B 112 -37.35 12.36 -18.15
C GLN B 112 -37.14 13.57 -19.06
N THR B 113 -35.90 14.04 -19.13
CA THR B 113 -35.60 15.14 -20.01
C THR B 113 -35.88 14.74 -21.47
N MET B 114 -35.49 13.51 -21.85
CA MET B 114 -35.68 12.97 -23.19
C MET B 114 -37.13 13.10 -23.61
N LEU B 115 -38.04 12.77 -22.72
CA LEU B 115 -39.46 12.90 -23.00
C LEU B 115 -39.89 14.37 -23.02
N ASN B 116 -39.34 15.17 -22.12
CA ASN B 116 -39.64 16.57 -22.11
C ASN B 116 -38.97 17.39 -23.24
N THR B 117 -38.35 16.71 -24.19
CA THR B 117 -37.81 17.44 -25.35
C THR B 117 -38.75 17.37 -26.53
N LEU B 118 -39.69 16.44 -26.47
CA LEU B 118 -40.63 16.17 -27.54
C LEU B 118 -41.68 17.25 -27.71
N ASP B 119 -41.81 17.74 -28.93
CA ASP B 119 -42.55 18.98 -29.25
C ASP B 119 -44.01 19.04 -28.79
N GLY B 120 -44.81 18.02 -29.09
CA GLY B 120 -46.21 18.11 -28.72
C GLY B 120 -46.61 17.46 -27.38
N VAL B 121 -45.62 17.08 -26.60
CA VAL B 121 -45.89 16.26 -25.44
C VAL B 121 -45.19 16.76 -24.19
N ARG B 122 -44.15 17.59 -24.31
CA ARG B 122 -43.39 18.06 -23.16
C ARG B 122 -44.28 18.64 -22.04
N ASP B 123 -43.82 18.47 -20.80
CA ASP B 123 -44.44 19.10 -19.65
C ASP B 123 -43.92 20.52 -19.58
N GLU B 124 -44.76 21.51 -19.91
CA GLU B 124 -44.34 22.91 -19.97
C GLU B 124 -44.01 23.59 -18.65
N THR B 125 -44.40 23.03 -17.52
CA THR B 125 -44.25 23.69 -16.20
C THR B 125 -43.52 22.85 -15.18
N GLY B 126 -43.69 21.54 -15.31
CA GLY B 126 -43.16 20.58 -14.33
C GLY B 126 -44.31 19.91 -13.59
N ALA B 127 -45.54 20.36 -13.84
CA ALA B 127 -46.75 19.77 -13.23
C ALA B 127 -47.97 19.98 -14.13
N SER B 128 -47.77 19.90 -15.45
CA SER B 128 -48.84 20.15 -16.41
C SER B 128 -49.95 19.10 -16.30
N PRO B 129 -51.22 19.55 -16.21
CA PRO B 129 -52.38 18.64 -16.18
C PRO B 129 -52.64 17.84 -17.45
N THR B 130 -51.84 18.02 -18.50
CA THR B 130 -52.06 17.27 -19.74
C THR B 130 -51.81 15.80 -19.48
N SER B 131 -52.47 14.94 -20.25
CA SER B 131 -52.25 13.50 -20.23
C SER B 131 -50.77 13.10 -20.46
N TRP B 132 -50.12 13.84 -21.34
CA TRP B 132 -48.76 13.56 -21.75
C TRP B 132 -47.86 13.80 -20.59
N ALA B 133 -48.00 14.96 -19.96
CA ALA B 133 -47.16 15.35 -18.84
C ALA B 133 -47.43 14.43 -17.66
N ILE B 134 -48.69 14.02 -17.48
CA ILE B 134 -49.05 13.10 -16.41
C ILE B 134 -48.31 11.77 -16.57
N TRP B 135 -48.32 11.22 -17.78
CA TRP B 135 -47.58 9.99 -18.10
C TRP B 135 -46.07 10.11 -17.80
N THR B 136 -45.48 11.21 -18.24
CA THR B 136 -44.07 11.40 -18.11
C THR B 136 -43.69 11.33 -16.63
N ARG B 137 -44.51 11.97 -15.81
CA ARG B 137 -44.14 12.10 -14.44
C ARG B 137 -44.30 10.80 -13.70
N ALA B 138 -45.30 10.02 -14.07
CA ALA B 138 -45.63 8.78 -13.41
C ALA B 138 -44.71 7.71 -13.89
N TRP B 139 -44.35 7.79 -15.17
CA TRP B 139 -43.42 6.84 -15.75
C TRP B 139 -42.09 7.01 -15.04
N THR B 140 -41.70 8.27 -14.85
CA THR B 140 -40.47 8.61 -14.16
C THR B 140 -40.48 8.05 -12.75
N ALA B 141 -41.61 8.20 -12.05
CA ALA B 141 -41.78 7.76 -10.69
C ALA B 141 -41.68 6.26 -10.62
N GLU B 142 -42.13 5.57 -11.64
CA GLU B 142 -41.99 4.13 -11.68
C GLU B 142 -40.56 3.72 -11.86
N GLU B 143 -39.85 4.40 -12.74
CA GLU B 143 -38.49 4.03 -13.09
C GLU B 143 -37.57 4.28 -11.93
N ASN B 144 -37.88 5.31 -11.15
CA ASN B 144 -37.05 5.63 -10.02
C ASN B 144 -36.79 4.42 -9.10
N ARG B 145 -37.75 3.52 -8.99
CA ARG B 145 -37.64 2.46 -8.01
C ARG B 145 -36.70 1.41 -8.50
N HIS B 146 -36.44 1.40 -9.81
CA HIS B 146 -35.57 0.39 -10.42
C HIS B 146 -34.16 0.60 -9.98
N GLY B 147 -33.73 1.85 -10.08
CA GLY B 147 -32.41 2.26 -9.63
C GLY B 147 -32.19 2.04 -8.15
N ASP B 148 -33.12 2.57 -7.32
CA ASP B 148 -33.05 2.41 -5.89
C ASP B 148 -32.87 0.93 -5.51
N LEU B 149 -33.61 0.03 -6.17
CA LEU B 149 -33.60 -1.32 -5.77
C LEU B 149 -32.28 -1.97 -6.11
N LEU B 150 -31.82 -1.80 -7.34
CA LEU B 150 -30.59 -2.47 -7.79
C LEU B 150 -29.40 -1.84 -7.07
N ASN B 151 -29.50 -0.53 -6.76
CA ASN B 151 -28.48 0.15 -6.00
C ASN B 151 -28.29 -0.50 -4.65
N LYS B 152 -29.36 -0.60 -3.85
CA LYS B 152 -29.20 -1.17 -2.54
C LYS B 152 -28.75 -2.63 -2.58
N TYR B 153 -29.29 -3.41 -3.50
CA TYR B 153 -28.85 -4.73 -3.67
C TYR B 153 -27.29 -4.83 -3.93
N LEU B 154 -26.78 -3.95 -4.80
CA LEU B 154 -25.39 -4.01 -5.16
C LEU B 154 -24.57 -3.54 -3.95
N TYR B 155 -25.08 -2.52 -3.27
CA TYR B 155 -24.46 -2.02 -2.05
C TYR B 155 -24.32 -3.10 -1.00
N LEU B 156 -25.38 -3.76 -0.63
CA LEU B 156 -25.31 -4.80 0.38
C LEU B 156 -24.46 -6.00 -0.04
N SER B 157 -24.32 -6.26 -1.36
CA SER B 157 -23.66 -7.50 -1.80
C SER B 157 -22.19 -7.57 -1.41
N GLY B 158 -21.51 -6.44 -1.49
CA GLY B 158 -20.10 -6.39 -1.22
C GLY B 158 -19.26 -6.89 -2.35
N ARG B 159 -19.88 -7.16 -3.47
CA ARG B 159 -19.16 -7.80 -4.57
C ARG B 159 -18.67 -6.74 -5.54
N VAL B 160 -19.12 -5.51 -5.35
CA VAL B 160 -18.83 -4.47 -6.29
C VAL B 160 -18.30 -3.23 -5.61
N ASP B 161 -17.61 -2.39 -6.39
CA ASP B 161 -17.00 -1.18 -5.88
C ASP B 161 -17.97 -0.02 -6.04
N MET B 162 -18.73 0.27 -4.99
CA MET B 162 -19.72 1.37 -5.04
C MET B 162 -19.21 2.75 -5.44
N ARG B 163 -17.95 3.05 -5.09
CA ARG B 163 -17.46 4.37 -5.30
C ARG B 163 -17.20 4.58 -6.77
N GLN B 164 -16.67 3.57 -7.44
CA GLN B 164 -16.41 3.65 -8.86
C GLN B 164 -17.73 3.62 -9.66
N ILE B 165 -18.75 2.93 -9.10
CA ILE B 165 -20.09 2.94 -9.68
C ILE B 165 -20.74 4.34 -9.54
N GLU B 166 -20.60 4.91 -8.36
CA GLU B 166 -21.18 6.18 -8.09
C GLU B 166 -20.56 7.22 -8.98
N LYS B 167 -19.29 7.04 -9.28
CA LYS B 167 -18.55 7.97 -10.10
C LYS B 167 -18.95 7.86 -11.58
N THR B 168 -19.12 6.64 -12.04
CA THR B 168 -19.64 6.38 -13.35
C THR B 168 -21.00 7.01 -13.50
N ILE B 169 -21.87 6.86 -12.51
CA ILE B 169 -23.18 7.49 -12.55
C ILE B 169 -23.09 8.99 -12.68
N GLN B 170 -22.25 9.64 -11.89
CA GLN B 170 -22.12 11.08 -12.03
C GLN B 170 -21.59 11.54 -13.41
N TYR B 171 -20.72 10.74 -14.03
CA TYR B 171 -20.22 11.09 -15.35
C TYR B 171 -21.39 10.99 -16.29
N LEU B 172 -22.16 9.88 -16.17
CA LEU B 172 -23.31 9.63 -17.01
C LEU B 172 -24.39 10.71 -17.06
N ILE B 173 -24.81 11.21 -15.92
CA ILE B 173 -25.78 12.33 -15.84
C ILE B 173 -25.20 13.65 -16.44
N GLY B 174 -23.93 13.93 -16.17
CA GLY B 174 -23.29 15.10 -16.70
C GLY B 174 -23.21 15.04 -18.22
N SER B 175 -23.02 13.84 -18.74
CA SER B 175 -22.93 13.59 -20.16
C SER B 175 -24.31 13.64 -20.78
N GLY B 176 -25.31 13.11 -20.09
CA GLY B 176 -26.61 12.95 -20.69
C GLY B 176 -26.53 12.07 -21.92
N MET B 177 -27.44 12.27 -22.85
CA MET B 177 -27.52 11.46 -24.04
C MET B 177 -28.37 12.17 -25.05
N ASP B 178 -28.05 11.97 -26.33
CA ASP B 178 -28.87 12.41 -27.43
C ASP B 178 -29.30 11.22 -28.27
N PRO B 179 -30.54 10.74 -28.08
CA PRO B 179 -31.12 9.62 -28.83
C PRO B 179 -31.49 9.99 -30.25
N ARG B 180 -31.28 11.25 -30.61
CA ARG B 180 -31.42 11.78 -31.97
C ARG B 180 -32.88 11.75 -32.43
N THR B 181 -33.76 12.07 -31.46
CA THR B 181 -35.21 12.12 -31.64
C THR B 181 -35.68 13.49 -32.15
N GLU B 182 -34.76 14.45 -32.17
CA GLU B 182 -34.96 15.72 -32.87
C GLU B 182 -36.23 16.46 -32.43
N ASN B 183 -36.64 16.20 -31.18
CA ASN B 183 -37.85 16.77 -30.57
C ASN B 183 -39.16 16.27 -31.18
N SER B 184 -39.06 15.28 -32.05
CA SER B 184 -40.23 14.71 -32.67
C SER B 184 -40.84 13.58 -31.81
N PRO B 185 -42.10 13.78 -31.35
CA PRO B 185 -42.86 12.74 -30.69
C PRO B 185 -42.92 11.43 -31.51
N TYR B 186 -42.82 11.52 -32.82
CA TYR B 186 -42.78 10.32 -33.65
C TYR B 186 -41.51 9.55 -33.35
N LEU B 187 -40.38 10.24 -33.47
CA LEU B 187 -39.11 9.58 -33.29
C LEU B 187 -39.00 9.15 -31.86
N GLY B 188 -39.32 10.04 -30.94
CA GLY B 188 -39.33 9.76 -29.51
C GLY B 188 -40.02 8.45 -29.13
N PHE B 189 -41.29 8.30 -29.51
CA PHE B 189 -42.04 7.12 -29.08
C PHE B 189 -41.61 5.84 -29.79
N ILE B 190 -41.07 5.99 -31.01
CA ILE B 190 -40.46 4.86 -31.70
C ILE B 190 -39.27 4.45 -30.83
N TYR B 191 -38.45 5.44 -30.50
CA TYR B 191 -37.25 5.21 -29.70
C TYR B 191 -37.60 4.48 -28.44
N THR B 192 -38.45 5.09 -27.64
CA THR B 192 -38.79 4.51 -26.35
C THR B 192 -39.50 3.13 -26.44
N SER B 193 -40.22 2.87 -27.53
CA SER B 193 -40.79 1.58 -27.75
C SER B 193 -39.69 0.55 -27.85
N PHE B 194 -38.66 0.88 -28.63
CA PHE B 194 -37.53 -0.02 -28.83
C PHE B 194 -36.78 -0.28 -27.52
N GLN B 195 -36.49 0.79 -26.77
CA GLN B 195 -35.70 0.69 -25.54
C GLN B 195 -36.42 -0.08 -24.45
N GLU B 196 -37.71 0.21 -24.27
CA GLU B 196 -38.50 -0.51 -23.27
C GLU B 196 -38.46 -2.04 -23.45
N ARG B 197 -38.51 -2.47 -24.70
CA ARG B 197 -38.41 -3.88 -25.01
C ARG B 197 -36.99 -4.35 -24.74
N ALA B 198 -35.99 -3.55 -25.09
CA ALA B 198 -34.63 -3.96 -24.81
C ALA B 198 -34.47 -4.19 -23.31
N ASP B 199 -34.89 -3.18 -22.55
CA ASP B 199 -34.91 -3.27 -21.10
C ASP B 199 -35.65 -4.54 -20.64
N PHE B 200 -36.78 -4.85 -21.26
CA PHE B 200 -37.51 -6.01 -20.86
C PHE B 200 -36.68 -7.29 -21.06
N ILE B 201 -35.89 -7.32 -22.11
CA ILE B 201 -35.13 -8.51 -22.43
C ILE B 201 -33.92 -8.66 -21.51
N SER B 202 -33.20 -7.56 -21.28
CA SER B 202 -32.03 -7.60 -20.43
C SER B 202 -32.43 -8.01 -19.03
N HIS B 203 -33.36 -7.26 -18.46
CA HIS B 203 -33.81 -7.54 -17.12
C HIS B 203 -34.39 -8.97 -17.09
N GLY B 204 -35.32 -9.27 -17.99
CA GLY B 204 -35.81 -10.63 -18.07
C GLY B 204 -34.70 -11.69 -18.04
N ASN B 205 -33.64 -11.45 -18.81
CA ASN B 205 -32.54 -12.40 -18.94
C ASN B 205 -31.69 -12.50 -17.68
N THR B 206 -31.35 -11.34 -17.11
CA THR B 206 -30.65 -11.35 -15.86
C THR B 206 -31.51 -12.09 -14.82
N ALA B 207 -32.84 -12.01 -14.97
CA ALA B 207 -33.75 -12.67 -14.04
C ALA B 207 -33.60 -14.19 -14.08
N ARG B 208 -33.79 -14.76 -15.27
CA ARG B 208 -33.76 -16.21 -15.47
C ARG B 208 -32.38 -16.75 -15.18
N GLN B 209 -31.37 -16.00 -15.58
CA GLN B 209 -30.01 -16.40 -15.29
C GLN B 209 -29.77 -16.34 -13.78
N ALA B 210 -30.28 -15.26 -13.14
CA ALA B 210 -30.22 -15.11 -11.65
C ALA B 210 -30.72 -16.39 -10.96
N LYS B 211 -31.70 -17.04 -11.55
CA LYS B 211 -32.16 -18.21 -10.92
C LYS B 211 -31.03 -19.26 -10.98
N GLU B 212 -30.38 -19.40 -12.15
CA GLU B 212 -29.40 -20.50 -12.37
C GLU B 212 -28.39 -20.34 -11.23
N HIS B 213 -27.54 -19.34 -11.34
CA HIS B 213 -26.46 -19.11 -10.36
C HIS B 213 -26.81 -19.42 -8.90
N GLY B 214 -28.11 -19.77 -8.64
CA GLY B 214 -28.70 -20.01 -7.28
C GLY B 214 -29.35 -18.88 -6.42
N ASP B 215 -29.73 -17.71 -7.00
CA ASP B 215 -30.44 -16.69 -6.19
C ASP B 215 -31.90 -16.37 -6.64
N ILE B 216 -32.88 -17.11 -6.11
CA ILE B 216 -34.29 -16.73 -6.34
C ILE B 216 -34.59 -15.25 -6.08
N LYS B 217 -34.18 -14.69 -4.94
CA LYS B 217 -34.63 -13.36 -4.60
C LYS B 217 -34.14 -12.35 -5.65
N LEU B 218 -32.94 -12.59 -6.18
CA LEU B 218 -32.35 -11.67 -7.15
C LEU B 218 -33.12 -11.77 -8.44
N ALA B 219 -33.70 -12.94 -8.67
CA ALA B 219 -34.54 -13.23 -9.80
C ALA B 219 -35.84 -12.46 -9.69
N GLN B 220 -36.52 -12.54 -8.54
CA GLN B 220 -37.71 -11.73 -8.26
C GLN B 220 -37.46 -10.22 -8.48
N ILE B 221 -36.33 -9.72 -7.99
CA ILE B 221 -35.90 -8.34 -8.21
C ILE B 221 -35.85 -7.97 -9.71
N CYS B 222 -35.07 -8.74 -10.47
CA CYS B 222 -34.92 -8.46 -11.88
C CYS B 222 -36.25 -8.65 -12.60
N GLY B 223 -36.97 -9.74 -12.29
CA GLY B 223 -38.24 -10.08 -12.90
C GLY B 223 -39.31 -9.02 -12.69
N THR B 224 -39.37 -8.46 -11.48
CA THR B 224 -40.34 -7.41 -11.16
C THR B 224 -40.01 -6.13 -11.90
N ILE B 225 -38.71 -5.80 -12.02
CA ILE B 225 -38.29 -4.71 -12.93
C ILE B 225 -38.69 -4.95 -14.40
N ALA B 226 -38.53 -6.19 -14.86
CA ALA B 226 -38.90 -6.58 -16.21
C ALA B 226 -40.39 -6.34 -16.46
N ALA B 227 -41.22 -6.64 -15.46
CA ALA B 227 -42.65 -6.50 -15.66
C ALA B 227 -42.98 -5.03 -15.87
N ASP B 228 -42.43 -4.13 -15.05
CA ASP B 228 -42.62 -2.68 -15.26
C ASP B 228 -42.27 -2.27 -16.68
N GLU B 229 -41.20 -2.88 -17.22
CA GLU B 229 -40.77 -2.56 -18.57
C GLU B 229 -41.80 -2.96 -19.62
N LYS B 230 -42.46 -4.13 -19.46
CA LYS B 230 -43.45 -4.62 -20.42
C LYS B 230 -44.61 -3.67 -20.52
N ARG B 231 -45.09 -3.25 -19.37
CA ARG B 231 -46.16 -2.27 -19.32
C ARG B 231 -45.75 -0.98 -20.05
N HIS B 232 -44.54 -0.54 -19.84
CA HIS B 232 -44.10 0.67 -20.51
C HIS B 232 -44.07 0.45 -22.01
N GLU B 233 -43.53 -0.71 -22.43
CA GLU B 233 -43.45 -1.05 -23.83
C GLU B 233 -44.84 -1.05 -24.46
N THR B 234 -45.78 -1.71 -23.77
CA THR B 234 -47.16 -1.76 -24.20
C THR B 234 -47.73 -0.35 -24.42
N ALA B 235 -47.51 0.56 -23.46
CA ALA B 235 -47.96 1.95 -23.58
C ALA B 235 -47.38 2.68 -24.79
N TYR B 236 -46.06 2.62 -24.96
CA TYR B 236 -45.39 3.34 -26.08
C TYR B 236 -45.72 2.76 -27.45
N THR B 237 -45.92 1.44 -27.53
CA THR B 237 -46.35 0.81 -28.75
C THR B 237 -47.78 1.19 -29.13
N LYS B 238 -48.67 1.41 -28.16
CA LYS B 238 -50.03 1.85 -28.54
C LYS B 238 -50.03 3.24 -29.19
N ILE B 239 -49.03 4.05 -28.86
CA ILE B 239 -48.95 5.40 -29.36
C ILE B 239 -48.49 5.38 -30.80
N VAL B 240 -47.43 4.61 -31.07
CA VAL B 240 -46.94 4.47 -32.44
C VAL B 240 -48.01 3.82 -33.33
N GLU B 241 -48.64 2.77 -32.83
CA GLU B 241 -49.75 2.14 -33.54
C GLU B 241 -50.78 3.18 -33.96
N LYS B 242 -51.14 4.03 -33.00
CA LYS B 242 -52.07 5.14 -33.21
C LYS B 242 -51.55 6.16 -34.23
N LEU B 243 -50.25 6.45 -34.17
CA LEU B 243 -49.67 7.35 -35.15
C LEU B 243 -49.62 6.75 -36.55
N PHE B 244 -49.41 5.43 -36.66
CA PHE B 244 -49.44 4.76 -37.96
C PHE B 244 -50.86 4.84 -38.52
N GLU B 245 -51.85 4.74 -37.64
CA GLU B 245 -53.25 4.82 -38.03
C GLU B 245 -53.65 6.21 -38.52
N ILE B 246 -53.25 7.24 -37.78
CA ILE B 246 -53.52 8.63 -38.15
C ILE B 246 -52.63 9.16 -39.31
N ASP B 247 -51.33 8.87 -39.24
CA ASP B 247 -50.36 9.37 -40.22
C ASP B 247 -49.36 8.29 -40.65
N PRO B 248 -49.84 7.27 -41.39
CA PRO B 248 -48.94 6.17 -41.77
C PRO B 248 -47.69 6.64 -42.52
N ASP B 249 -47.77 7.76 -43.23
CA ASP B 249 -46.60 8.26 -43.95
C ASP B 249 -45.51 8.84 -43.07
N GLY B 250 -45.88 9.78 -42.19
CA GLY B 250 -44.93 10.41 -41.26
C GLY B 250 -44.33 9.39 -40.29
N THR B 251 -45.15 8.47 -39.84
CA THR B 251 -44.73 7.43 -38.93
C THR B 251 -43.80 6.43 -39.62
N VAL B 252 -44.21 5.88 -40.76
CA VAL B 252 -43.31 4.99 -41.50
C VAL B 252 -41.93 5.64 -41.71
N LEU B 253 -41.94 6.93 -42.07
CA LEU B 253 -40.72 7.67 -42.34
C LEU B 253 -39.91 7.88 -41.07
N ALA B 254 -40.61 8.18 -39.98
CA ALA B 254 -39.96 8.27 -38.66
C ALA B 254 -39.31 6.95 -38.26
N PHE B 255 -40.00 5.84 -38.50
CA PHE B 255 -39.50 4.50 -38.17
C PHE B 255 -38.17 4.17 -38.88
N ALA B 256 -38.12 4.46 -40.18
CA ALA B 256 -36.91 4.21 -40.98
C ALA B 256 -35.75 5.14 -40.59
N ASP B 257 -36.09 6.37 -40.24
CA ASP B 257 -35.10 7.33 -39.88
C ASP B 257 -34.33 6.85 -38.66
N MET B 258 -35.07 6.35 -37.65
CA MET B 258 -34.45 5.87 -36.40
C MET B 258 -33.54 4.70 -36.65
N MET B 259 -33.92 3.83 -37.58
CA MET B 259 -33.16 2.65 -37.84
C MET B 259 -31.88 2.86 -38.58
N ARG B 260 -31.86 3.72 -39.59
CA ARG B 260 -30.59 4.07 -40.31
C ARG B 260 -29.60 4.69 -39.33
N LYS B 261 -30.10 5.65 -38.53
CA LYS B 261 -29.33 6.27 -37.47
C LYS B 261 -28.83 5.22 -36.47
N LYS B 262 -29.58 4.13 -36.34
CA LYS B 262 -29.38 3.10 -35.32
C LYS B 262 -29.89 3.60 -34.00
N ILE B 263 -30.51 2.71 -33.25
CA ILE B 263 -30.96 3.04 -31.91
C ILE B 263 -29.74 2.94 -31.02
N SER B 264 -29.23 4.08 -30.54
CA SER B 264 -28.17 4.04 -29.50
C SER B 264 -28.73 3.87 -28.11
N MET B 265 -28.05 3.10 -27.28
CA MET B 265 -28.54 2.80 -25.92
C MET B 265 -28.36 4.00 -25.01
N PRO B 266 -29.30 4.22 -24.07
CA PRO B 266 -29.31 5.43 -23.26
C PRO B 266 -27.99 5.69 -22.56
N ALA B 267 -27.25 4.63 -22.22
CA ALA B 267 -26.04 4.81 -21.42
C ALA B 267 -24.78 4.66 -22.23
N HIS B 268 -24.79 5.09 -23.49
CA HIS B 268 -23.66 4.75 -24.37
C HIS B 268 -22.44 5.60 -24.07
N LEU B 269 -22.67 6.70 -23.34
CA LEU B 269 -21.59 7.60 -22.97
C LEU B 269 -20.90 7.23 -21.66
N MET B 270 -21.21 6.04 -21.15
CA MET B 270 -20.68 5.48 -19.91
C MET B 270 -19.16 5.73 -19.77
N TYR B 271 -18.72 6.23 -18.64
CA TYR B 271 -17.31 6.52 -18.37
C TYR B 271 -17.01 6.44 -16.88
N ASP B 272 -15.92 5.79 -16.49
CA ASP B 272 -15.61 5.62 -15.06
C ASP B 272 -14.29 6.34 -14.73
N GLY B 273 -13.76 7.09 -15.67
CA GLY B 273 -12.51 7.80 -15.46
C GLY B 273 -11.26 7.01 -15.84
N ARG B 274 -11.46 5.76 -16.26
CA ARG B 274 -10.36 4.83 -16.49
C ARG B 274 -10.49 4.19 -17.85
N ASP B 275 -11.66 3.66 -18.18
CA ASP B 275 -11.89 3.03 -19.46
C ASP B 275 -12.53 4.01 -20.46
N ASP B 276 -11.96 4.16 -21.67
CA ASP B 276 -12.51 5.05 -22.67
C ASP B 276 -13.49 4.32 -23.57
N ASN B 277 -13.58 3.01 -23.42
CA ASN B 277 -14.58 2.22 -24.12
C ASN B 277 -15.50 1.45 -23.21
N LEU B 278 -15.97 2.11 -22.16
CA LEU B 278 -16.68 1.41 -21.09
C LEU B 278 -17.94 0.76 -21.58
N PHE B 279 -18.71 1.50 -22.39
CA PHE B 279 -19.97 0.98 -22.90
C PHE B 279 -19.74 -0.21 -23.82
N ASP B 280 -18.81 -0.10 -24.76
CA ASP B 280 -18.51 -1.23 -25.64
C ASP B 280 -18.13 -2.44 -24.81
N HIS B 281 -17.33 -2.23 -23.76
CA HIS B 281 -16.87 -3.35 -22.93
C HIS B 281 -18.00 -3.97 -22.11
N PHE B 282 -18.79 -3.15 -21.44
CA PHE B 282 -19.99 -3.60 -20.71
C PHE B 282 -20.87 -4.44 -21.62
N SER B 283 -21.12 -3.92 -22.83
CA SER B 283 -21.98 -4.52 -23.84
C SER B 283 -21.45 -5.87 -24.30
N ALA B 284 -20.15 -5.92 -24.51
CA ALA B 284 -19.49 -7.16 -24.88
C ALA B 284 -19.85 -8.24 -23.89
N VAL B 285 -19.64 -7.99 -22.60
CA VAL B 285 -19.95 -8.99 -21.55
C VAL B 285 -21.45 -9.36 -21.61
N ALA B 286 -22.31 -8.36 -21.82
CA ALA B 286 -23.73 -8.58 -21.88
C ALA B 286 -24.03 -9.50 -23.02
N GLN B 287 -23.41 -9.20 -24.17
CA GLN B 287 -23.52 -10.01 -25.36
C GLN B 287 -23.09 -11.45 -25.04
N ARG B 288 -21.84 -11.62 -24.63
CA ARG B 288 -21.28 -12.95 -24.31
C ARG B 288 -22.13 -13.76 -23.35
N LEU B 289 -22.68 -13.07 -22.36
CA LEU B 289 -23.50 -13.74 -21.35
C LEU B 289 -24.89 -14.07 -21.84
N GLY B 290 -25.25 -13.57 -23.02
CA GLY B 290 -26.60 -13.75 -23.51
C GLY B 290 -27.65 -12.97 -22.73
N VAL B 291 -27.28 -11.83 -22.16
CA VAL B 291 -28.24 -10.93 -21.50
C VAL B 291 -28.89 -10.01 -22.52
N TYR B 292 -28.09 -9.42 -23.40
CA TYR B 292 -28.61 -8.64 -24.49
C TYR B 292 -27.63 -8.74 -25.62
N THR B 293 -28.08 -9.28 -26.75
CA THR B 293 -27.20 -9.60 -27.87
C THR B 293 -27.58 -8.82 -29.13
N ALA B 294 -26.63 -8.77 -30.08
CA ALA B 294 -26.88 -8.20 -31.40
C ALA B 294 -28.14 -8.82 -32.03
N LYS B 295 -28.40 -10.09 -31.75
CA LYS B 295 -29.62 -10.74 -32.18
C LYS B 295 -30.88 -10.22 -31.50
N ASP B 296 -30.77 -9.83 -30.23
CA ASP B 296 -31.96 -9.33 -29.52
C ASP B 296 -32.41 -8.06 -30.20
N TYR B 297 -31.45 -7.22 -30.54
CA TYR B 297 -31.71 -5.98 -31.26
C TYR B 297 -32.55 -6.20 -32.52
N ALA B 298 -32.25 -7.29 -33.25
CA ALA B 298 -32.95 -7.62 -34.47
C ALA B 298 -34.36 -8.10 -34.15
N ASP B 299 -34.49 -8.97 -33.16
CA ASP B 299 -35.80 -9.51 -32.77
C ASP B 299 -36.76 -8.40 -32.38
N ILE B 300 -36.25 -7.37 -31.70
CA ILE B 300 -37.08 -6.23 -31.30
C ILE B 300 -37.61 -5.51 -32.54
N LEU B 301 -36.69 -5.26 -33.45
CA LEU B 301 -37.02 -4.60 -34.67
C LEU B 301 -38.11 -5.37 -35.41
N GLU B 302 -37.86 -6.66 -35.63
CA GLU B 302 -38.80 -7.53 -36.30
C GLU B 302 -40.15 -7.55 -35.59
N PHE B 303 -40.12 -7.65 -34.26
CA PHE B 303 -41.35 -7.65 -33.47
C PHE B 303 -42.15 -6.39 -33.74
N LEU B 304 -41.49 -5.25 -33.66
CA LEU B 304 -42.16 -3.97 -33.86
C LEU B 304 -42.70 -3.77 -35.28
N VAL B 305 -41.97 -4.30 -36.26
CA VAL B 305 -42.43 -4.31 -37.66
C VAL B 305 -43.76 -5.06 -37.77
N GLY B 306 -43.85 -6.19 -37.07
CA GLY B 306 -45.08 -7.00 -37.09
C GLY B 306 -46.14 -6.42 -36.18
N ARG B 307 -45.74 -5.93 -35.01
CA ARG B 307 -46.67 -5.36 -34.03
C ARG B 307 -47.38 -4.11 -34.57
N TRP B 308 -46.71 -3.35 -35.44
CA TRP B 308 -47.29 -2.10 -35.95
C TRP B 308 -47.87 -2.28 -37.32
N LYS B 309 -47.76 -3.51 -37.82
CA LYS B 309 -48.32 -3.91 -39.12
C LYS B 309 -47.77 -3.05 -40.26
N VAL B 310 -46.47 -2.76 -40.19
CA VAL B 310 -45.80 -1.99 -41.24
C VAL B 310 -46.01 -2.59 -42.63
N ASP B 311 -45.83 -3.91 -42.73
CA ASP B 311 -45.99 -4.64 -43.99
C ASP B 311 -47.38 -4.53 -44.62
N LYS B 312 -48.42 -4.50 -43.77
CA LYS B 312 -49.80 -4.41 -44.21
C LYS B 312 -50.22 -2.96 -44.52
N LEU B 313 -49.28 -2.02 -44.50
CA LEU B 313 -49.59 -0.64 -44.81
C LEU B 313 -49.74 -0.42 -46.31
N THR B 314 -50.74 0.36 -46.69
CA THR B 314 -50.97 0.65 -48.12
C THR B 314 -51.31 2.14 -48.32
N GLY B 315 -51.17 2.60 -49.58
CA GLY B 315 -51.31 4.03 -49.93
C GLY B 315 -50.23 4.92 -49.32
N LEU B 316 -48.98 4.54 -49.54
CA LEU B 316 -47.85 5.33 -49.04
C LEU B 316 -47.18 6.01 -50.22
N SER B 317 -46.59 7.19 -49.96
CA SER B 317 -45.87 7.94 -50.98
C SER B 317 -44.64 7.13 -51.40
N ALA B 318 -44.10 7.45 -52.58
CA ALA B 318 -42.84 6.84 -53.06
C ALA B 318 -41.82 6.90 -51.93
N GLU B 319 -41.96 7.91 -51.08
CA GLU B 319 -41.17 8.08 -49.90
C GLU B 319 -41.51 7.01 -48.85
N GLY B 320 -42.81 6.89 -48.54
CA GLY B 320 -43.31 5.89 -47.59
C GLY B 320 -42.93 4.48 -47.96
N GLN B 321 -43.01 4.17 -49.25
CA GLN B 321 -42.72 2.82 -49.75
C GLN B 321 -41.25 2.39 -49.62
N LYS B 322 -40.31 3.29 -49.95
CA LYS B 322 -38.86 3.03 -49.76
C LYS B 322 -38.58 2.76 -48.29
N ALA B 323 -39.22 3.58 -47.45
CA ALA B 323 -39.11 3.47 -46.02
C ALA B 323 -39.63 2.12 -45.54
N GLN B 324 -40.87 1.82 -45.93
CA GLN B 324 -41.57 0.61 -45.54
C GLN B 324 -40.75 -0.65 -45.85
N ASP B 325 -40.18 -0.64 -47.05
CA ASP B 325 -39.37 -1.75 -47.54
C ASP B 325 -38.06 -1.87 -46.76
N TYR B 326 -37.41 -0.74 -46.53
CA TYR B 326 -36.16 -0.71 -45.81
C TYR B 326 -36.36 -1.37 -44.45
N VAL B 327 -37.44 -0.98 -43.77
CA VAL B 327 -37.72 -1.44 -42.41
C VAL B 327 -38.05 -2.94 -42.36
N CYS B 328 -38.82 -3.40 -43.33
CA CYS B 328 -39.18 -4.81 -43.40
C CYS B 328 -38.04 -5.76 -43.76
N ARG B 329 -36.97 -5.25 -44.35
CA ARG B 329 -35.86 -6.10 -44.78
C ARG B 329 -34.56 -5.91 -44.01
N LEU B 330 -34.60 -5.08 -42.97
CA LEU B 330 -33.42 -4.78 -42.20
C LEU B 330 -33.12 -5.86 -41.15
N PRO B 331 -34.15 -6.44 -40.50
CA PRO B 331 -33.84 -7.45 -39.47
C PRO B 331 -32.98 -8.65 -39.96
N PRO B 332 -33.37 -9.35 -41.04
CA PRO B 332 -32.50 -10.46 -41.48
C PRO B 332 -31.10 -10.02 -41.90
N ARG B 333 -31.02 -8.85 -42.56
CA ARG B 333 -29.73 -8.23 -42.90
C ARG B 333 -28.86 -8.02 -41.66
N ILE B 334 -29.46 -7.47 -40.61
CA ILE B 334 -28.76 -7.26 -39.36
C ILE B 334 -28.42 -8.62 -38.76
N ARG B 335 -29.34 -9.56 -38.89
CA ARG B 335 -29.19 -10.90 -38.35
C ARG B 335 -27.90 -11.50 -38.89
N ARG B 336 -27.97 -12.08 -40.09
CA ARG B 336 -26.80 -12.66 -40.76
C ARG B 336 -25.48 -11.94 -40.44
N LEU B 337 -25.39 -10.64 -40.81
CA LEU B 337 -24.22 -9.79 -40.49
C LEU B 337 -23.69 -9.95 -39.04
N GLU B 338 -24.38 -9.34 -38.06
CA GLU B 338 -24.00 -9.44 -36.64
C GLU B 338 -24.43 -10.78 -35.99
N GLU B 339 -24.41 -11.82 -36.84
CA GLU B 339 -24.64 -13.22 -36.47
C GLU B 339 -23.29 -13.89 -36.17
N ARG B 340 -22.47 -14.06 -37.23
CA ARG B 340 -21.10 -14.65 -37.14
C ARG B 340 -20.17 -13.99 -36.10
N ALA B 341 -20.31 -14.39 -34.83
CA ALA B 341 -19.42 -13.97 -33.74
C ALA B 341 -18.15 -14.88 -33.70
N GLN B 342 -17.39 -14.87 -34.82
CA GLN B 342 -16.13 -15.64 -35.00
C GLN B 342 -14.88 -14.99 -34.36
N GLY B 343 -14.50 -13.82 -34.89
CA GLY B 343 -13.30 -13.09 -34.46
C GLY B 343 -13.40 -12.30 -33.18
N ARG B 344 -14.57 -12.33 -32.51
CA ARG B 344 -14.83 -11.45 -31.32
C ARG B 344 -15.46 -12.21 -30.11
N ALA B 345 -16.03 -13.37 -30.40
CA ALA B 345 -16.68 -14.22 -29.35
C ALA B 345 -15.67 -15.17 -28.71
N LYS B 346 -14.98 -15.93 -29.54
CA LYS B 346 -14.00 -16.92 -29.10
C LYS B 346 -12.73 -16.27 -28.50
N GLU B 347 -12.03 -15.48 -29.34
CA GLU B 347 -10.76 -14.80 -28.99
C GLU B 347 -10.97 -13.51 -28.18
N ALA B 348 -12.06 -13.43 -27.42
CA ALA B 348 -12.27 -12.26 -26.59
C ALA B 348 -11.20 -12.26 -25.49
N PRO B 349 -10.49 -11.13 -25.33
CA PRO B 349 -9.49 -11.03 -24.27
C PRO B 349 -10.19 -10.79 -22.94
N THR B 350 -9.42 -10.92 -21.84
CA THR B 350 -9.89 -10.64 -20.47
C THR B 350 -9.60 -9.19 -20.15
N MET B 351 -10.49 -8.55 -19.40
CA MET B 351 -10.36 -7.13 -19.13
C MET B 351 -10.83 -6.79 -17.72
N PRO B 352 -10.11 -5.88 -17.04
CA PRO B 352 -10.48 -5.37 -15.71
C PRO B 352 -11.52 -4.31 -15.77
N PHE B 353 -12.47 -4.33 -14.82
CA PHE B 353 -13.48 -3.31 -14.72
C PHE B 353 -13.35 -2.65 -13.37
N SER B 354 -13.34 -1.35 -13.31
CA SER B 354 -13.23 -0.69 -12.02
C SER B 354 -14.47 -0.94 -11.17
N TRP B 355 -15.57 -1.35 -11.78
CA TRP B 355 -16.83 -1.63 -11.01
C TRP B 355 -16.66 -2.79 -10.04
N ILE B 356 -15.74 -3.69 -10.38
CA ILE B 356 -15.39 -4.81 -9.52
C ILE B 356 -13.91 -4.77 -9.07
N PHE B 357 -13.44 -3.60 -8.64
CA PHE B 357 -12.07 -3.39 -8.07
C PHE B 357 -10.99 -3.90 -9.03
N ASP B 358 -11.20 -3.66 -10.33
CA ASP B 358 -10.27 -4.06 -11.35
C ASP B 358 -10.03 -5.57 -11.40
N ARG B 359 -10.92 -6.38 -10.84
CA ARG B 359 -10.92 -7.79 -11.19
C ARG B 359 -11.26 -7.87 -12.69
N GLN B 360 -10.91 -8.99 -13.33
CA GLN B 360 -11.05 -9.15 -14.79
C GLN B 360 -12.08 -10.18 -15.22
N VAL B 361 -12.82 -9.85 -16.27
CA VAL B 361 -13.81 -10.76 -16.84
C VAL B 361 -13.64 -10.83 -18.34
N LYS B 362 -14.10 -11.93 -18.94
CA LYS B 362 -13.95 -12.23 -20.36
C LYS B 362 -14.88 -11.35 -21.20
N LEU B 363 -14.34 -10.56 -22.13
CA LEU B 363 -15.14 -9.76 -23.04
C LEU B 363 -15.82 -10.60 -24.15
N PHE C 18 -57.09 8.27 -2.18
CA PHE C 18 -55.67 8.36 -2.50
C PHE C 18 -55.41 9.39 -3.60
N MET C 19 -55.62 10.66 -3.27
CA MET C 19 -55.49 11.74 -4.24
C MET C 19 -54.48 12.79 -3.78
N PRO C 20 -53.31 12.79 -4.40
CA PRO C 20 -52.22 13.69 -3.99
C PRO C 20 -52.63 15.15 -4.16
N PRO C 21 -52.04 16.05 -3.34
CA PRO C 21 -52.45 17.44 -3.49
C PRO C 21 -51.99 17.93 -4.86
N ARG C 22 -52.59 19.00 -5.35
CA ARG C 22 -52.21 19.58 -6.63
C ARG C 22 -51.95 21.06 -6.51
N GLU C 23 -51.29 21.60 -7.53
CA GLU C 23 -51.00 23.01 -7.59
C GLU C 23 -52.34 23.68 -7.68
N VAL C 24 -52.58 24.66 -6.80
CA VAL C 24 -53.86 25.40 -6.74
C VAL C 24 -53.92 26.68 -7.59
N HIS C 25 -52.82 27.02 -8.25
CA HIS C 25 -52.76 28.27 -9.05
C HIS C 25 -52.74 27.96 -10.54
N VAL C 26 -53.34 28.88 -11.31
CA VAL C 26 -53.41 28.77 -12.77
C VAL C 26 -52.03 28.68 -13.38
N GLN C 27 -51.89 27.77 -14.36
CA GLN C 27 -50.61 27.51 -15.07
C GLN C 27 -50.30 28.63 -16.08
N VAL C 28 -49.20 29.36 -15.86
CA VAL C 28 -48.79 30.44 -16.75
C VAL C 28 -47.48 30.10 -17.47
N THR C 29 -47.54 29.96 -18.79
CA THR C 29 -46.35 29.57 -19.59
C THR C 29 -45.78 30.71 -20.41
N HIS C 30 -44.47 30.63 -20.64
CA HIS C 30 -43.75 31.53 -21.58
C HIS C 30 -44.05 33.04 -21.40
N SER C 31 -43.87 33.52 -20.17
CA SER C 31 -44.14 34.90 -19.82
C SER C 31 -43.05 35.83 -20.30
N MET C 32 -41.80 35.39 -20.25
CA MET C 32 -40.67 36.20 -20.76
C MET C 32 -40.81 36.50 -22.26
N PRO C 33 -40.60 37.78 -22.67
CA PRO C 33 -40.63 38.11 -24.09
C PRO C 33 -39.62 37.25 -24.88
N PRO C 34 -40.06 36.66 -26.01
CA PRO C 34 -39.28 35.70 -26.80
C PRO C 34 -37.98 36.28 -27.35
N GLN C 35 -37.90 37.60 -27.50
CA GLN C 35 -36.66 38.23 -27.98
C GLN C 35 -35.55 38.11 -26.93
N LYS C 36 -35.92 38.12 -25.66
CA LYS C 36 -34.91 38.08 -24.59
C LYS C 36 -34.17 36.75 -24.53
N ILE C 37 -34.66 35.77 -25.29
CA ILE C 37 -34.01 34.45 -25.45
C ILE C 37 -32.58 34.60 -25.97
N GLU C 38 -32.37 35.62 -26.80
CA GLU C 38 -31.05 35.89 -27.35
C GLU C 38 -30.05 36.29 -26.26
N ILE C 39 -30.51 37.02 -25.24
CA ILE C 39 -29.63 37.50 -24.17
C ILE C 39 -28.82 36.32 -23.65
N PHE C 40 -29.51 35.20 -23.49
CA PHE C 40 -28.87 34.01 -22.95
C PHE C 40 -27.95 33.30 -23.95
N LYS C 41 -28.37 33.22 -25.22
CA LYS C 41 -27.48 32.68 -26.25
C LYS C 41 -26.16 33.46 -26.27
N SER C 42 -26.24 34.79 -26.11
CA SER C 42 -25.08 35.70 -26.01
C SER C 42 -24.20 35.46 -24.81
N LEU C 43 -24.83 35.09 -23.69
CA LEU C 43 -24.12 34.95 -22.43
C LEU C 43 -23.43 33.60 -22.31
N ASP C 44 -23.52 32.79 -23.36
CA ASP C 44 -23.03 31.41 -23.31
C ASP C 44 -21.59 31.36 -22.84
N ASN C 45 -20.70 32.00 -23.60
CA ASN C 45 -19.31 32.15 -23.18
C ASN C 45 -19.20 32.62 -21.73
N TRP C 46 -19.86 33.73 -21.41
CA TRP C 46 -19.83 34.26 -20.04
C TRP C 46 -20.17 33.17 -18.99
N ALA C 47 -21.22 32.41 -19.26
CA ALA C 47 -21.65 31.35 -18.39
C ALA C 47 -20.56 30.28 -18.21
N GLU C 48 -19.89 29.98 -19.32
CA GLU C 48 -18.78 29.04 -19.34
C GLU C 48 -17.55 29.58 -18.58
N GLU C 49 -17.65 30.75 -17.95
CA GLU C 49 -16.48 31.30 -17.27
C GLU C 49 -16.80 31.78 -15.88
N ASN C 50 -18.06 32.07 -15.63
CA ASN C 50 -18.52 32.58 -14.37
C ASN C 50 -19.45 31.64 -13.63
N ILE C 51 -19.97 30.64 -14.33
CA ILE C 51 -20.91 29.68 -13.76
C ILE C 51 -20.30 28.30 -13.73
N LEU C 52 -20.00 27.71 -14.87
CA LEU C 52 -19.43 26.37 -14.92
C LEU C 52 -18.23 26.20 -13.96
N VAL C 53 -17.52 27.29 -13.72
CA VAL C 53 -16.43 27.27 -12.75
C VAL C 53 -16.86 26.83 -11.33
N HIS C 54 -18.17 26.88 -11.01
CA HIS C 54 -18.67 26.49 -9.67
C HIS C 54 -19.02 25.02 -9.53
N LEU C 55 -18.78 24.27 -10.60
CA LEU C 55 -18.99 22.82 -10.62
C LEU C 55 -17.66 22.17 -10.25
N LYS C 56 -17.75 21.25 -9.30
CA LYS C 56 -16.61 20.43 -8.91
C LYS C 56 -16.40 19.31 -9.95
N PRO C 57 -15.22 19.23 -10.55
CA PRO C 57 -14.94 18.15 -11.51
C PRO C 57 -15.12 16.74 -10.91
N VAL C 58 -15.69 15.83 -11.69
CA VAL C 58 -16.12 14.53 -11.15
C VAL C 58 -15.05 13.85 -10.29
N GLU C 59 -13.85 13.73 -10.84
CA GLU C 59 -12.73 13.05 -10.16
C GLU C 59 -12.44 13.62 -8.75
N LYS C 60 -12.78 14.87 -8.53
CA LYS C 60 -12.53 15.49 -7.24
C LYS C 60 -13.71 15.49 -6.29
N CYS C 61 -14.84 14.93 -6.71
CA CYS C 61 -16.06 14.98 -5.94
C CYS C 61 -16.11 13.87 -4.95
N TRP C 62 -16.77 14.11 -3.81
CA TRP C 62 -17.07 13.06 -2.85
C TRP C 62 -18.15 12.19 -3.46
N GLN C 63 -18.24 10.93 -3.06
CA GLN C 63 -19.32 10.05 -3.52
C GLN C 63 -19.98 9.43 -2.30
N PRO C 64 -21.27 9.03 -2.42
CA PRO C 64 -21.95 8.49 -1.28
C PRO C 64 -21.15 7.48 -0.49
N GLN C 65 -20.49 6.51 -1.13
CA GLN C 65 -19.70 5.47 -0.42
C GLN C 65 -18.67 6.07 0.56
N ASP C 66 -18.21 7.29 0.29
CA ASP C 66 -17.25 7.92 1.19
C ASP C 66 -17.79 8.04 2.61
N PHE C 67 -19.12 8.08 2.77
CA PHE C 67 -19.69 8.32 4.11
C PHE C 67 -20.49 7.16 4.65
N LEU C 68 -20.46 6.04 3.94
CA LEU C 68 -21.27 4.88 4.32
C LEU C 68 -20.41 3.72 4.71
N PRO C 69 -20.94 2.82 5.51
CA PRO C 69 -20.19 1.61 5.72
C PRO C 69 -19.66 1.00 4.41
N ASP C 70 -18.42 0.55 4.44
CA ASP C 70 -17.79 -0.09 3.28
C ASP C 70 -18.20 -1.59 3.13
N PRO C 71 -19.01 -1.92 2.13
CA PRO C 71 -19.50 -3.29 2.06
C PRO C 71 -18.45 -4.31 1.54
N ALA C 72 -17.26 -3.84 1.15
CA ALA C 72 -16.25 -4.75 0.68
C ALA C 72 -15.16 -4.77 1.70
N SER C 73 -15.52 -4.44 2.93
CA SER C 73 -14.52 -4.33 4.01
C SER C 73 -14.87 -5.25 5.15
N ASP C 74 -13.87 -5.83 5.83
CA ASP C 74 -14.17 -6.69 6.99
C ASP C 74 -14.85 -5.86 8.10
N GLY C 75 -14.68 -4.56 8.04
CA GLY C 75 -15.34 -3.65 8.95
C GLY C 75 -16.84 -3.44 8.73
N PHE C 76 -17.41 -4.01 7.68
CA PHE C 76 -18.77 -3.68 7.31
C PHE C 76 -19.80 -3.89 8.45
N ASP C 77 -19.81 -5.09 9.02
CA ASP C 77 -20.69 -5.38 10.13
C ASP C 77 -20.59 -4.33 11.25
N GLU C 78 -19.42 -4.19 11.89
CA GLU C 78 -19.29 -3.19 12.97
C GLU C 78 -19.66 -1.76 12.52
N GLN C 79 -19.39 -1.46 11.28
CA GLN C 79 -19.72 -0.14 10.81
C GLN C 79 -21.22 0.03 10.72
N VAL C 80 -21.91 -0.94 10.13
CA VAL C 80 -23.37 -0.90 10.10
C VAL C 80 -23.94 -0.88 11.53
N ARG C 81 -23.33 -1.67 12.40
CA ARG C 81 -23.81 -1.83 13.77
C ARG C 81 -23.63 -0.53 14.55
N GLU C 82 -22.49 0.13 14.41
CA GLU C 82 -22.29 1.42 15.06
C GLU C 82 -23.25 2.52 14.57
N LEU C 83 -23.46 2.56 13.27
CA LEU C 83 -24.44 3.43 12.60
C LEU C 83 -25.83 3.32 13.24
N ARG C 84 -26.29 2.08 13.40
CA ARG C 84 -27.60 1.80 13.99
C ARG C 84 -27.65 2.18 15.45
N GLU C 85 -26.53 2.04 16.17
CA GLU C 85 -26.56 2.32 17.62
C GLU C 85 -26.66 3.82 17.77
N ARG C 86 -25.88 4.54 16.98
CA ARG C 86 -25.95 5.98 17.04
C ARG C 86 -27.37 6.50 16.69
N ALA C 87 -28.04 5.79 15.79
CA ALA C 87 -29.37 6.17 15.29
C ALA C 87 -30.47 6.09 16.37
N LYS C 88 -30.33 5.13 17.26
CA LYS C 88 -31.18 5.06 18.40
C LYS C 88 -31.19 6.32 19.25
N GLU C 89 -30.06 6.99 19.37
CA GLU C 89 -29.96 8.19 20.19
C GLU C 89 -30.43 9.42 19.43
N ILE C 90 -30.80 9.26 18.18
CA ILE C 90 -31.36 10.38 17.45
C ILE C 90 -32.89 10.28 17.52
N PRO C 91 -33.57 11.31 18.02
CA PRO C 91 -35.00 11.23 18.26
C PRO C 91 -35.84 11.22 16.98
N ASP C 92 -37.09 10.76 17.08
CA ASP C 92 -37.93 10.62 15.90
C ASP C 92 -38.16 11.98 15.22
N ASP C 93 -38.29 13.04 16.04
CA ASP C 93 -38.53 14.39 15.55
C ASP C 93 -37.60 14.67 14.39
N TYR C 94 -36.32 14.46 14.68
CA TYR C 94 -35.26 14.76 13.76
C TYR C 94 -35.33 13.86 12.53
N PHE C 95 -35.53 12.54 12.71
CA PHE C 95 -35.74 11.64 11.55
C PHE C 95 -36.83 12.10 10.60
N VAL C 96 -37.93 12.59 11.14
CA VAL C 96 -39.00 13.13 10.32
C VAL C 96 -38.46 14.15 9.33
N VAL C 97 -37.75 15.15 9.85
CA VAL C 97 -37.22 16.25 9.07
C VAL C 97 -36.24 15.68 8.09
N LEU C 98 -35.27 14.92 8.61
CA LEU C 98 -34.28 14.33 7.75
C LEU C 98 -34.90 13.53 6.61
N VAL C 99 -35.98 12.79 6.87
CA VAL C 99 -36.67 12.04 5.86
C VAL C 99 -37.27 12.98 4.82
N GLY C 100 -37.93 14.03 5.28
CA GLY C 100 -38.45 15.02 4.37
C GLY C 100 -37.39 15.66 3.45
N ASP C 101 -36.21 15.90 3.99
CA ASP C 101 -35.12 16.45 3.23
C ASP C 101 -34.74 15.44 2.18
N MET C 102 -34.53 14.20 2.62
CA MET C 102 -34.14 13.14 1.73
C MET C 102 -35.17 12.94 0.62
N ILE C 103 -36.45 12.90 0.96
CA ILE C 103 -37.52 12.77 -0.06
C ILE C 103 -37.44 13.87 -1.07
N THR C 104 -37.29 15.12 -0.60
CA THR C 104 -37.13 16.23 -1.48
C THR C 104 -35.98 15.96 -2.45
N GLU C 105 -34.84 15.49 -1.93
CA GLU C 105 -33.69 15.23 -2.80
C GLU C 105 -34.00 14.16 -3.82
N GLU C 106 -34.69 13.10 -3.42
CA GLU C 106 -34.98 12.05 -4.38
C GLU C 106 -35.89 12.45 -5.52
N ALA C 107 -36.59 13.57 -5.43
CA ALA C 107 -37.48 13.97 -6.53
C ALA C 107 -36.71 14.75 -7.60
N LEU C 108 -35.40 14.49 -7.66
CA LEU C 108 -34.46 15.18 -8.52
C LEU C 108 -34.86 15.29 -10.01
N PRO C 109 -35.39 14.23 -10.60
CA PRO C 109 -35.71 14.39 -12.03
C PRO C 109 -36.64 15.55 -12.31
N THR C 110 -37.57 15.81 -11.39
CA THR C 110 -38.44 16.96 -11.49
C THR C 110 -37.65 18.28 -11.60
N TYR C 111 -36.51 18.38 -10.90
CA TYR C 111 -35.77 19.62 -10.81
C TYR C 111 -34.92 19.80 -12.05
N GLN C 112 -34.51 18.69 -12.65
CA GLN C 112 -33.85 18.83 -13.94
C GLN C 112 -34.86 19.34 -14.95
N THR C 113 -36.09 18.87 -14.85
CA THR C 113 -37.14 19.33 -15.75
C THR C 113 -37.42 20.83 -15.52
N MET C 114 -37.44 21.26 -14.27
CA MET C 114 -37.65 22.66 -13.90
C MET C 114 -36.66 23.57 -14.64
N LEU C 115 -35.40 23.15 -14.74
CA LEU C 115 -34.41 23.95 -15.44
C LEU C 115 -34.59 23.84 -16.94
N ASN C 116 -34.99 22.66 -17.39
CA ASN C 116 -35.23 22.47 -18.81
C ASN C 116 -36.52 23.08 -19.33
N THR C 117 -37.18 23.87 -18.48
CA THR C 117 -38.42 24.50 -18.90
C THR C 117 -38.14 25.94 -19.25
N LEU C 118 -36.99 26.43 -18.85
CA LEU C 118 -36.60 27.83 -19.04
C LEU C 118 -36.18 28.14 -20.48
N ASP C 119 -36.78 29.21 -21.03
CA ASP C 119 -36.81 29.49 -22.44
C ASP C 119 -35.45 29.56 -23.11
N GLY C 120 -34.56 30.42 -22.61
CA GLY C 120 -33.27 30.59 -23.29
C GLY C 120 -32.16 29.66 -22.85
N VAL C 121 -32.48 28.70 -21.97
CA VAL C 121 -31.46 27.90 -21.32
C VAL C 121 -31.69 26.38 -21.40
N ARG C 122 -32.88 25.94 -21.81
CA ARG C 122 -33.18 24.50 -21.84
C ARG C 122 -32.22 23.68 -22.72
N ASP C 123 -31.98 22.44 -22.33
CA ASP C 123 -31.23 21.48 -23.11
C ASP C 123 -32.18 20.95 -24.18
N GLU C 124 -31.97 21.33 -25.43
CA GLU C 124 -32.89 20.93 -26.48
C GLU C 124 -32.82 19.45 -26.91
N THR C 125 -31.79 18.70 -26.51
CA THR C 125 -31.62 17.35 -27.02
C THR C 125 -31.45 16.31 -25.91
N GLY C 126 -30.87 16.75 -24.79
CA GLY C 126 -30.51 15.85 -23.72
C GLY C 126 -28.99 15.75 -23.58
N ALA C 127 -28.28 16.42 -24.51
CA ALA C 127 -26.80 16.43 -24.55
C ALA C 127 -26.28 17.65 -25.30
N SER C 128 -26.97 18.77 -25.14
CA SER C 128 -26.62 19.98 -25.85
C SER C 128 -25.29 20.52 -25.38
N PRO C 129 -24.36 20.87 -26.31
CA PRO C 129 -23.07 21.45 -26.01
C PRO C 129 -23.11 22.84 -25.41
N THR C 130 -24.29 23.45 -25.25
CA THR C 130 -24.34 24.81 -24.69
C THR C 130 -23.89 24.79 -23.25
N SER C 131 -23.42 25.94 -22.79
CA SER C 131 -22.95 26.09 -21.40
C SER C 131 -24.09 25.84 -20.42
N TRP C 132 -25.28 26.30 -20.81
CA TRP C 132 -26.46 26.20 -19.98
C TRP C 132 -26.87 24.73 -19.78
N ALA C 133 -26.96 23.98 -20.88
CA ALA C 133 -27.25 22.56 -20.82
C ALA C 133 -26.18 21.81 -20.04
N ILE C 134 -24.92 22.20 -20.25
CA ILE C 134 -23.79 21.56 -19.55
C ILE C 134 -23.95 21.71 -18.03
N TRP C 135 -24.28 22.92 -17.60
CA TRP C 135 -24.56 23.17 -16.19
C TRP C 135 -25.69 22.30 -15.64
N THR C 136 -26.84 22.31 -16.30
CA THR C 136 -28.01 21.58 -15.87
C THR C 136 -27.69 20.09 -15.62
N ARG C 137 -26.90 19.51 -16.54
CA ARG C 137 -26.58 18.12 -16.46
C ARG C 137 -25.59 17.83 -15.30
N ALA C 138 -24.66 18.75 -15.07
CA ALA C 138 -23.62 18.51 -14.11
C ALA C 138 -24.15 18.83 -12.74
N TRP C 139 -25.04 19.83 -12.68
CA TRP C 139 -25.73 20.17 -11.44
C TRP C 139 -26.60 19.03 -11.03
N THR C 140 -27.31 18.45 -11.99
CA THR C 140 -28.13 17.26 -11.74
C THR C 140 -27.27 16.10 -11.24
N ALA C 141 -26.10 15.93 -11.85
CA ALA C 141 -25.22 14.83 -11.47
C ALA C 141 -24.76 14.96 -10.02
N GLU C 142 -24.50 16.20 -9.62
CA GLU C 142 -24.11 16.49 -8.28
C GLU C 142 -25.25 16.27 -7.29
N GLU C 143 -26.45 16.75 -7.62
CA GLU C 143 -27.59 16.53 -6.75
C GLU C 143 -27.89 15.04 -6.49
N ASN C 144 -27.68 14.22 -7.50
CA ASN C 144 -28.05 12.82 -7.41
C ASN C 144 -27.38 12.07 -6.23
N ARG C 145 -26.23 12.55 -5.80
CA ARG C 145 -25.49 11.89 -4.76
C ARG C 145 -26.07 12.23 -3.42
N HIS C 146 -26.88 13.26 -3.35
CA HIS C 146 -27.48 13.72 -2.10
C HIS C 146 -28.55 12.74 -1.69
N GLY C 147 -29.42 12.38 -2.60
CA GLY C 147 -30.50 11.45 -2.33
C GLY C 147 -29.94 10.06 -2.04
N ASP C 148 -29.01 9.58 -2.90
CA ASP C 148 -28.37 8.32 -2.73
C ASP C 148 -27.81 8.19 -1.35
N LEU C 149 -27.16 9.26 -0.86
CA LEU C 149 -26.43 9.13 0.39
C LEU C 149 -27.41 9.10 1.57
N LEU C 150 -28.37 10.03 1.58
CA LEU C 150 -29.36 10.08 2.65
C LEU C 150 -30.24 8.84 2.61
N ASN C 151 -30.51 8.32 1.44
CA ASN C 151 -31.30 7.13 1.28
C ASN C 151 -30.66 5.91 1.97
N LYS C 152 -29.42 5.58 1.62
CA LYS C 152 -28.76 4.49 2.28
C LYS C 152 -28.60 4.72 3.76
N TYR C 153 -28.41 6.00 4.17
CA TYR C 153 -28.25 6.24 5.56
C TYR C 153 -29.56 5.88 6.31
N LEU C 154 -30.67 6.30 5.73
CA LEU C 154 -31.93 6.07 6.38
C LEU C 154 -32.27 4.57 6.34
N TYR C 155 -31.92 3.91 5.26
CA TYR C 155 -32.16 2.49 5.13
C TYR C 155 -31.43 1.68 6.22
N LEU C 156 -30.16 1.96 6.44
CA LEU C 156 -29.37 1.19 7.35
C LEU C 156 -29.77 1.53 8.78
N SER C 157 -30.41 2.67 8.98
CA SER C 157 -30.64 3.15 10.34
C SER C 157 -31.61 2.31 11.13
N GLY C 158 -32.61 1.76 10.43
CA GLY C 158 -33.66 0.99 11.02
C GLY C 158 -34.64 1.83 11.77
N ARG C 159 -34.52 3.15 11.72
CA ARG C 159 -35.36 4.04 12.50
C ARG C 159 -36.60 4.51 11.76
N VAL C 160 -36.65 4.21 10.45
CA VAL C 160 -37.66 4.73 9.57
C VAL C 160 -38.27 3.65 8.70
N ASP C 161 -39.45 3.97 8.17
CA ASP C 161 -40.21 3.03 7.38
C ASP C 161 -39.93 3.25 5.90
N MET C 162 -38.99 2.49 5.35
CA MET C 162 -38.57 2.74 3.97
C MET C 162 -39.71 2.58 2.93
N ARG C 163 -40.69 1.75 3.26
CA ARG C 163 -41.70 1.46 2.25
C ARG C 163 -42.64 2.63 2.11
N GLN C 164 -42.97 3.25 3.23
CA GLN C 164 -43.77 4.46 3.23
C GLN C 164 -43.01 5.63 2.62
N ILE C 165 -41.67 5.60 2.75
CA ILE C 165 -40.82 6.68 2.24
C ILE C 165 -40.71 6.57 0.72
N GLU C 166 -40.41 5.36 0.25
CA GLU C 166 -40.42 5.04 -1.16
C GLU C 166 -41.76 5.42 -1.80
N LYS C 167 -42.85 5.25 -1.06
CA LYS C 167 -44.14 5.47 -1.60
C LYS C 167 -44.41 6.94 -1.72
N THR C 168 -43.91 7.70 -0.76
CA THR C 168 -44.05 9.12 -0.79
C THR C 168 -43.28 9.66 -1.99
N ILE C 169 -42.10 9.08 -2.24
CA ILE C 169 -41.23 9.51 -3.33
C ILE C 169 -41.92 9.29 -4.66
N GLN C 170 -42.50 8.13 -4.86
CA GLN C 170 -43.26 7.89 -6.09
C GLN C 170 -44.47 8.85 -6.31
N TYR C 171 -45.14 9.24 -5.24
CA TYR C 171 -46.21 10.21 -5.33
C TYR C 171 -45.61 11.56 -5.78
N LEU C 172 -44.51 11.94 -5.16
CA LEU C 172 -43.88 13.23 -5.39
C LEU C 172 -43.46 13.47 -6.84
N ILE C 173 -42.76 12.49 -7.45
CA ILE C 173 -42.34 12.55 -8.86
C ILE C 173 -43.55 12.59 -9.81
N GLY C 174 -44.58 11.79 -9.51
CA GLY C 174 -45.80 11.75 -10.30
C GLY C 174 -46.50 13.09 -10.27
N SER C 175 -46.45 13.73 -9.11
CA SER C 175 -47.01 15.04 -8.91
C SER C 175 -46.15 16.15 -9.51
N GLY C 176 -44.84 15.96 -9.50
CA GLY C 176 -43.95 17.03 -9.94
C GLY C 176 -44.20 18.30 -9.16
N MET C 177 -43.87 19.42 -9.75
CA MET C 177 -44.09 20.68 -9.09
C MET C 177 -44.11 21.79 -10.10
N ASP C 178 -44.79 22.87 -9.77
CA ASP C 178 -44.79 24.06 -10.58
C ASP C 178 -44.38 25.26 -9.71
N PRO C 179 -43.08 25.64 -9.77
CA PRO C 179 -42.51 26.78 -9.02
C PRO C 179 -42.99 28.11 -9.59
N ARG C 180 -43.79 28.04 -10.65
CA ARG C 180 -44.42 29.23 -11.24
C ARG C 180 -43.40 30.21 -11.87
N THR C 181 -42.38 29.61 -12.49
CA THR C 181 -41.28 30.32 -13.13
C THR C 181 -41.64 30.71 -14.57
N GLU C 182 -42.76 30.19 -15.05
CA GLU C 182 -43.35 30.60 -16.34
C GLU C 182 -42.37 30.54 -17.54
N ASN C 183 -41.43 29.60 -17.46
CA ASN C 183 -40.38 29.34 -18.45
C ASN C 183 -39.35 30.45 -18.54
N SER C 184 -39.44 31.40 -17.62
CA SER C 184 -38.57 32.58 -17.66
C SER C 184 -37.28 32.28 -16.89
N PRO C 185 -36.13 32.32 -17.60
CA PRO C 185 -34.84 32.16 -16.96
C PRO C 185 -34.65 33.20 -15.85
N TYR C 186 -35.30 34.36 -15.97
CA TYR C 186 -35.25 35.36 -14.91
C TYR C 186 -35.88 34.81 -13.65
N LEU C 187 -37.12 34.36 -13.75
CA LEU C 187 -37.83 33.84 -12.61
C LEU C 187 -37.14 32.57 -12.15
N GLY C 188 -36.76 31.74 -13.12
CA GLY C 188 -36.09 30.48 -12.82
C GLY C 188 -34.93 30.64 -11.89
N PHE C 189 -34.00 31.53 -12.26
CA PHE C 189 -32.72 31.62 -11.54
C PHE C 189 -32.84 32.38 -10.25
N ILE C 190 -33.81 33.29 -10.18
CA ILE C 190 -34.25 33.86 -8.90
C ILE C 190 -34.73 32.69 -7.98
N TYR C 191 -35.66 31.88 -8.50
CA TYR C 191 -36.19 30.77 -7.73
C TYR C 191 -35.10 29.89 -7.16
N THR C 192 -34.28 29.33 -8.04
CA THR C 192 -33.24 28.41 -7.62
C THR C 192 -32.17 29.08 -6.74
N SER C 193 -31.99 30.40 -6.88
CA SER C 193 -31.10 31.12 -5.98
C SER C 193 -31.63 31.03 -4.55
N PHE C 194 -32.93 31.27 -4.41
CA PHE C 194 -33.58 31.20 -3.12
C PHE C 194 -33.53 29.77 -2.54
N GLN C 195 -33.91 28.79 -3.35
CA GLN C 195 -33.97 27.39 -2.89
C GLN C 195 -32.62 26.83 -2.46
N GLU C 196 -31.60 27.02 -3.27
CA GLU C 196 -30.26 26.59 -2.92
C GLU C 196 -29.84 27.08 -1.55
N ARG C 197 -30.12 28.33 -1.27
CA ARG C 197 -29.80 28.87 0.05
C ARG C 197 -30.63 28.18 1.15
N ALA C 198 -31.91 27.96 0.87
CA ALA C 198 -32.78 27.31 1.84
C ALA C 198 -32.19 25.93 2.15
N ASP C 199 -31.87 25.17 1.10
CA ASP C 199 -31.23 23.90 1.19
C ASP C 199 -29.94 23.97 2.00
N PHE C 200 -29.15 25.03 1.78
CA PHE C 200 -27.92 25.20 2.53
C PHE C 200 -28.19 25.41 4.04
N ILE C 201 -29.32 26.03 4.35
CA ILE C 201 -29.66 26.28 5.74
C ILE C 201 -30.17 25.02 6.44
N SER C 202 -31.06 24.30 5.75
CA SER C 202 -31.69 23.12 6.29
C SER C 202 -30.61 22.11 6.53
N HIS C 203 -29.87 21.79 5.48
CA HIS C 203 -28.85 20.80 5.59
C HIS C 203 -27.82 21.27 6.61
N GLY C 204 -27.41 22.53 6.54
CA GLY C 204 -26.44 23.04 7.49
C GLY C 204 -26.91 22.86 8.94
N ASN C 205 -28.22 23.06 9.17
CA ASN C 205 -28.78 22.94 10.51
C ASN C 205 -28.89 21.52 10.98
N THR C 206 -29.42 20.65 10.11
CA THR C 206 -29.47 19.26 10.45
C THR C 206 -28.05 18.78 10.75
N ALA C 207 -27.06 19.43 10.14
CA ALA C 207 -25.66 19.07 10.33
C ALA C 207 -25.18 19.35 11.77
N ARG C 208 -25.21 20.63 12.15
CA ARG C 208 -24.86 21.07 13.49
C ARG C 208 -25.70 20.34 14.54
N GLN C 209 -26.98 20.15 14.27
CA GLN C 209 -27.82 19.52 15.25
C GLN C 209 -27.46 18.05 15.32
N ALA C 210 -27.07 17.48 14.17
CA ALA C 210 -26.62 16.09 14.08
C ALA C 210 -25.42 15.86 14.98
N LYS C 211 -24.62 16.92 15.22
CA LYS C 211 -23.51 16.77 16.12
C LYS C 211 -24.09 16.69 17.55
N GLU C 212 -25.06 17.57 17.88
CA GLU C 212 -25.57 17.59 19.28
C GLU C 212 -25.97 16.16 19.65
N HIS C 213 -27.05 15.69 19.03
CA HIS C 213 -27.61 14.36 19.31
C HIS C 213 -26.59 13.21 19.48
N GLY C 214 -25.31 13.49 19.17
CA GLY C 214 -24.19 12.51 19.27
C GLY C 214 -23.73 11.72 18.02
N ASP C 215 -24.00 12.21 16.81
CA ASP C 215 -23.48 11.58 15.60
C ASP C 215 -22.57 12.43 14.67
N ILE C 216 -21.26 12.48 14.93
CA ILE C 216 -20.34 13.15 14.00
C ILE C 216 -20.51 12.74 12.52
N LYS C 217 -20.49 11.43 12.23
CA LYS C 217 -20.57 10.97 10.85
C LYS C 217 -21.79 11.47 10.12
N LEU C 218 -22.92 11.51 10.82
CA LEU C 218 -24.16 12.05 10.24
C LEU C 218 -23.97 13.54 9.95
N ALA C 219 -23.14 14.19 10.75
CA ALA C 219 -22.91 15.63 10.63
C ALA C 219 -22.07 15.88 9.39
N GLN C 220 -20.99 15.14 9.26
CA GLN C 220 -20.22 15.17 8.02
C GLN C 220 -21.10 14.93 6.79
N ILE C 221 -22.03 13.97 6.86
CA ILE C 221 -22.95 13.69 5.74
C ILE C 221 -23.73 14.93 5.38
N CYS C 222 -24.42 15.51 6.36
CA CYS C 222 -25.27 16.65 6.14
C CYS C 222 -24.43 17.82 5.69
N GLY C 223 -23.32 18.06 6.38
CA GLY C 223 -22.41 19.14 6.09
C GLY C 223 -21.88 19.10 4.66
N THR C 224 -21.53 17.90 4.19
CA THR C 224 -21.00 17.74 2.85
C THR C 224 -22.08 18.09 1.82
N ILE C 225 -23.32 17.71 2.13
CA ILE C 225 -24.44 18.08 1.28
C ILE C 225 -24.62 19.60 1.22
N ALA C 226 -24.53 20.22 2.39
CA ALA C 226 -24.63 21.66 2.54
C ALA C 226 -23.59 22.41 1.69
N ALA C 227 -22.37 21.91 1.67
CA ALA C 227 -21.31 22.57 0.94
C ALA C 227 -21.66 22.57 -0.56
N ASP C 228 -22.11 21.44 -1.11
CA ASP C 228 -22.58 21.40 -2.50
C ASP C 228 -23.64 22.52 -2.76
N GLU C 229 -24.49 22.77 -1.77
CA GLU C 229 -25.58 23.72 -1.92
C GLU C 229 -25.09 25.13 -2.03
N LYS C 230 -24.06 25.46 -1.25
CA LYS C 230 -23.46 26.78 -1.25
C LYS C 230 -22.91 27.09 -2.63
N ARG C 231 -22.17 26.14 -3.17
CA ARG C 231 -21.62 26.28 -4.51
C ARG C 231 -22.75 26.55 -5.52
N HIS C 232 -23.84 25.81 -5.39
CA HIS C 232 -24.94 25.99 -6.30
C HIS C 232 -25.51 27.39 -6.18
N GLU C 233 -25.73 27.80 -4.93
CA GLU C 233 -26.23 29.13 -4.62
C GLU C 233 -25.34 30.21 -5.23
N THR C 234 -24.05 30.11 -4.99
CA THR C 234 -23.07 30.99 -5.60
C THR C 234 -23.25 31.10 -7.12
N ALA C 235 -23.37 29.97 -7.80
CA ALA C 235 -23.51 29.96 -9.25
C ALA C 235 -24.79 30.66 -9.72
N TYR C 236 -25.92 30.26 -9.13
CA TYR C 236 -27.20 30.88 -9.47
C TYR C 236 -27.26 32.36 -9.16
N THR C 237 -26.59 32.80 -8.09
CA THR C 237 -26.59 34.22 -7.71
C THR C 237 -25.78 35.07 -8.68
N LYS C 238 -24.70 34.53 -9.23
CA LYS C 238 -23.89 35.28 -10.21
C LYS C 238 -24.68 35.51 -11.49
N ILE C 239 -25.63 34.63 -11.77
CA ILE C 239 -26.48 34.79 -12.94
C ILE C 239 -27.46 35.96 -12.76
N VAL C 240 -28.14 35.99 -11.63
CA VAL C 240 -29.09 37.04 -11.37
C VAL C 240 -28.37 38.38 -11.28
N GLU C 241 -27.21 38.36 -10.63
CA GLU C 241 -26.38 39.55 -10.52
C GLU C 241 -26.14 40.14 -11.91
N LYS C 242 -25.75 39.24 -12.81
CA LYS C 242 -25.48 39.57 -14.21
C LYS C 242 -26.73 40.06 -14.89
N LEU C 243 -27.87 39.47 -14.60
CA LEU C 243 -29.13 39.91 -15.21
C LEU C 243 -29.53 41.27 -14.68
N PHE C 244 -29.21 41.55 -13.43
CA PHE C 244 -29.48 42.87 -12.87
C PHE C 244 -28.62 43.93 -13.57
N GLU C 245 -27.40 43.53 -13.87
CA GLU C 245 -26.44 44.39 -14.54
C GLU C 245 -26.86 44.67 -15.99
N ILE C 246 -27.32 43.65 -16.71
CA ILE C 246 -27.74 43.80 -18.11
C ILE C 246 -29.15 44.38 -18.24
N ASP C 247 -30.06 43.91 -17.39
CA ASP C 247 -31.46 44.33 -17.46
C ASP C 247 -32.04 44.55 -16.06
N PRO C 248 -31.64 45.64 -15.36
CA PRO C 248 -32.09 45.87 -14.00
C PRO C 248 -33.61 45.98 -13.89
N ASP C 249 -34.26 46.41 -14.96
CA ASP C 249 -35.72 46.51 -14.96
C ASP C 249 -36.45 45.19 -14.98
N GLY C 250 -36.16 44.37 -15.98
CA GLY C 250 -36.81 43.05 -16.12
C GLY C 250 -36.55 42.21 -14.89
N THR C 251 -35.30 42.25 -14.42
CA THR C 251 -34.84 41.48 -13.27
C THR C 251 -35.49 41.92 -11.96
N VAL C 252 -35.48 43.22 -11.69
CA VAL C 252 -36.17 43.78 -10.52
C VAL C 252 -37.61 43.35 -10.53
N LEU C 253 -38.24 43.38 -11.72
CA LEU C 253 -39.64 42.99 -11.86
C LEU C 253 -39.86 41.49 -11.62
N ALA C 254 -38.95 40.68 -12.12
CA ALA C 254 -39.00 39.25 -11.95
C ALA C 254 -38.87 38.89 -10.46
N PHE C 255 -38.01 39.61 -9.75
CA PHE C 255 -37.71 39.34 -8.34
C PHE C 255 -38.97 39.59 -7.52
N ALA C 256 -39.64 40.71 -7.78
CA ALA C 256 -40.88 41.02 -7.07
C ALA C 256 -42.00 40.01 -7.36
N ASP C 257 -42.09 39.58 -8.61
CA ASP C 257 -43.13 38.68 -9.04
C ASP C 257 -43.01 37.34 -8.27
N MET C 258 -41.79 36.85 -8.12
CA MET C 258 -41.58 35.62 -7.36
C MET C 258 -42.01 35.74 -5.90
N MET C 259 -41.76 36.90 -5.31
CA MET C 259 -42.07 37.08 -3.92
C MET C 259 -43.55 37.22 -3.58
N ARG C 260 -44.30 38.01 -4.37
CA ARG C 260 -45.76 38.09 -4.21
C ARG C 260 -46.35 36.68 -4.29
N LYS C 261 -45.96 35.95 -5.33
CA LYS C 261 -46.41 34.58 -5.54
C LYS C 261 -45.98 33.74 -4.35
N LYS C 262 -44.87 34.12 -3.72
CA LYS C 262 -44.23 33.33 -2.66
C LYS C 262 -43.45 32.17 -3.27
N ILE C 263 -42.27 31.94 -2.71
CA ILE C 263 -41.43 30.84 -3.12
C ILE C 263 -41.96 29.53 -2.54
N SER C 264 -42.60 28.71 -3.34
CA SER C 264 -43.08 27.42 -2.85
C SER C 264 -41.97 26.35 -2.89
N MET C 265 -41.84 25.57 -1.82
CA MET C 265 -40.77 24.56 -1.73
C MET C 265 -40.99 23.41 -2.70
N PRO C 266 -39.92 22.91 -3.31
CA PRO C 266 -39.99 21.87 -4.36
C PRO C 266 -40.83 20.66 -3.97
N ALA C 267 -40.91 20.33 -2.70
CA ALA C 267 -41.69 19.18 -2.30
C ALA C 267 -42.99 19.51 -1.61
N HIS C 268 -43.70 20.52 -2.08
CA HIS C 268 -44.86 20.96 -1.34
C HIS C 268 -46.07 20.10 -1.63
N LEU C 269 -45.98 19.30 -2.68
CA LEU C 269 -47.05 18.37 -2.98
C LEU C 269 -46.87 16.99 -2.35
N MET C 270 -45.96 16.89 -1.38
CA MET C 270 -45.73 15.66 -0.58
C MET C 270 -47.00 14.90 -0.16
N TYR C 271 -47.05 13.61 -0.44
CA TYR C 271 -48.17 12.76 -0.08
C TYR C 271 -47.71 11.32 0.14
N ASP C 272 -48.22 10.68 1.21
CA ASP C 272 -47.83 9.30 1.55
C ASP C 272 -49.04 8.38 1.47
N GLY C 273 -50.14 8.94 0.96
CA GLY C 273 -51.41 8.21 0.86
C GLY C 273 -52.28 8.21 2.11
N ARG C 274 -51.77 8.78 3.20
CA ARG C 274 -52.48 8.79 4.48
C ARG C 274 -52.75 10.23 4.95
N ASP C 275 -51.74 11.10 4.89
CA ASP C 275 -51.84 12.48 5.38
C ASP C 275 -52.11 13.39 4.21
N ASP C 276 -53.18 14.16 4.27
CA ASP C 276 -53.45 15.17 3.23
C ASP C 276 -52.71 16.49 3.41
N ASN C 277 -52.00 16.65 4.51
CA ASN C 277 -51.21 17.83 4.77
C ASN C 277 -49.81 17.47 5.17
N LEU C 278 -49.21 16.59 4.39
CA LEU C 278 -47.92 16.03 4.76
C LEU C 278 -46.84 17.10 4.75
N PHE C 279 -46.90 18.00 3.77
CA PHE C 279 -45.87 19.02 3.64
C PHE C 279 -45.94 19.98 4.78
N ASP C 280 -47.13 20.52 5.04
CA ASP C 280 -47.36 21.40 6.19
C ASP C 280 -46.83 20.73 7.45
N HIS C 281 -47.16 19.46 7.64
CA HIS C 281 -46.77 18.79 8.87
C HIS C 281 -45.26 18.63 8.98
N PHE C 282 -44.63 18.13 7.90
CA PHE C 282 -43.20 18.03 7.84
C PHE C 282 -42.52 19.35 8.16
N SER C 283 -42.99 20.41 7.50
CA SER C 283 -42.51 21.76 7.70
C SER C 283 -42.64 22.20 9.13
N ALA C 284 -43.79 21.92 9.74
CA ALA C 284 -44.01 22.31 11.12
C ALA C 284 -42.90 21.76 12.02
N VAL C 285 -42.59 20.47 11.86
CA VAL C 285 -41.52 19.85 12.66
C VAL C 285 -40.17 20.52 12.37
N ALA C 286 -39.94 20.85 11.10
CA ALA C 286 -38.73 21.52 10.70
C ALA C 286 -38.66 22.91 11.33
N GLN C 287 -39.76 23.62 11.28
CA GLN C 287 -39.85 24.89 11.97
C GLN C 287 -39.51 24.67 13.47
N ARG C 288 -40.33 23.90 14.18
CA ARG C 288 -40.14 23.70 15.62
C ARG C 288 -38.72 23.32 16.01
N LEU C 289 -38.10 22.50 15.20
CA LEU C 289 -36.76 22.01 15.49
C LEU C 289 -35.68 23.05 15.19
N GLY C 290 -36.07 24.10 14.49
CA GLY C 290 -35.15 25.15 14.11
C GLY C 290 -34.22 24.70 13.01
N VAL C 291 -34.73 23.83 12.13
CA VAL C 291 -33.98 23.41 10.94
C VAL C 291 -34.18 24.41 9.82
N TYR C 292 -35.44 24.78 9.58
CA TYR C 292 -35.79 25.78 8.58
C TYR C 292 -37.06 26.43 9.04
N THR C 293 -36.96 27.73 9.32
CA THR C 293 -38.02 28.48 9.97
C THR C 293 -38.60 29.53 9.07
N ALA C 294 -39.76 30.05 9.44
CA ALA C 294 -40.36 31.22 8.76
C ALA C 294 -39.37 32.41 8.74
N LYS C 295 -38.50 32.46 9.76
CA LYS C 295 -37.45 33.49 9.86
C LYS C 295 -36.34 33.27 8.86
N ASP C 296 -35.97 32.01 8.63
CA ASP C 296 -34.94 31.70 7.68
C ASP C 296 -35.35 32.22 6.31
N TYR C 297 -36.61 32.02 5.94
CA TYR C 297 -37.14 32.44 4.67
C TYR C 297 -36.94 33.97 4.48
N ALA C 298 -37.09 34.70 5.58
CA ALA C 298 -36.87 36.13 5.57
C ALA C 298 -35.40 36.49 5.38
N ASP C 299 -34.53 35.85 6.14
CA ASP C 299 -33.09 36.13 6.04
C ASP C 299 -32.55 35.89 4.62
N ILE C 300 -33.07 34.86 3.96
CA ILE C 300 -32.65 34.54 2.61
C ILE C 300 -33.03 35.72 1.73
N LEU C 301 -34.29 36.10 1.83
CA LEU C 301 -34.81 37.22 1.09
C LEU C 301 -33.96 38.47 1.24
N GLU C 302 -33.70 38.82 2.50
CA GLU C 302 -32.92 40.01 2.82
C GLU C 302 -31.48 39.88 2.33
N PHE C 303 -30.88 38.70 2.51
CA PHE C 303 -29.55 38.45 1.98
C PHE C 303 -29.47 38.75 0.45
N LEU C 304 -30.40 38.19 -0.31
CA LEU C 304 -30.47 38.34 -1.76
C LEU C 304 -30.71 39.78 -2.21
N VAL C 305 -31.52 40.50 -1.44
CA VAL C 305 -31.73 41.92 -1.65
C VAL C 305 -30.39 42.67 -1.54
N GLY C 306 -29.59 42.27 -0.57
CA GLY C 306 -28.29 42.90 -0.32
C GLY C 306 -27.25 42.38 -1.28
N ARG C 307 -27.28 41.07 -1.53
CA ARG C 307 -26.32 40.40 -2.42
C ARG C 307 -26.44 40.88 -3.87
N TRP C 308 -27.64 41.24 -4.29
CA TRP C 308 -27.85 41.69 -5.67
C TRP C 308 -27.88 43.19 -5.80
N LYS C 309 -27.72 43.88 -4.66
CA LYS C 309 -27.68 45.33 -4.60
C LYS C 309 -28.96 45.96 -5.15
N VAL C 310 -30.08 45.32 -4.85
CA VAL C 310 -31.37 45.85 -5.27
C VAL C 310 -31.60 47.30 -4.86
N ASP C 311 -31.26 47.65 -3.62
CA ASP C 311 -31.40 49.03 -3.09
C ASP C 311 -30.58 50.08 -3.83
N LYS C 312 -29.37 49.69 -4.26
CA LYS C 312 -28.42 50.58 -4.94
C LYS C 312 -28.78 50.80 -6.43
N LEU C 313 -29.87 50.17 -6.87
CA LEU C 313 -30.30 50.28 -8.26
C LEU C 313 -30.92 51.64 -8.53
N THR C 314 -30.59 52.21 -9.67
CA THR C 314 -31.13 53.50 -10.08
C THR C 314 -31.49 53.49 -11.57
N GLY C 315 -32.33 54.44 -11.98
CA GLY C 315 -32.79 54.52 -13.36
C GLY C 315 -33.78 53.41 -13.69
N LEU C 316 -34.75 53.20 -12.81
CA LEU C 316 -35.79 52.19 -13.01
C LEU C 316 -37.11 52.85 -13.38
N SER C 317 -37.94 52.13 -14.14
CA SER C 317 -39.25 52.63 -14.55
C SER C 317 -40.17 52.69 -13.33
N ALA C 318 -41.21 53.53 -13.41
CA ALA C 318 -42.21 53.61 -12.34
C ALA C 318 -42.60 52.21 -11.92
N GLU C 319 -42.48 51.29 -12.87
CA GLU C 319 -42.68 49.86 -12.65
C GLU C 319 -41.55 49.24 -11.80
N GLY C 320 -40.31 49.44 -12.25
CA GLY C 320 -39.11 49.03 -11.51
C GLY C 320 -39.05 49.56 -10.09
N GLN C 321 -39.46 50.81 -9.88
CA GLN C 321 -39.39 51.44 -8.56
C GLN C 321 -40.38 50.85 -7.53
N LYS C 322 -41.62 50.62 -7.96
CA LYS C 322 -42.63 49.97 -7.12
C LYS C 322 -42.14 48.58 -6.70
N ALA C 323 -41.57 47.86 -7.67
CA ALA C 323 -41.01 46.54 -7.46
C ALA C 323 -39.84 46.57 -6.48
N GLN C 324 -38.89 47.46 -6.78
CA GLN C 324 -37.67 47.66 -5.95
C GLN C 324 -38.03 47.90 -4.49
N ASP C 325 -38.99 48.79 -4.28
CA ASP C 325 -39.47 49.13 -2.95
C ASP C 325 -40.15 47.95 -2.23
N TYR C 326 -41.04 47.27 -2.94
CA TYR C 326 -41.76 46.13 -2.41
C TYR C 326 -40.77 45.10 -1.88
N VAL C 327 -39.74 44.80 -2.67
CA VAL C 327 -38.74 43.77 -2.34
C VAL C 327 -37.88 44.12 -1.14
N CYS C 328 -37.42 45.37 -1.07
CA CYS C 328 -36.61 45.88 0.04
C CYS C 328 -37.36 45.96 1.39
N ARG C 329 -38.70 46.00 1.36
CA ARG C 329 -39.49 46.22 2.58
C ARG C 329 -40.33 45.03 2.96
N LEU C 330 -40.17 43.93 2.23
CA LEU C 330 -40.90 42.70 2.50
C LEU C 330 -40.30 41.88 3.66
N PRO C 331 -38.95 41.83 3.76
CA PRO C 331 -38.35 40.99 4.83
C PRO C 331 -38.82 41.32 6.27
N PRO C 332 -38.70 42.59 6.74
CA PRO C 332 -39.22 42.93 8.08
C PRO C 332 -40.73 42.67 8.25
N ARG C 333 -41.51 42.96 7.19
CA ARG C 333 -42.94 42.67 7.18
C ARG C 333 -43.20 41.18 7.41
N ILE C 334 -42.50 40.34 6.65
CA ILE C 334 -42.56 38.88 6.83
C ILE C 334 -42.06 38.46 8.22
N ARG C 335 -41.02 39.15 8.69
CA ARG C 335 -40.42 38.89 10.00
C ARG C 335 -41.49 39.02 11.10
N ARG C 336 -41.79 40.25 11.49
CA ARG C 336 -42.80 40.52 12.51
C ARG C 336 -43.99 39.56 12.42
N LEU C 337 -44.67 39.56 11.28
CA LEU C 337 -45.83 38.70 11.02
C LEU C 337 -45.61 37.24 11.46
N GLU C 338 -44.87 36.49 10.66
CA GLU C 338 -44.57 35.07 10.97
C GLU C 338 -43.44 34.94 12.02
N GLU C 339 -43.44 35.90 12.94
CA GLU C 339 -42.53 35.97 14.10
C GLU C 339 -43.26 35.37 15.30
N ARG C 340 -44.31 36.06 15.76
CA ARG C 340 -45.16 35.59 16.87
C ARG C 340 -45.70 34.16 16.69
N ALA C 341 -44.90 33.16 17.08
CA ALA C 341 -45.33 31.78 17.09
C ALA C 341 -46.02 31.45 18.44
N GLN C 342 -47.13 32.15 18.68
CA GLN C 342 -47.94 31.98 19.89
C GLN C 342 -48.91 30.78 19.82
N GLY C 343 -49.92 30.91 18.94
CA GLY C 343 -51.00 29.92 18.83
C GLY C 343 -50.67 28.64 18.08
N ARG C 344 -49.41 28.46 17.70
CA ARG C 344 -49.01 27.31 16.85
C ARG C 344 -47.68 26.65 17.28
N ALA C 345 -46.88 27.37 18.07
CA ALA C 345 -45.59 26.83 18.57
C ALA C 345 -45.78 26.09 19.90
N LYS C 346 -46.42 26.71 20.85
CA LYS C 346 -46.66 26.13 22.14
C LYS C 346 -47.69 24.99 22.06
N GLU C 347 -48.90 25.31 21.57
CA GLU C 347 -50.06 24.40 21.56
C GLU C 347 -50.05 23.46 20.36
N ALA C 348 -48.87 23.21 19.81
CA ALA C 348 -48.79 22.27 18.71
C ALA C 348 -49.16 20.86 19.18
N PRO C 349 -50.12 20.21 18.49
CA PRO C 349 -50.51 18.83 18.85
C PRO C 349 -49.44 17.84 18.41
N THR C 350 -49.53 16.63 18.94
CA THR C 350 -48.69 15.51 18.56
C THR C 350 -49.34 14.80 17.36
N MET C 351 -48.52 14.34 16.42
CA MET C 351 -49.04 13.74 15.21
C MET C 351 -48.22 12.56 14.70
N PRO C 352 -48.91 11.50 14.26
CA PRO C 352 -48.22 10.35 13.70
C PRO C 352 -47.75 10.60 12.28
N PHE C 353 -46.59 10.02 11.93
CA PHE C 353 -46.05 10.06 10.60
C PHE C 353 -45.80 8.66 10.08
N SER C 354 -46.34 8.36 8.91
CA SER C 354 -46.09 7.04 8.36
C SER C 354 -44.61 6.80 8.07
N TRP C 355 -43.79 7.85 7.99
CA TRP C 355 -42.34 7.71 7.78
C TRP C 355 -41.63 7.06 8.94
N ILE C 356 -42.26 7.09 10.10
CA ILE C 356 -41.71 6.45 11.30
C ILE C 356 -42.69 5.43 11.93
N PHE C 357 -43.33 4.63 11.07
CA PHE C 357 -44.30 3.60 11.45
C PHE C 357 -45.43 4.13 12.35
N ASP C 358 -45.91 5.33 12.03
CA ASP C 358 -47.00 6.00 12.74
C ASP C 358 -46.64 6.33 14.18
N ARG C 359 -45.37 6.27 14.57
CA ARG C 359 -44.96 6.93 15.80
C ARG C 359 -45.30 8.43 15.67
N GLN C 360 -45.43 9.11 16.81
CA GLN C 360 -45.91 10.50 16.83
C GLN C 360 -44.87 11.47 17.32
N VAL C 361 -44.82 12.63 16.67
CA VAL C 361 -43.92 13.71 17.08
C VAL C 361 -44.68 15.02 17.18
N LYS C 362 -44.14 15.95 17.97
CA LYS C 362 -44.78 17.24 18.28
C LYS C 362 -44.67 18.09 17.05
N LEU C 363 -45.79 18.60 16.55
CA LEU C 363 -45.79 19.56 15.41
C LEU C 363 -45.37 20.98 15.83
N PRO D 17 31.26 13.84 15.24
CA PRO D 17 30.03 14.48 14.74
C PRO D 17 28.75 14.22 15.57
N PHE D 18 27.61 14.55 14.95
CA PHE D 18 26.27 14.03 15.32
C PHE D 18 25.84 14.49 16.70
N MET D 19 25.93 15.80 16.85
CA MET D 19 25.59 16.55 18.06
C MET D 19 24.31 17.33 17.77
N PRO D 20 23.20 16.92 18.42
CA PRO D 20 21.94 17.67 18.35
C PRO D 20 22.07 19.03 19.05
N PRO D 21 21.30 20.04 18.59
CA PRO D 21 21.32 21.32 19.28
C PRO D 21 20.80 21.12 20.71
N ARG D 22 21.19 22.01 21.61
CA ARG D 22 20.71 21.96 22.98
C ARG D 22 20.09 23.27 23.35
N GLU D 23 19.39 23.24 24.48
CA GLU D 23 18.82 24.44 25.09
C GLU D 23 19.95 25.35 25.51
N VAL D 24 19.90 26.60 25.04
CA VAL D 24 20.99 27.56 25.29
C VAL D 24 20.75 28.44 26.52
N HIS D 25 19.62 28.27 27.18
CA HIS D 25 19.34 29.03 28.39
C HIS D 25 19.47 28.19 29.66
N VAL D 26 19.82 28.87 30.75
CA VAL D 26 19.92 28.27 32.10
C VAL D 26 18.60 27.66 32.51
N GLN D 27 18.69 26.52 33.18
CA GLN D 27 17.53 25.72 33.60
C GLN D 27 17.06 26.25 34.94
N VAL D 28 15.83 26.76 34.98
CA VAL D 28 15.22 27.34 36.20
C VAL D 28 14.02 26.48 36.65
N THR D 29 14.14 25.83 37.79
CA THR D 29 13.08 24.95 38.28
C THR D 29 12.33 25.55 39.46
N HIS D 30 11.07 25.13 39.62
CA HIS D 30 10.20 25.47 40.77
C HIS D 30 10.19 26.94 41.17
N SER D 31 9.91 27.80 40.18
CA SER D 31 9.80 29.25 40.38
C SER D 31 8.54 29.68 41.12
N MET D 32 7.41 29.02 40.82
CA MET D 32 6.15 29.31 41.53
C MET D 32 6.25 29.05 43.05
N PRO D 33 5.77 30.01 43.89
CA PRO D 33 5.78 29.82 45.35
C PRO D 33 5.00 28.55 45.73
N PRO D 34 5.59 27.69 46.58
CA PRO D 34 5.07 26.34 46.86
C PRO D 34 3.68 26.38 47.49
N GLN D 35 3.34 27.48 48.16
CA GLN D 35 1.99 27.62 48.74
C GLN D 35 0.90 27.66 47.67
N LYS D 36 1.24 28.17 46.48
CA LYS D 36 0.23 28.36 45.45
C LYS D 36 -0.23 27.04 44.86
N ILE D 37 0.44 25.96 45.28
CA ILE D 37 0.12 24.57 44.87
C ILE D 37 -1.29 24.20 45.34
N GLU D 38 -1.69 24.77 46.47
CA GLU D 38 -3.03 24.54 47.01
C GLU D 38 -4.13 25.14 46.11
N ILE D 39 -3.84 26.27 45.48
CA ILE D 39 -4.82 26.89 44.57
C ILE D 39 -5.34 25.86 43.57
N PHE D 40 -4.44 25.00 43.10
CA PHE D 40 -4.79 24.01 42.08
C PHE D 40 -5.50 22.81 42.66
N LYS D 41 -5.06 22.35 43.83
CA LYS D 41 -5.80 21.30 44.55
C LYS D 41 -7.27 21.73 44.74
N SER D 42 -7.48 23.00 45.11
CA SER D 42 -8.81 23.60 45.29
C SER D 42 -9.64 23.64 44.01
N LEU D 43 -8.97 23.87 42.89
CA LEU D 43 -9.63 24.02 41.59
C LEU D 43 -9.96 22.68 40.94
N ASP D 44 -9.71 21.59 41.67
CA ASP D 44 -9.93 20.25 41.13
C ASP D 44 -11.33 20.10 40.54
N ASN D 45 -12.33 20.24 41.41
CA ASN D 45 -13.72 20.19 40.99
C ASN D 45 -14.00 21.16 39.85
N TRP D 46 -13.52 22.39 39.98
CA TRP D 46 -13.73 23.40 38.94
C TRP D 46 -13.21 22.89 37.60
N ALA D 47 -11.98 22.39 37.59
CA ALA D 47 -11.39 21.78 36.39
C ALA D 47 -12.27 20.67 35.83
N GLU D 48 -12.86 19.89 36.74
CA GLU D 48 -13.69 18.76 36.34
C GLU D 48 -15.00 19.18 35.74
N GLU D 49 -15.17 20.48 35.50
CA GLU D 49 -16.46 21.01 35.05
C GLU D 49 -16.28 22.08 34.00
N ASN D 50 -15.08 22.62 33.92
CA ASN D 50 -14.80 23.66 32.97
C ASN D 50 -13.71 23.26 31.99
N ILE D 51 -12.95 22.23 32.34
CA ILE D 51 -11.82 21.80 31.52
C ILE D 51 -12.07 20.41 30.87
N LEU D 52 -12.21 19.37 31.71
CA LEU D 52 -12.49 18.03 31.22
C LEU D 52 -13.65 18.00 30.23
N VAL D 53 -14.55 18.99 30.31
CA VAL D 53 -15.69 19.07 29.35
C VAL D 53 -15.25 19.30 27.88
N HIS D 54 -14.00 19.73 27.68
CA HIS D 54 -13.47 19.95 26.32
C HIS D 54 -12.76 18.72 25.71
N LEU D 55 -12.70 17.65 26.49
CA LEU D 55 -12.26 16.36 25.97
C LEU D 55 -13.45 15.71 25.30
N LYS D 56 -13.19 15.20 24.09
CA LYS D 56 -14.14 14.35 23.32
C LYS D 56 -14.02 12.89 23.85
N PRO D 57 -15.16 12.30 24.31
CA PRO D 57 -15.14 10.92 24.79
C PRO D 57 -14.65 9.96 23.70
N VAL D 58 -13.80 9.02 24.09
CA VAL D 58 -13.22 8.04 23.17
C VAL D 58 -14.14 7.53 22.10
N GLU D 59 -15.28 6.98 22.48
CA GLU D 59 -16.22 6.33 21.52
C GLU D 59 -16.65 7.29 20.45
N LYS D 60 -16.62 8.58 20.74
CA LYS D 60 -17.05 9.61 19.79
C LYS D 60 -15.91 10.23 19.02
N CYS D 61 -14.68 9.78 19.24
CA CYS D 61 -13.54 10.35 18.58
C CYS D 61 -13.21 9.69 17.24
N TRP D 62 -12.69 10.47 16.31
CA TRP D 62 -12.22 9.95 15.04
C TRP D 62 -10.96 9.15 15.35
N GLN D 63 -10.59 8.24 14.46
CA GLN D 63 -9.34 7.50 14.64
C GLN D 63 -8.51 7.55 13.34
N PRO D 64 -7.19 7.35 13.44
CA PRO D 64 -6.45 7.43 12.18
C PRO D 64 -7.05 6.61 11.04
N GLN D 65 -7.53 5.40 11.32
CA GLN D 65 -8.10 4.57 10.25
C GLN D 65 -9.22 5.23 9.43
N ASP D 66 -9.96 6.11 10.06
CA ASP D 66 -11.02 6.81 9.39
C ASP D 66 -10.50 7.59 8.19
N PHE D 67 -9.21 7.95 8.15
CA PHE D 67 -8.73 8.80 7.05
C PHE D 67 -7.71 8.17 6.14
N LEU D 68 -7.49 6.88 6.32
CA LEU D 68 -6.47 6.17 5.62
C LEU D 68 -7.11 5.13 4.75
N PRO D 69 -6.42 4.71 3.69
CA PRO D 69 -6.85 3.49 2.99
C PRO D 69 -7.17 2.35 4.00
N ASP D 70 -8.26 1.66 3.73
CA ASP D 70 -8.72 0.58 4.58
C ASP D 70 -8.03 -0.71 4.16
N PRO D 71 -7.08 -1.24 4.98
CA PRO D 71 -6.31 -2.42 4.56
C PRO D 71 -7.10 -3.71 4.61
N ALA D 72 -8.31 -3.71 5.17
CA ALA D 72 -9.14 -4.91 5.13
C ALA D 72 -10.28 -4.77 4.14
N SER D 73 -10.09 -3.93 3.14
CA SER D 73 -11.09 -3.70 2.10
C SER D 73 -10.59 -4.06 0.73
N ASP D 74 -11.48 -4.51 -0.16
CA ASP D 74 -11.05 -4.82 -1.52
C ASP D 74 -10.58 -3.57 -2.22
N GLY D 75 -10.97 -2.42 -1.69
CA GLY D 75 -10.56 -1.13 -2.17
C GLY D 75 -9.18 -0.65 -1.76
N PHE D 76 -8.50 -1.38 -0.89
CA PHE D 76 -7.20 -0.95 -0.41
C PHE D 76 -6.20 -0.52 -1.52
N ASP D 77 -5.98 -1.38 -2.50
CA ASP D 77 -5.04 -1.08 -3.54
C ASP D 77 -5.43 0.24 -4.20
N GLU D 78 -6.59 0.34 -4.82
CA GLU D 78 -6.90 1.58 -5.52
C GLU D 78 -6.80 2.84 -4.60
N GLN D 79 -7.04 2.67 -3.32
CA GLN D 79 -7.07 3.78 -2.39
C GLN D 79 -5.67 4.19 -2.13
N VAL D 80 -4.77 3.21 -1.97
CA VAL D 80 -3.34 3.52 -1.78
C VAL D 80 -2.78 4.18 -3.04
N ARG D 81 -3.26 3.72 -4.17
CA ARG D 81 -2.83 4.18 -5.46
C ARG D 81 -3.30 5.65 -5.73
N GLU D 82 -4.55 5.94 -5.46
CA GLU D 82 -5.04 7.31 -5.60
C GLU D 82 -4.29 8.25 -4.65
N LEU D 83 -3.98 7.74 -3.45
CA LEU D 83 -3.29 8.55 -2.44
C LEU D 83 -1.91 9.00 -2.96
N ARG D 84 -1.20 8.04 -3.54
CA ARG D 84 0.11 8.33 -4.12
C ARG D 84 0.04 9.22 -5.34
N GLU D 85 -1.02 9.10 -6.13
CA GLU D 85 -1.11 9.89 -7.34
C GLU D 85 -1.33 11.33 -6.97
N ARG D 86 -2.25 11.56 -6.05
CA ARG D 86 -2.51 12.89 -5.53
C ARG D 86 -1.26 13.53 -4.97
N ALA D 87 -0.45 12.75 -4.27
CA ALA D 87 0.78 13.23 -3.61
C ALA D 87 1.85 13.72 -4.60
N LYS D 88 1.82 13.21 -5.83
CA LYS D 88 2.73 13.68 -6.85
C LYS D 88 2.44 15.12 -7.19
N GLU D 89 1.18 15.51 -7.13
CA GLU D 89 0.79 16.91 -7.41
C GLU D 89 1.03 17.83 -6.21
N ILE D 90 1.52 17.31 -5.10
CA ILE D 90 1.81 18.18 -3.98
C ILE D 90 3.33 18.46 -3.95
N PRO D 91 3.70 19.72 -3.99
CA PRO D 91 5.11 20.05 -4.17
C PRO D 91 6.00 19.74 -2.95
N ASP D 92 7.31 19.67 -3.19
CA ASP D 92 8.25 19.28 -2.13
C ASP D 92 8.19 20.22 -0.92
N ASP D 93 8.09 21.53 -1.22
CA ASP D 93 7.95 22.63 -0.26
C ASP D 93 7.02 22.25 0.86
N TYR D 94 5.79 21.99 0.45
CA TYR D 94 4.72 21.62 1.30
C TYR D 94 5.01 20.33 2.11
N PHE D 95 5.60 19.31 1.49
CA PHE D 95 5.94 18.07 2.23
C PHE D 95 6.94 18.37 3.34
N VAL D 96 7.83 19.33 3.09
CA VAL D 96 8.81 19.67 4.10
C VAL D 96 8.12 20.14 5.37
N VAL D 97 7.19 21.07 5.19
CA VAL D 97 6.44 21.66 6.29
C VAL D 97 5.61 20.59 6.94
N LEU D 98 4.88 19.84 6.13
CA LEU D 98 4.03 18.78 6.65
C LEU D 98 4.83 17.75 7.47
N VAL D 99 6.03 17.42 6.99
CA VAL D 99 6.89 16.47 7.66
C VAL D 99 7.30 17.03 9.02
N GLY D 100 7.67 18.31 9.05
CA GLY D 100 8.01 18.96 10.29
C GLY D 100 6.86 18.94 11.30
N ASP D 101 5.64 19.11 10.82
CA ASP D 101 4.50 19.16 11.68
C ASP D 101 4.31 17.84 12.24
N MET D 102 4.47 16.79 11.40
CA MET D 102 4.31 15.42 11.82
C MET D 102 5.34 15.03 12.82
N ILE D 103 6.58 15.44 12.58
CA ILE D 103 7.68 15.15 13.53
C ILE D 103 7.41 15.79 14.87
N THR D 104 6.96 17.02 14.84
CA THR D 104 6.55 17.70 16.07
C THR D 104 5.55 16.86 16.85
N GLU D 105 4.55 16.31 16.15
CA GLU D 105 3.50 15.54 16.79
C GLU D 105 4.03 14.26 17.34
N GLU D 106 4.93 13.60 16.64
CA GLU D 106 5.43 12.33 17.14
C GLU D 106 6.32 12.44 18.36
N ALA D 107 6.78 13.65 18.71
CA ALA D 107 7.59 13.78 19.95
C ALA D 107 6.68 14.02 21.20
N LEU D 108 5.45 13.52 21.08
CA LEU D 108 4.41 13.54 22.08
C LEU D 108 4.83 13.23 23.53
N PRO D 109 5.56 12.10 23.75
CA PRO D 109 5.90 11.76 25.14
C PRO D 109 6.54 12.89 25.86
N THR D 110 7.44 13.62 25.19
CA THR D 110 7.99 14.89 25.73
C THR D 110 6.92 15.84 26.28
N TYR D 111 5.78 15.96 25.58
CA TYR D 111 4.78 16.98 25.92
C TYR D 111 3.95 16.53 27.10
N GLN D 112 3.80 15.21 27.25
CA GLN D 112 3.12 14.72 28.41
C GLN D 112 4.04 15.00 29.58
N THR D 113 5.34 14.79 29.41
CA THR D 113 6.29 15.14 30.47
C THR D 113 6.19 16.63 30.83
N MET D 114 6.01 17.50 29.83
CA MET D 114 5.95 18.98 30.01
C MET D 114 4.84 19.37 30.99
N LEU D 115 3.71 18.70 30.87
CA LEU D 115 2.59 18.92 31.74
C LEU D 115 2.85 18.25 33.07
N ASN D 116 3.54 17.12 33.06
CA ASN D 116 3.85 16.46 34.33
C ASN D 116 4.99 17.13 35.11
N THR D 117 5.49 18.25 34.61
CA THR D 117 6.51 18.95 35.38
C THR D 117 5.90 20.08 36.21
N LEU D 118 4.62 20.36 35.95
CA LEU D 118 3.96 21.49 36.59
C LEU D 118 3.53 21.19 38.03
N ASP D 119 3.89 22.08 38.94
CA ASP D 119 3.91 21.78 40.38
C ASP D 119 2.57 21.32 40.95
N GLY D 120 1.51 22.07 40.68
CA GLY D 120 0.24 21.74 41.33
C GLY D 120 -0.67 20.82 40.53
N VAL D 121 -0.16 20.31 39.40
CA VAL D 121 -1.00 19.60 38.45
C VAL D 121 -0.43 18.26 37.98
N ARG D 122 0.83 17.99 38.30
CA ARG D 122 1.43 16.76 37.85
C ARG D 122 0.65 15.50 38.24
N ASP D 123 0.74 14.48 37.40
CA ASP D 123 0.27 13.14 37.72
C ASP D 123 1.34 12.47 38.56
N GLU D 124 1.07 12.27 39.85
CA GLU D 124 2.06 11.71 40.79
C GLU D 124 2.33 10.21 40.66
N THR D 125 1.54 9.47 39.89
CA THR D 125 1.64 8.01 39.88
C THR D 125 1.67 7.45 38.49
N GLY D 126 1.00 8.16 37.58
CA GLY D 126 0.81 7.70 36.22
C GLY D 126 -0.65 7.36 35.97
N ALA D 127 -1.47 7.43 37.02
CA ALA D 127 -2.90 7.08 36.95
C ALA D 127 -3.66 7.80 38.03
N SER D 128 -3.26 9.03 38.34
CA SER D 128 -3.88 9.80 39.44
C SER D 128 -5.34 10.14 39.14
N PRO D 129 -6.25 9.87 40.08
CA PRO D 129 -7.65 10.25 39.92
C PRO D 129 -7.95 11.76 39.88
N THR D 130 -6.94 12.62 40.05
CA THR D 130 -7.18 14.06 40.01
C THR D 130 -7.66 14.47 38.62
N SER D 131 -8.49 15.50 38.57
CA SER D 131 -8.92 16.14 37.31
C SER D 131 -7.72 16.55 36.41
N TRP D 132 -6.65 17.06 37.02
CA TRP D 132 -5.51 17.52 36.29
C TRP D 132 -4.84 16.33 35.61
N ALA D 133 -4.63 15.25 36.37
CA ALA D 133 -3.98 14.08 35.80
C ALA D 133 -4.86 13.43 34.75
N ILE D 134 -6.18 13.42 34.97
CA ILE D 134 -7.13 12.89 34.03
C ILE D 134 -7.03 13.63 32.69
N TRP D 135 -7.07 14.96 32.74
CA TRP D 135 -6.86 15.79 31.55
C TRP D 135 -5.56 15.46 30.79
N THR D 136 -4.44 15.39 31.52
CA THR D 136 -3.13 15.17 30.94
C THR D 136 -3.12 13.86 30.17
N ARG D 137 -3.74 12.84 30.73
CA ARG D 137 -3.71 11.54 30.09
C ARG D 137 -4.65 11.49 28.87
N ALA D 138 -5.80 12.14 28.97
CA ALA D 138 -6.75 12.17 27.87
C ALA D 138 -6.30 13.07 26.73
N TRP D 139 -5.64 14.16 27.10
CA TRP D 139 -5.10 15.09 26.13
C TRP D 139 -4.02 14.37 25.37
N THR D 140 -3.23 13.57 26.09
CA THR D 140 -2.12 12.82 25.46
C THR D 140 -2.69 11.81 24.48
N ALA D 141 -3.67 11.05 24.94
CA ALA D 141 -4.37 10.06 24.14
C ALA D 141 -4.95 10.67 22.86
N GLU D 142 -5.45 11.89 22.94
CA GLU D 142 -5.92 12.56 21.75
C GLU D 142 -4.77 12.92 20.79
N GLU D 143 -3.67 13.43 21.33
CA GLU D 143 -2.58 13.88 20.54
C GLU D 143 -1.92 12.71 19.80
N ASN D 144 -1.89 11.56 20.47
CA ASN D 144 -1.31 10.39 19.85
C ASN D 144 -1.84 10.05 18.46
N ARG D 145 -3.12 10.30 18.22
CA ARG D 145 -3.70 10.03 16.92
C ARG D 145 -3.19 10.96 15.82
N HIS D 146 -2.77 12.16 16.20
CA HIS D 146 -2.24 13.12 15.22
C HIS D 146 -0.98 12.62 14.56
N GLY D 147 -0.02 12.13 15.37
CA GLY D 147 1.23 11.53 14.89
C GLY D 147 0.97 10.31 14.02
N ASP D 148 0.15 9.38 14.52
CA ASP D 148 -0.17 8.16 13.81
C ASP D 148 -0.73 8.46 12.43
N LEU D 149 -1.61 9.45 12.36
CA LEU D 149 -2.30 9.67 11.13
C LEU D 149 -1.35 10.27 10.10
N LEU D 150 -0.61 11.30 10.53
CA LEU D 150 0.32 11.99 9.65
C LEU D 150 1.45 11.06 9.18
N ASN D 151 1.88 10.21 10.10
CA ASN D 151 2.90 9.20 9.83
C ASN D 151 2.51 8.26 8.71
N LYS D 152 1.38 7.56 8.88
CA LYS D 152 0.91 6.68 7.83
C LYS D 152 0.68 7.38 6.49
N TYR D 153 0.15 8.61 6.52
CA TYR D 153 -0.08 9.34 5.31
C TYR D 153 1.29 9.61 4.57
N LEU D 154 2.29 10.09 5.30
CA LEU D 154 3.62 10.32 4.72
C LEU D 154 4.30 9.01 4.23
N TYR D 155 4.20 7.94 5.02
CA TYR D 155 4.62 6.62 4.62
C TYR D 155 3.97 6.16 3.33
N LEU D 156 2.66 6.22 3.20
CA LEU D 156 2.05 5.73 1.96
C LEU D 156 2.34 6.62 0.77
N SER D 157 2.70 7.88 1.02
CA SER D 157 2.85 8.85 -0.06
C SER D 157 3.98 8.54 -1.03
N GLY D 158 5.07 8.00 -0.49
CA GLY D 158 6.31 7.79 -1.25
C GLY D 158 6.97 9.06 -1.69
N ARG D 159 6.61 10.18 -1.08
CA ARG D 159 7.21 11.45 -1.47
C ARG D 159 8.33 11.88 -0.54
N VAL D 160 8.53 11.13 0.54
CA VAL D 160 9.43 11.53 1.58
C VAL D 160 10.23 10.34 2.11
N ASP D 161 11.35 10.65 2.75
CA ASP D 161 12.27 9.65 3.18
C ASP D 161 12.01 9.26 4.63
N MET D 162 11.24 8.21 4.84
CA MET D 162 10.84 7.80 6.21
C MET D 162 12.01 7.47 7.13
N ARG D 163 13.14 7.08 6.55
CA ARG D 163 14.23 6.68 7.42
C ARG D 163 14.92 7.89 8.02
N GLN D 164 15.01 8.97 7.24
CA GLN D 164 15.56 10.21 7.75
C GLN D 164 14.59 10.91 8.72
N ILE D 165 13.29 10.68 8.50
CA ILE D 165 12.24 11.21 9.35
C ILE D 165 12.19 10.46 10.69
N GLU D 166 12.28 9.15 10.62
CA GLU D 166 12.25 8.37 11.81
C GLU D 166 13.45 8.72 12.64
N LYS D 167 14.59 8.96 11.97
CA LYS D 167 15.85 9.33 12.67
C LYS D 167 15.76 10.72 13.32
N THR D 168 15.23 11.70 12.61
CA THR D 168 14.92 12.99 13.22
C THR D 168 14.07 12.82 14.50
N ILE D 169 13.01 12.02 14.44
CA ILE D 169 12.13 11.85 15.55
C ILE D 169 12.88 11.25 16.73
N GLN D 170 13.73 10.27 16.52
CA GLN D 170 14.50 9.75 17.66
C GLN D 170 15.48 10.79 18.27
N TYR D 171 16.02 11.68 17.45
CA TYR D 171 16.89 12.72 17.99
C TYR D 171 16.02 13.63 18.82
N LEU D 172 14.84 13.93 18.30
CA LEU D 172 13.91 14.84 18.98
C LEU D 172 13.51 14.42 20.39
N ILE D 173 13.12 13.17 20.56
CA ILE D 173 12.73 12.62 21.87
C ILE D 173 13.93 12.57 22.83
N GLY D 174 15.09 12.21 22.28
CA GLY D 174 16.31 12.20 23.05
C GLY D 174 16.61 13.57 23.59
N SER D 175 16.33 14.57 22.77
CA SER D 175 16.64 15.94 23.10
C SER D 175 15.65 16.52 24.09
N GLY D 176 14.38 16.19 23.86
CA GLY D 176 13.31 16.73 24.63
C GLY D 176 13.19 18.21 24.33
N MET D 177 12.67 18.93 25.30
CA MET D 177 12.58 20.35 25.19
C MET D 177 12.41 20.94 26.55
N ASP D 178 12.95 22.14 26.72
CA ASP D 178 12.65 23.00 27.89
C ASP D 178 11.89 24.29 27.52
N PRO D 179 10.54 24.31 27.66
CA PRO D 179 9.70 25.48 27.32
C PRO D 179 9.83 26.61 28.31
N ARG D 180 10.67 26.40 29.33
CA ARG D 180 11.06 27.41 30.33
C ARG D 180 9.89 27.81 31.22
N THR D 181 9.07 26.82 31.54
CA THR D 181 7.86 26.94 32.36
C THR D 181 8.16 26.81 33.86
N GLU D 182 9.37 26.37 34.17
CA GLU D 182 9.90 26.44 35.54
C GLU D 182 9.01 25.73 36.55
N ASN D 183 8.27 24.72 36.06
CA ASN D 183 7.32 23.93 36.88
C ASN D 183 6.10 24.73 37.33
N SER D 184 5.92 25.92 36.79
CA SER D 184 4.80 26.76 37.17
C SER D 184 3.58 26.49 36.30
N PRO D 185 2.49 26.02 36.92
CA PRO D 185 1.24 25.85 36.21
C PRO D 185 0.83 27.16 35.53
N TYR D 186 1.25 28.29 36.07
CA TYR D 186 0.90 29.57 35.46
C TYR D 186 1.56 29.66 34.10
N LEU D 187 2.90 29.51 34.10
CA LEU D 187 3.69 29.62 32.89
C LEU D 187 3.27 28.50 31.96
N GLY D 188 3.18 27.28 32.48
CA GLY D 188 2.77 26.12 31.70
C GLY D 188 1.53 26.34 30.86
N PHE D 189 0.41 26.72 31.51
CA PHE D 189 -0.84 26.85 30.78
C PHE D 189 -0.86 28.06 29.88
N ILE D 190 -0.07 29.08 30.21
CA ILE D 190 0.10 30.19 29.27
C ILE D 190 0.77 29.61 28.05
N TYR D 191 1.88 28.91 28.27
CA TYR D 191 2.63 28.33 27.19
C TYR D 191 1.73 27.50 26.30
N THR D 192 1.06 26.50 26.87
CA THR D 192 0.25 25.60 26.06
C THR D 192 -0.95 26.31 25.39
N SER D 193 -1.46 27.38 26.01
CA SER D 193 -2.48 28.18 25.35
C SER D 193 -1.94 28.69 24.00
N PHE D 194 -0.72 29.23 24.03
CA PHE D 194 -0.10 29.79 22.85
C PHE D 194 0.17 28.69 21.81
N GLN D 195 0.75 27.57 22.25
CA GLN D 195 1.11 26.53 21.33
C GLN D 195 -0.09 25.90 20.64
N GLU D 196 -1.13 25.63 21.41
CA GLU D 196 -2.35 25.06 20.84
C GLU D 196 -2.95 25.93 19.74
N ARG D 197 -2.89 27.23 19.91
CA ARG D 197 -3.36 28.09 18.86
C ARG D 197 -2.42 28.01 17.64
N ALA D 198 -1.12 28.03 17.90
CA ALA D 198 -0.15 27.93 16.80
C ALA D 198 -0.43 26.67 15.99
N ASP D 199 -0.50 25.52 16.69
CA ASP D 199 -0.91 24.26 16.08
C ASP D 199 -2.23 24.37 15.28
N PHE D 200 -3.21 25.11 15.81
CA PHE D 200 -4.46 25.25 15.10
C PHE D 200 -4.28 26.06 13.80
N ILE D 201 -3.30 26.96 13.78
CA ILE D 201 -3.09 27.80 12.60
C ILE D 201 -2.30 27.02 11.55
N SER D 202 -1.26 26.31 12.03
CA SER D 202 -0.42 25.54 11.14
C SER D 202 -1.22 24.46 10.45
N HIS D 203 -1.94 23.71 11.27
CA HIS D 203 -2.70 22.61 10.74
C HIS D 203 -3.82 23.21 9.88
N GLY D 204 -4.49 24.23 10.40
CA GLY D 204 -5.52 24.90 9.65
C GLY D 204 -5.03 25.30 8.28
N ASN D 205 -3.85 25.87 8.25
CA ASN D 205 -3.27 26.36 6.99
C ASN D 205 -2.88 25.29 6.02
N THR D 206 -2.14 24.31 6.49
CA THR D 206 -1.84 23.17 5.65
C THR D 206 -3.14 22.58 5.11
N ALA D 207 -4.25 22.71 5.85
CA ALA D 207 -5.53 22.12 5.43
C ALA D 207 -6.06 22.85 4.22
N ARG D 208 -6.24 24.15 4.34
CA ARG D 208 -6.81 24.94 3.28
C ARG D 208 -5.90 24.84 2.07
N GLN D 209 -4.60 24.87 2.33
CA GLN D 209 -3.63 24.82 1.25
C GLN D 209 -3.66 23.43 0.60
N ALA D 210 -3.84 22.41 1.44
CA ALA D 210 -4.02 21.04 0.95
C ALA D 210 -5.18 20.98 -0.04
N LYS D 211 -6.20 21.81 0.13
CA LYS D 211 -7.26 21.82 -0.85
C LYS D 211 -6.71 22.32 -2.21
N GLU D 212 -5.95 23.43 -2.16
CA GLU D 212 -5.52 24.10 -3.42
C GLU D 212 -4.83 23.00 -4.24
N HIS D 213 -3.68 22.54 -3.76
CA HIS D 213 -2.84 21.59 -4.48
C HIS D 213 -3.61 20.44 -5.13
N GLY D 214 -4.92 20.34 -4.87
CA GLY D 214 -5.84 19.27 -5.34
C GLY D 214 -6.08 18.00 -4.46
N ASP D 215 -5.73 18.02 -3.17
CA ASP D 215 -6.10 16.91 -2.30
C ASP D 215 -7.16 17.14 -1.17
N ILE D 216 -8.46 17.03 -1.47
CA ILE D 216 -9.49 17.05 -0.38
C ILE D 216 -9.16 16.14 0.83
N LYS D 217 -8.85 14.87 0.60
CA LYS D 217 -8.65 13.96 1.71
C LYS D 217 -7.58 14.43 2.66
N LEU D 218 -6.47 14.90 2.11
CA LEU D 218 -5.39 15.45 2.91
C LEU D 218 -5.87 16.62 3.73
N ALA D 219 -6.78 17.39 3.14
CA ALA D 219 -7.37 18.59 3.77
C ALA D 219 -8.22 18.16 4.95
N GLN D 220 -9.02 17.11 4.79
CA GLN D 220 -9.81 16.57 5.91
C GLN D 220 -8.91 16.09 7.01
N ILE D 221 -7.76 15.55 6.64
CA ILE D 221 -6.82 15.05 7.66
C ILE D 221 -6.27 16.23 8.51
N CYS D 222 -5.78 17.26 7.84
CA CYS D 222 -5.21 18.38 8.54
C CYS D 222 -6.30 19.11 9.29
N GLY D 223 -7.45 19.35 8.63
CA GLY D 223 -8.63 19.94 9.24
C GLY D 223 -9.10 19.29 10.54
N THR D 224 -9.10 17.96 10.59
CA THR D 224 -9.58 17.20 11.73
C THR D 224 -8.60 17.35 12.84
N ILE D 225 -7.32 17.36 12.49
CA ILE D 225 -6.28 17.62 13.51
C ILE D 225 -6.46 19.05 14.09
N ALA D 226 -6.76 20.00 13.23
CA ALA D 226 -6.90 21.39 13.62
C ALA D 226 -8.03 21.55 14.62
N ALA D 227 -9.12 20.83 14.37
CA ALA D 227 -10.28 20.89 15.26
C ALA D 227 -9.88 20.36 16.66
N ASP D 228 -9.19 19.24 16.76
CA ASP D 228 -8.66 18.81 18.06
C ASP D 228 -7.89 19.92 18.76
N GLU D 229 -7.12 20.70 18.00
CA GLU D 229 -6.29 21.76 18.57
C GLU D 229 -7.10 22.91 19.16
N LYS D 230 -8.18 23.29 18.48
CA LYS D 230 -9.08 24.33 18.95
C LYS D 230 -9.65 24.00 20.31
N ARG D 231 -10.18 22.79 20.41
CA ARG D 231 -10.66 22.29 21.68
C ARG D 231 -9.61 22.39 22.79
N HIS D 232 -8.37 22.05 22.46
CA HIS D 232 -7.32 22.07 23.47
C HIS D 232 -7.02 23.49 23.88
N GLU D 233 -6.95 24.39 22.90
CA GLU D 233 -6.76 25.82 23.11
C GLU D 233 -7.85 26.37 24.01
N THR D 234 -9.09 26.09 23.66
CA THR D 234 -10.23 26.48 24.46
C THR D 234 -10.04 26.05 25.93
N ALA D 235 -9.68 24.78 26.15
CA ALA D 235 -9.48 24.28 27.50
C ALA D 235 -8.37 25.02 28.28
N TYR D 236 -7.19 25.16 27.70
CA TYR D 236 -6.08 25.87 28.33
C TYR D 236 -6.34 27.36 28.55
N THR D 237 -7.09 28.00 27.66
CA THR D 237 -7.46 29.39 27.82
C THR D 237 -8.43 29.60 28.97
N LYS D 238 -9.35 28.66 29.21
CA LYS D 238 -10.25 28.79 30.38
C LYS D 238 -9.50 28.73 31.70
N ILE D 239 -8.38 28.00 31.72
CA ILE D 239 -7.57 27.91 32.94
C ILE D 239 -6.87 29.22 33.23
N VAL D 240 -6.25 29.79 32.20
CA VAL D 240 -5.57 31.07 32.36
C VAL D 240 -6.55 32.19 32.73
N GLU D 241 -7.68 32.22 32.02
CA GLU D 241 -8.77 33.13 32.37
C GLU D 241 -9.11 33.05 33.87
N LYS D 242 -9.29 31.83 34.35
CA LYS D 242 -9.57 31.54 35.76
C LYS D 242 -8.43 32.01 36.69
N LEU D 243 -7.19 31.84 36.26
CA LEU D 243 -6.08 32.27 37.07
C LEU D 243 -5.98 33.79 37.11
N PHE D 244 -6.40 34.45 36.05
CA PHE D 244 -6.42 35.91 36.00
C PHE D 244 -7.47 36.41 36.96
N GLU D 245 -8.54 35.65 37.07
CA GLU D 245 -9.67 35.99 37.93
C GLU D 245 -9.32 35.81 39.40
N ILE D 246 -8.72 34.68 39.75
CA ILE D 246 -8.23 34.41 41.12
C ILE D 246 -6.97 35.22 41.51
N ASP D 247 -5.98 35.28 40.61
CA ASP D 247 -4.69 35.93 40.89
C ASP D 247 -4.20 36.76 39.71
N PRO D 248 -4.87 37.91 39.44
CA PRO D 248 -4.51 38.73 38.29
C PRO D 248 -3.06 39.21 38.33
N ASP D 249 -2.48 39.35 39.52
CA ASP D 249 -1.08 39.74 39.64
C ASP D 249 -0.09 38.67 39.19
N GLY D 250 -0.16 37.48 39.78
CA GLY D 250 0.76 36.40 39.45
C GLY D 250 0.64 35.96 38.00
N THR D 251 -0.61 35.90 37.52
CA THR D 251 -0.93 35.59 36.14
C THR D 251 -0.43 36.64 35.16
N VAL D 252 -0.75 37.92 35.36
CA VAL D 252 -0.19 39.00 34.54
C VAL D 252 1.34 38.92 34.46
N LEU D 253 1.98 38.59 35.59
CA LEU D 253 3.43 38.52 35.68
C LEU D 253 3.99 37.29 34.95
N ALA D 254 3.26 36.17 35.07
CA ALA D 254 3.61 34.96 34.36
C ALA D 254 3.51 35.17 32.87
N PHE D 255 2.47 35.89 32.44
CA PHE D 255 2.23 36.15 31.02
C PHE D 255 3.40 36.95 30.39
N ALA D 256 3.82 38.03 31.07
CA ALA D 256 4.93 38.84 30.61
C ALA D 256 6.27 38.09 30.62
N ASP D 257 6.47 37.23 31.62
CA ASP D 257 7.70 36.46 31.73
C ASP D 257 7.90 35.55 30.51
N MET D 258 6.82 34.86 30.11
CA MET D 258 6.86 33.97 28.98
C MET D 258 7.21 34.73 27.71
N MET D 259 6.65 35.93 27.55
CA MET D 259 6.87 36.68 26.33
C MET D 259 8.27 37.27 26.14
N ARG D 260 8.86 37.84 27.20
CA ARG D 260 10.27 38.27 27.14
C ARG D 260 11.16 37.11 26.75
N LYS D 261 10.94 35.96 27.40
CA LYS D 261 11.68 34.75 27.16
C LYS D 261 11.50 34.35 25.71
N LYS D 262 10.31 34.68 25.17
CA LYS D 262 9.79 34.23 23.86
C LYS D 262 9.29 32.83 24.00
N ILE D 263 8.21 32.51 23.31
CA ILE D 263 7.65 31.16 23.29
C ILE D 263 8.45 30.33 22.30
N SER D 264 9.29 29.42 22.77
CA SER D 264 10.00 28.52 21.83
C SER D 264 9.14 27.33 21.42
N MET D 265 9.25 26.92 20.16
CA MET D 265 8.38 25.89 19.65
C MET D 265 8.86 24.52 20.14
N PRO D 266 7.92 23.60 20.40
CA PRO D 266 8.25 22.31 21.02
C PRO D 266 9.32 21.55 20.30
N ALA D 267 9.43 21.71 18.99
CA ALA D 267 10.43 20.95 18.25
C ALA D 267 11.62 21.81 17.79
N HIS D 268 12.05 22.73 18.63
CA HIS D 268 13.12 23.63 18.17
C HIS D 268 14.47 22.94 18.15
N LEU D 269 14.59 21.83 18.87
CA LEU D 269 15.82 21.08 18.87
C LEU D 269 15.96 20.03 17.73
N MET D 270 15.08 20.10 16.75
CA MET D 270 15.05 19.27 15.57
C MET D 270 16.45 19.01 14.96
N TYR D 271 16.79 17.77 14.65
CA TYR D 271 18.09 17.40 14.12
C TYR D 271 18.01 16.08 13.35
N ASP D 272 18.58 16.06 12.14
CA ASP D 272 18.50 14.86 11.31
C ASP D 272 19.89 14.23 11.12
N GLY D 273 20.87 14.72 11.85
CA GLY D 273 22.24 14.22 11.70
C GLY D 273 23.06 14.89 10.57
N ARG D 274 22.42 15.78 9.82
CA ARG D 274 23.06 16.44 8.70
C ARG D 274 22.96 17.96 8.79
N ASP D 275 21.78 18.48 9.14
CA ASP D 275 21.57 19.93 9.22
C ASP D 275 21.64 20.42 10.66
N ASP D 276 22.52 21.36 10.95
CA ASP D 276 22.61 21.94 12.30
C ASP D 276 21.57 23.05 12.56
N ASN D 277 20.84 23.46 11.53
CA ASN D 277 19.84 24.47 11.69
C ASN D 277 18.54 23.99 11.14
N LEU D 278 18.20 22.77 11.46
CA LEU D 278 17.02 22.14 10.87
C LEU D 278 15.74 22.86 11.20
N PHE D 279 15.56 23.25 12.46
CA PHE D 279 14.37 23.95 12.85
C PHE D 279 14.25 25.30 12.13
N ASP D 280 15.32 26.12 12.15
CA ASP D 280 15.32 27.38 11.43
C ASP D 280 14.94 27.15 9.98
N HIS D 281 15.51 26.14 9.36
CA HIS D 281 15.21 25.87 7.95
C HIS D 281 13.76 25.45 7.71
N PHE D 282 13.28 24.48 8.50
CA PHE D 282 11.91 24.01 8.42
C PHE D 282 10.97 25.21 8.54
N SER D 283 11.20 26.02 9.57
CA SER D 283 10.43 27.23 9.86
C SER D 283 10.41 28.23 8.73
N ALA D 284 11.55 28.41 8.10
CA ALA D 284 11.68 29.33 6.98
C ALA D 284 10.72 28.95 5.85
N VAL D 285 10.77 27.69 5.41
CA VAL D 285 9.76 27.13 4.49
C VAL D 285 8.31 27.38 4.96
N ALA D 286 8.02 27.06 6.22
CA ALA D 286 6.68 27.30 6.80
C ALA D 286 6.29 28.77 6.64
N GLN D 287 7.21 29.65 7.05
CA GLN D 287 7.02 31.06 6.91
C GLN D 287 6.68 31.37 5.45
N ARG D 288 7.61 31.06 4.54
CA ARG D 288 7.46 31.40 3.14
C ARG D 288 6.15 30.91 2.54
N LEU D 289 5.72 29.74 2.96
CA LEU D 289 4.50 29.15 2.43
C LEU D 289 3.26 29.76 3.05
N GLY D 290 3.44 30.55 4.09
CA GLY D 290 2.30 31.07 4.82
C GLY D 290 1.56 30.02 5.63
N VAL D 291 2.28 29.00 6.11
CA VAL D 291 1.70 28.02 7.02
C VAL D 291 1.74 28.53 8.45
N TYR D 292 2.88 29.07 8.84
CA TYR D 292 2.99 29.67 10.15
C TYR D 292 4.05 30.76 10.05
N THR D 293 3.66 32.01 10.29
CA THR D 293 4.52 33.15 10.01
C THR D 293 4.84 33.95 11.27
N ALA D 294 5.89 34.77 11.19
CA ALA D 294 6.21 35.69 12.27
C ALA D 294 4.99 36.50 12.66
N LYS D 295 4.14 36.82 11.68
CA LYS D 295 2.87 37.51 11.92
C LYS D 295 1.85 36.67 12.69
N ASP D 296 1.79 35.38 12.42
CA ASP D 296 0.87 34.51 13.14
C ASP D 296 1.17 34.57 14.64
N TYR D 297 2.47 34.48 14.95
CA TYR D 297 2.94 34.58 16.33
C TYR D 297 2.37 35.80 17.05
N ALA D 298 2.34 36.93 16.33
CA ALA D 298 1.83 38.17 16.87
C ALA D 298 0.32 38.10 17.06
N ASP D 299 -0.40 37.56 16.07
CA ASP D 299 -1.86 37.50 16.15
C ASP D 299 -2.31 36.67 17.32
N ILE D 300 -1.56 35.62 17.61
CA ILE D 300 -1.86 34.74 18.74
C ILE D 300 -1.72 35.52 20.02
N LEU D 301 -0.62 36.24 20.13
CA LEU D 301 -0.36 37.02 21.29
C LEU D 301 -1.50 38.01 21.54
N GLU D 302 -1.81 38.79 20.49
CA GLU D 302 -2.84 39.80 20.53
C GLU D 302 -4.19 39.20 20.88
N PHE D 303 -4.52 38.09 20.24
CA PHE D 303 -5.74 37.38 20.57
C PHE D 303 -5.82 37.10 22.06
N LEU D 304 -4.76 36.50 22.61
CA LEU D 304 -4.73 36.11 24.02
C LEU D 304 -4.83 37.29 25.01
N VAL D 305 -4.20 38.41 24.63
CA VAL D 305 -4.31 39.66 25.35
C VAL D 305 -5.78 40.10 25.44
N GLY D 306 -6.48 39.99 24.31
CA GLY D 306 -7.90 40.28 24.24
C GLY D 306 -8.76 39.22 24.89
N ARG D 307 -8.45 37.95 24.64
CA ARG D 307 -9.21 36.84 25.19
C ARG D 307 -9.17 36.75 26.71
N TRP D 308 -8.08 37.20 27.32
CA TRP D 308 -7.92 37.15 28.77
C TRP D 308 -8.25 38.45 29.46
N LYS D 309 -8.56 39.46 28.64
CA LYS D 309 -8.92 40.81 29.10
C LYS D 309 -7.83 41.48 29.92
N VAL D 310 -6.59 41.23 29.51
CA VAL D 310 -5.42 41.82 30.16
C VAL D 310 -5.60 43.35 30.35
N ASP D 311 -6.03 44.02 29.28
CA ASP D 311 -6.17 45.48 29.27
C ASP D 311 -7.20 46.00 30.27
N LYS D 312 -8.26 45.22 30.48
CA LYS D 312 -9.36 45.58 31.38
C LYS D 312 -9.02 45.27 32.86
N LEU D 313 -7.81 44.78 33.12
CA LEU D 313 -7.39 44.46 34.49
C LEU D 313 -7.10 45.73 35.29
N THR D 314 -7.52 45.75 36.54
CA THR D 314 -7.27 46.87 37.41
C THR D 314 -6.86 46.41 38.83
N GLY D 315 -6.26 47.33 39.60
CA GLY D 315 -5.71 47.04 40.93
C GLY D 315 -4.55 46.06 40.87
N LEU D 316 -3.55 46.38 40.03
CA LEU D 316 -2.33 45.59 39.91
C LEU D 316 -1.17 46.35 40.59
N SER D 317 -0.20 45.59 41.11
CA SER D 317 0.98 46.19 41.73
C SER D 317 1.82 46.90 40.66
N ALA D 318 2.66 47.85 41.10
CA ALA D 318 3.59 48.52 40.19
C ALA D 318 4.26 47.48 39.29
N GLU D 319 4.36 46.26 39.81
CA GLU D 319 4.91 45.12 39.11
C GLU D 319 3.91 44.63 38.04
N GLY D 320 2.67 44.40 38.47
CA GLY D 320 1.57 44.01 37.57
C GLY D 320 1.36 44.98 36.42
N GLN D 321 1.41 46.27 36.72
CA GLN D 321 1.24 47.32 35.71
C GLN D 321 2.32 47.35 34.61
N LYS D 322 3.61 47.25 34.97
CA LYS D 322 4.70 47.21 33.99
C LYS D 322 4.50 46.00 33.10
N ALA D 323 4.09 44.90 33.72
CA ALA D 323 3.84 43.67 33.02
C ALA D 323 2.69 43.83 32.02
N GLN D 324 1.53 44.23 32.55
CA GLN D 324 0.33 44.47 31.75
C GLN D 324 0.59 45.32 30.51
N ASP D 325 1.36 46.39 30.71
CA ASP D 325 1.67 47.33 29.65
C ASP D 325 2.57 46.70 28.59
N TYR D 326 3.63 46.03 29.07
CA TYR D 326 4.55 45.33 28.19
C TYR D 326 3.78 44.39 27.25
N VAL D 327 2.87 43.62 27.85
CA VAL D 327 2.13 42.58 27.11
C VAL D 327 1.19 43.18 26.05
N CYS D 328 0.52 44.27 26.42
CA CYS D 328 -0.42 44.96 25.54
C CYS D 328 0.25 45.69 24.37
N ARG D 329 1.53 46.03 24.50
CA ARG D 329 2.23 46.79 23.45
C ARG D 329 3.26 45.96 22.66
N LEU D 330 3.41 44.70 23.01
CA LEU D 330 4.38 43.84 22.33
C LEU D 330 3.96 43.38 20.92
N PRO D 331 2.66 43.03 20.71
CA PRO D 331 2.19 42.60 19.38
C PRO D 331 2.55 43.53 18.19
N PRO D 332 2.14 44.82 18.24
CA PRO D 332 2.53 45.72 17.14
C PRO D 332 4.05 45.89 16.98
N ARG D 333 4.78 45.97 18.09
CA ARG D 333 6.25 46.01 18.08
C ARG D 333 6.80 44.81 17.33
N ILE D 334 6.33 43.62 17.71
CA ILE D 334 6.71 42.40 17.02
C ILE D 334 6.29 42.50 15.57
N ARG D 335 5.09 43.01 15.33
CA ARG D 335 4.53 43.11 13.98
C ARG D 335 5.51 43.85 13.08
N ARG D 336 5.51 45.19 13.17
CA ARG D 336 6.40 46.02 12.36
C ARG D 336 7.79 45.39 12.16
N LEU D 337 8.49 45.13 13.26
CA LEU D 337 9.83 44.50 13.23
C LEU D 337 9.88 43.28 12.28
N GLU D 338 9.33 42.16 12.72
CA GLU D 338 9.35 40.91 11.91
C GLU D 338 8.27 40.92 10.81
N GLU D 339 8.01 42.14 10.31
CA GLU D 339 7.10 42.41 9.20
C GLU D 339 7.91 42.45 7.91
N ARG D 340 8.80 43.46 7.80
CA ARG D 340 9.71 43.64 6.63
C ARG D 340 10.56 42.37 6.31
N ALA D 341 9.99 41.48 5.51
CA ALA D 341 10.72 40.32 5.00
C ALA D 341 11.44 40.69 3.68
N GLN D 342 12.40 41.62 3.78
CA GLN D 342 13.19 42.13 2.62
C GLN D 342 14.44 41.29 2.26
N GLY D 343 15.43 41.32 3.15
CA GLY D 343 16.65 40.55 2.99
C GLY D 343 16.59 39.02 3.23
N ARG D 344 15.41 38.44 3.49
CA ARG D 344 15.30 37.00 3.83
C ARG D 344 14.13 36.25 3.11
N ALA D 345 13.17 37.01 2.58
CA ALA D 345 12.02 36.44 1.83
C ALA D 345 12.34 36.31 0.32
N LYS D 346 12.80 37.42 -0.25
CA LYS D 346 13.16 37.47 -1.68
C LYS D 346 14.41 36.60 -2.03
N GLU D 347 15.57 37.00 -1.47
CA GLU D 347 16.89 36.36 -1.68
C GLU D 347 17.05 35.02 -0.89
N ALA D 348 15.95 34.33 -0.61
CA ALA D 348 16.09 33.08 0.12
C ALA D 348 16.78 32.06 -0.81
N PRO D 349 17.87 31.42 -0.32
CA PRO D 349 18.59 30.46 -1.15
C PRO D 349 17.77 29.18 -1.20
N THR D 350 18.13 28.29 -2.11
CA THR D 350 17.58 26.93 -2.15
C THR D 350 18.40 26.00 -1.24
N MET D 351 17.74 25.02 -0.63
CA MET D 351 18.42 24.16 0.32
C MET D 351 17.86 22.74 0.26
N PRO D 352 18.73 21.73 0.36
CA PRO D 352 18.31 20.33 0.45
C PRO D 352 17.89 19.93 1.84
N PHE D 353 16.86 19.10 1.93
CA PHE D 353 16.42 18.57 3.16
C PHE D 353 16.49 17.03 3.11
N SER D 354 17.09 16.40 4.10
CA SER D 354 17.12 14.95 4.09
C SER D 354 15.72 14.29 4.17
N TRP D 355 14.69 15.05 4.49
CA TRP D 355 13.36 14.46 4.65
C TRP D 355 12.79 14.12 3.28
N ILE D 356 13.33 14.78 2.26
CA ILE D 356 12.93 14.55 0.90
C ILE D 356 14.14 14.12 0.03
N PHE D 357 14.98 13.24 0.58
CA PHE D 357 16.10 12.60 -0.14
C PHE D 357 17.05 13.66 -0.69
N ASP D 358 17.22 14.73 0.07
CA ASP D 358 18.11 15.82 -0.29
C ASP D 358 17.67 16.58 -1.53
N ARG D 359 16.42 16.40 -1.93
CA ARG D 359 15.88 17.35 -2.91
C ARG D 359 15.85 18.73 -2.25
N GLN D 360 15.82 19.79 -3.04
CA GLN D 360 15.97 21.16 -2.54
C GLN D 360 14.74 22.04 -2.67
N VAL D 361 14.42 22.78 -1.62
CA VAL D 361 13.31 23.73 -1.66
C VAL D 361 13.77 25.12 -1.27
N LYS D 362 13.00 26.13 -1.65
CA LYS D 362 13.30 27.54 -1.41
C LYS D 362 13.05 27.87 0.07
N LEU D 363 14.07 28.35 0.77
CA LEU D 363 13.93 28.81 2.15
C LEU D 363 13.22 30.16 2.28
N PRO E 17 -21.38 0.53 28.37
CA PRO E 17 -20.89 1.09 29.65
C PRO E 17 -19.80 2.15 29.45
N PHE E 18 -18.95 1.90 28.45
CA PHE E 18 -17.85 2.78 28.05
C PHE E 18 -16.98 3.24 29.26
N MET E 19 -16.84 2.31 30.22
CA MET E 19 -16.04 2.47 31.45
C MET E 19 -14.81 1.54 31.43
N PRO E 20 -13.62 2.15 31.27
CA PRO E 20 -12.37 1.38 31.28
C PRO E 20 -12.09 0.86 32.66
N PRO E 21 -11.38 -0.28 32.76
CA PRO E 21 -11.01 -0.75 34.09
C PRO E 21 -10.07 0.25 34.77
N ARG E 22 -10.04 0.21 36.10
CA ARG E 22 -9.22 1.13 36.86
C ARG E 22 -8.34 0.37 37.81
N GLU E 23 -7.31 1.06 38.30
CA GLU E 23 -6.42 0.49 39.31
C GLU E 23 -7.23 0.26 40.57
N VAL E 24 -7.19 -0.96 41.09
CA VAL E 24 -8.03 -1.35 42.25
C VAL E 24 -7.34 -1.16 43.60
N HIS E 25 -6.08 -0.74 43.60
CA HIS E 25 -5.30 -0.56 44.84
C HIS E 25 -5.11 0.92 45.15
N VAL E 26 -5.11 1.23 46.46
CA VAL E 26 -4.84 2.58 46.97
C VAL E 26 -3.52 3.16 46.47
N GLN E 27 -3.57 4.44 46.11
CA GLN E 27 -2.44 5.19 45.52
C GLN E 27 -1.48 5.61 46.62
N VAL E 28 -0.24 5.11 46.57
CA VAL E 28 0.78 5.42 47.57
C VAL E 28 1.94 6.22 46.96
N THR E 29 2.08 7.48 47.35
CA THR E 29 3.14 8.34 46.77
C THR E 29 4.31 8.59 47.70
N HIS E 30 5.48 8.80 47.11
CA HIS E 30 6.72 9.23 47.82
C HIS E 30 7.04 8.40 49.06
N SER E 31 7.14 7.09 48.88
CA SER E 31 7.44 6.18 50.00
C SER E 31 8.93 6.20 50.39
N MET E 32 9.82 6.32 49.41
CA MET E 32 11.26 6.41 49.68
C MET E 32 11.58 7.63 50.57
N PRO E 33 12.44 7.44 51.60
CA PRO E 33 12.85 8.58 52.44
C PRO E 33 13.54 9.67 51.62
N PRO E 34 13.13 10.94 51.82
CA PRO E 34 13.56 12.08 50.98
C PRO E 34 15.08 12.31 50.96
N GLN E 35 15.77 11.88 52.02
CA GLN E 35 17.22 12.01 52.05
C GLN E 35 17.92 11.10 51.03
N LYS E 36 17.32 9.97 50.70
CA LYS E 36 17.95 9.03 49.78
C LYS E 36 18.00 9.54 48.35
N ILE E 37 17.34 10.69 48.12
CA ILE E 37 17.34 11.40 46.84
C ILE E 37 18.76 11.80 46.46
N GLU E 38 19.57 12.10 47.48
CA GLU E 38 20.97 12.47 47.28
C GLU E 38 21.81 11.35 46.72
N ILE E 39 21.53 10.11 47.14
CA ILE E 39 22.24 8.93 46.59
C ILE E 39 22.26 8.96 45.05
N PHE E 40 21.14 9.34 44.47
CA PHE E 40 21.03 9.39 43.02
C PHE E 40 21.75 10.59 42.40
N LYS E 41 21.64 11.75 43.04
CA LYS E 41 22.42 12.91 42.60
C LYS E 41 23.91 12.57 42.55
N SER E 42 24.38 11.82 43.55
CA SER E 42 25.77 11.34 43.64
C SER E 42 26.15 10.35 42.54
N LEU E 43 25.19 9.52 42.13
CA LEU E 43 25.48 8.46 41.19
C LEU E 43 25.42 8.97 39.75
N ASP E 44 25.21 10.28 39.58
CA ASP E 44 25.06 10.86 38.26
C ASP E 44 26.21 10.43 37.32
N ASN E 45 27.43 10.84 37.65
CA ASN E 45 28.62 10.39 36.93
C ASN E 45 28.65 8.89 36.69
N TRP E 46 28.37 8.12 37.74
CA TRP E 46 28.37 6.67 37.65
C TRP E 46 27.40 6.18 36.58
N ALA E 47 26.19 6.73 36.60
CA ALA E 47 25.18 6.44 35.59
C ALA E 47 25.69 6.78 34.19
N GLU E 48 26.36 7.92 34.09
CA GLU E 48 26.92 8.36 32.82
C GLU E 48 28.06 7.48 32.33
N GLU E 49 28.32 6.36 32.99
CA GLU E 49 29.43 5.50 32.59
C GLU E 49 29.06 4.05 32.63
N ASN E 50 28.02 3.71 33.39
CA ASN E 50 27.56 2.34 33.50
C ASN E 50 26.17 2.10 32.88
N ILE E 51 25.45 3.19 32.63
CA ILE E 51 24.09 3.09 32.16
C ILE E 51 23.99 3.67 30.77
N LEU E 52 24.27 4.96 30.61
CA LEU E 52 24.21 5.58 29.29
C LEU E 52 24.97 4.83 28.21
N VAL E 53 26.00 4.08 28.61
CA VAL E 53 26.72 3.21 27.68
C VAL E 53 25.86 2.12 27.03
N HIS E 54 24.65 1.87 27.54
CA HIS E 54 23.75 0.84 26.97
C HIS E 54 22.73 1.38 25.93
N LEU E 55 22.80 2.68 25.69
CA LEU E 55 22.04 3.31 24.63
C LEU E 55 22.84 3.28 23.34
N LYS E 56 22.18 2.83 22.28
CA LYS E 56 22.75 2.79 20.93
C LYS E 56 22.62 4.19 20.33
N PRO E 57 23.75 4.79 19.91
CA PRO E 57 23.71 6.13 19.32
C PRO E 57 22.81 6.16 18.10
N VAL E 58 22.04 7.25 17.97
CA VAL E 58 21.01 7.38 16.96
C VAL E 58 21.50 6.91 15.59
N GLU E 59 22.56 7.51 15.08
CA GLU E 59 23.10 7.22 13.74
C GLU E 59 23.28 5.73 13.48
N LYS E 60 23.54 4.96 14.52
CA LYS E 60 23.72 3.52 14.41
C LYS E 60 22.48 2.69 14.70
N CYS E 61 21.36 3.31 14.99
CA CYS E 61 20.17 2.55 15.31
C CYS E 61 19.38 2.17 14.06
N TRP E 62 18.67 1.06 14.14
CA TRP E 62 17.74 0.68 13.09
C TRP E 62 16.56 1.64 13.13
N GLN E 63 15.79 1.69 12.07
CA GLN E 63 14.61 2.53 12.07
C GLN E 63 13.44 1.73 11.49
N PRO E 64 12.21 2.09 11.81
CA PRO E 64 11.14 1.31 11.25
C PRO E 64 11.24 1.05 9.74
N GLN E 65 11.67 2.06 8.96
CA GLN E 65 11.69 1.89 7.50
C GLN E 65 12.59 0.74 7.04
N ASP E 66 13.59 0.44 7.85
CA ASP E 66 14.49 -0.67 7.55
C ASP E 66 13.74 -1.99 7.35
N PHE E 67 12.56 -2.18 7.94
CA PHE E 67 11.92 -3.51 7.89
C PHE E 67 10.58 -3.50 7.23
N LEU E 68 10.24 -2.38 6.58
CA LEU E 68 8.95 -2.18 5.96
C LEU E 68 9.12 -1.99 4.48
N PRO E 69 8.06 -2.26 3.72
CA PRO E 69 8.14 -1.93 2.31
C PRO E 69 8.59 -0.47 2.10
N ASP E 70 9.40 -0.28 1.07
CA ASP E 70 9.98 1.01 0.83
C ASP E 70 9.03 1.75 -0.08
N PRO E 71 8.40 2.84 0.40
CA PRO E 71 7.38 3.48 -0.45
C PRO E 71 7.99 4.36 -1.52
N ALA E 72 9.29 4.59 -1.49
CA ALA E 72 9.91 5.39 -2.55
C ALA E 72 10.58 4.47 -3.54
N SER E 73 10.17 3.21 -3.60
CA SER E 73 10.80 2.24 -4.47
C SER E 73 9.81 1.65 -5.46
N ASP E 74 10.29 1.24 -6.63
CA ASP E 74 9.40 0.65 -7.62
C ASP E 74 8.95 -0.67 -7.11
N GLY E 75 9.65 -1.20 -6.12
CA GLY E 75 9.32 -2.46 -5.48
C GLY E 75 8.23 -2.38 -4.42
N PHE E 76 7.75 -1.17 -4.14
CA PHE E 76 6.76 -1.00 -3.11
C PHE E 76 5.52 -1.92 -3.23
N ASP E 77 4.88 -1.93 -4.39
CA ASP E 77 3.71 -2.77 -4.59
C ASP E 77 3.97 -4.21 -4.30
N GLU E 78 4.97 -4.81 -4.95
CA GLU E 78 5.22 -6.21 -4.73
C GLU E 78 5.62 -6.46 -3.29
N GLN E 79 6.22 -5.47 -2.63
CA GLN E 79 6.67 -5.70 -1.28
C GLN E 79 5.46 -5.72 -0.38
N VAL E 80 4.56 -4.77 -0.60
CA VAL E 80 3.32 -4.74 0.19
C VAL E 80 2.49 -6.03 0.00
N ARG E 81 2.45 -6.46 -1.25
CA ARG E 81 1.70 -7.63 -1.69
C ARG E 81 2.25 -8.92 -1.03
N GLU E 82 3.58 -9.10 -1.05
CA GLU E 82 4.20 -10.25 -0.39
C GLU E 82 3.96 -10.24 1.08
N LEU E 83 4.05 -9.05 1.69
CA LEU E 83 3.72 -8.86 3.10
C LEU E 83 2.33 -9.40 3.48
N ARG E 84 1.35 -9.07 2.64
CA ARG E 84 -0.05 -9.45 2.89
C ARG E 84 -0.25 -10.91 2.63
N GLU E 85 0.46 -11.45 1.66
CA GLU E 85 0.32 -12.85 1.36
C GLU E 85 0.85 -13.65 2.51
N ARG E 86 2.00 -13.23 3.06
CA ARG E 86 2.59 -13.92 4.21
C ARG E 86 1.66 -13.92 5.42
N ALA E 87 0.94 -12.82 5.57
CA ALA E 87 0.10 -12.56 6.71
C ALA E 87 -1.14 -13.45 6.74
N LYS E 88 -1.59 -13.87 5.56
CA LYS E 88 -2.65 -14.84 5.48
C LYS E 88 -2.30 -16.16 6.12
N GLU E 89 -1.02 -16.58 6.03
CA GLU E 89 -0.59 -17.83 6.65
C GLU E 89 -0.32 -17.73 8.13
N ILE E 90 -0.42 -16.52 8.67
CA ILE E 90 -0.28 -16.34 10.11
C ILE E 90 -1.65 -16.36 10.78
N PRO E 91 -1.89 -17.31 11.70
CA PRO E 91 -3.22 -17.47 12.25
C PRO E 91 -3.70 -16.31 13.12
N ASP E 92 -5.01 -16.19 13.31
CA ASP E 92 -5.57 -15.12 14.10
C ASP E 92 -5.03 -15.10 15.55
N ASP E 93 -4.92 -16.28 16.18
CA ASP E 93 -4.37 -16.41 17.54
C ASP E 93 -3.17 -15.47 17.71
N TYR E 94 -2.21 -15.67 16.83
CA TYR E 94 -0.94 -14.98 16.84
C TYR E 94 -1.11 -13.48 16.63
N PHE E 95 -1.97 -13.10 15.70
CA PHE E 95 -2.28 -11.67 15.52
C PHE E 95 -2.83 -11.00 16.78
N VAL E 96 -3.64 -11.75 17.53
CA VAL E 96 -4.19 -11.22 18.77
C VAL E 96 -3.07 -10.78 19.70
N VAL E 97 -2.11 -11.69 19.89
CA VAL E 97 -0.97 -11.50 20.78
C VAL E 97 -0.15 -10.36 20.29
N LEU E 98 0.24 -10.46 19.02
CA LEU E 98 1.04 -9.43 18.38
C LEU E 98 0.41 -8.05 18.47
N VAL E 99 -0.90 -7.97 18.34
CA VAL E 99 -1.63 -6.73 18.47
C VAL E 99 -1.51 -6.18 19.89
N GLY E 100 -1.72 -7.07 20.88
CA GLY E 100 -1.58 -6.73 22.29
C GLY E 100 -0.21 -6.17 22.60
N ASP E 101 0.82 -6.80 22.05
CA ASP E 101 2.18 -6.31 22.19
C ASP E 101 2.33 -4.93 21.63
N MET E 102 1.81 -4.73 20.42
CA MET E 102 1.94 -3.45 19.74
C MET E 102 1.20 -2.37 20.56
N ILE E 103 0.01 -2.69 21.04
CA ILE E 103 -0.77 -1.70 21.78
C ILE E 103 0.01 -1.30 23.01
N THR E 104 0.61 -2.29 23.68
CA THR E 104 1.43 -2.03 24.82
C THR E 104 2.52 -1.02 24.47
N GLU E 105 3.26 -1.29 23.40
CA GLU E 105 4.27 -0.36 22.93
C GLU E 105 3.71 1.04 22.63
N GLU E 106 2.55 1.14 22.02
CA GLU E 106 2.07 2.45 21.66
C GLU E 106 1.68 3.34 22.82
N ALA E 107 1.48 2.77 24.00
CA ALA E 107 1.18 3.56 25.20
C ALA E 107 2.46 4.14 25.84
N LEU E 108 3.52 4.25 25.04
CA LEU E 108 4.82 4.80 25.45
C LEU E 108 4.80 6.04 26.34
N PRO E 109 4.00 7.07 25.98
CA PRO E 109 4.12 8.27 26.78
C PRO E 109 3.92 8.00 28.26
N THR E 110 2.98 7.09 28.57
CA THR E 110 2.74 6.66 29.95
C THR E 110 4.02 6.20 30.62
N TYR E 111 4.86 5.47 29.90
CA TYR E 111 6.07 4.89 30.46
C TYR E 111 7.18 5.90 30.71
N GLN E 112 7.21 6.95 29.90
CA GLN E 112 8.15 8.01 30.16
C GLN E 112 7.68 8.72 31.42
N THR E 113 6.37 8.86 31.58
CA THR E 113 5.85 9.43 32.81
C THR E 113 6.24 8.54 34.02
N MET E 114 6.19 7.21 33.83
CA MET E 114 6.48 6.27 34.91
C MET E 114 7.89 6.52 35.45
N LEU E 115 8.83 6.80 34.55
CA LEU E 115 10.18 7.10 34.97
C LEU E 115 10.28 8.49 35.55
N ASN E 116 9.52 9.45 35.00
CA ASN E 116 9.54 10.82 35.51
C ASN E 116 8.75 11.00 36.82
N THR E 117 8.29 9.90 37.38
CA THR E 117 7.64 9.99 38.69
C THR E 117 8.61 9.65 39.80
N LEU E 118 9.76 9.08 39.43
CA LEU E 118 10.73 8.63 40.39
C LEU E 118 11.52 9.81 41.03
N ASP E 119 11.60 9.79 42.36
CA ASP E 119 12.05 10.93 43.16
C ASP E 119 13.43 11.49 42.81
N GLY E 120 14.45 10.64 42.81
CA GLY E 120 15.78 11.20 42.58
C GLY E 120 16.27 11.22 41.15
N VAL E 121 15.36 10.90 40.22
CA VAL E 121 15.75 10.63 38.83
C VAL E 121 14.90 11.35 37.80
N ARG E 122 13.80 11.95 38.22
CA ARG E 122 12.89 12.61 37.25
C ARG E 122 13.56 13.72 36.46
N ASP E 123 13.09 13.95 35.25
CA ASP E 123 13.53 15.07 34.43
C ASP E 123 12.70 16.27 34.87
N GLU E 124 13.32 17.25 35.51
CA GLU E 124 12.57 18.36 36.10
C GLU E 124 12.10 19.42 35.11
N THR E 125 12.57 19.36 33.86
CA THR E 125 12.25 20.42 32.89
C THR E 125 11.68 19.90 31.61
N GLY E 126 12.07 18.67 31.26
CA GLY E 126 11.82 18.11 29.96
C GLY E 126 13.08 18.02 29.10
N ALA E 127 14.18 18.59 29.59
CA ALA E 127 15.49 18.59 28.88
C ALA E 127 16.66 18.70 29.88
N SER E 128 16.53 18.07 31.04
CA SER E 128 17.52 18.21 32.07
C SER E 128 18.82 17.52 31.64
N PRO E 129 19.96 18.21 31.77
CA PRO E 129 21.27 17.66 31.48
C PRO E 129 21.71 16.51 32.40
N THR E 130 20.92 16.11 33.39
CA THR E 130 21.36 15.01 34.27
C THR E 130 21.44 13.75 33.46
N SER E 131 22.23 12.81 33.93
CA SER E 131 22.40 11.50 33.29
C SER E 131 21.07 10.76 33.32
N TRP E 132 20.31 10.93 34.40
CA TRP E 132 19.05 10.23 34.58
C TRP E 132 18.05 10.69 33.55
N ALA E 133 17.92 11.99 33.40
CA ALA E 133 16.98 12.54 32.45
C ALA E 133 17.43 12.22 31.03
N ILE E 134 18.75 12.19 30.81
CA ILE E 134 19.29 11.86 29.50
C ILE E 134 18.91 10.44 29.10
N TRP E 135 19.09 9.49 30.02
CA TRP E 135 18.63 8.13 29.83
C TRP E 135 17.14 8.01 29.47
N THR E 136 16.29 8.68 30.24
CA THR E 136 14.85 8.56 30.12
C THR E 136 14.41 9.03 28.73
N ARG E 137 15.09 10.07 28.24
CA ARG E 137 14.71 10.63 26.97
C ARG E 137 15.19 9.71 25.82
N ALA E 138 16.38 9.15 25.99
CA ALA E 138 16.93 8.32 24.92
C ALA E 138 16.25 6.98 24.90
N TRP E 139 15.91 6.47 26.07
CA TRP E 139 15.21 5.21 26.17
C TRP E 139 13.86 5.37 25.50
N THR E 140 13.17 6.45 25.82
CA THR E 140 11.89 6.76 25.21
C THR E 140 12.02 6.79 23.70
N ALA E 141 13.00 7.55 23.19
CA ALA E 141 13.31 7.59 21.75
C ALA E 141 13.54 6.23 21.12
N GLU E 142 14.15 5.33 21.85
CA GLU E 142 14.30 3.98 21.33
C GLU E 142 13.00 3.17 21.28
N GLU E 143 12.20 3.28 22.34
CA GLU E 143 10.94 2.59 22.40
C GLU E 143 9.99 3.02 21.29
N ASN E 144 9.98 4.32 21.00
CA ASN E 144 9.07 4.87 20.04
C ASN E 144 9.07 4.14 18.71
N ARG E 145 10.22 3.68 18.25
CA ARG E 145 10.31 2.96 17.00
C ARG E 145 9.63 1.58 17.07
N HIS E 146 9.52 0.97 18.26
CA HIS E 146 8.84 -0.33 18.40
C HIS E 146 7.37 -0.24 18.02
N GLY E 147 6.66 0.74 18.55
CA GLY E 147 5.26 0.95 18.20
C GLY E 147 5.07 1.27 16.72
N ASP E 148 5.89 2.18 16.20
CA ASP E 148 5.85 2.62 14.84
C ASP E 148 5.98 1.45 13.91
N LEU E 149 6.89 0.53 14.25
CA LEU E 149 7.16 -0.56 13.32
C LEU E 149 6.04 -1.58 13.32
N LEU E 150 5.65 -2.01 14.52
CA LEU E 150 4.59 -2.96 14.69
C LEU E 150 3.25 -2.42 14.15
N ASN E 151 3.03 -1.11 14.32
CA ASN E 151 1.85 -0.45 13.80
C ASN E 151 1.75 -0.61 12.29
N LYS E 152 2.78 -0.17 11.57
CA LYS E 152 2.74 -0.21 10.12
C LYS E 152 2.68 -1.60 9.60
N TYR E 153 3.31 -2.56 10.29
CA TYR E 153 3.20 -3.91 9.86
C TYR E 153 1.73 -4.37 9.96
N LEU E 154 1.08 -4.05 11.09
CA LEU E 154 -0.28 -4.50 11.33
C LEU E 154 -1.22 -3.83 10.37
N TYR E 155 -0.93 -2.56 10.08
CA TYR E 155 -1.69 -1.81 9.12
C TYR E 155 -1.62 -2.44 7.74
N LEU E 156 -0.45 -2.74 7.27
CA LEU E 156 -0.34 -3.21 5.92
C LEU E 156 -0.90 -4.61 5.82
N SER E 157 -0.94 -5.35 6.93
CA SER E 157 -1.30 -6.80 6.84
C SER E 157 -2.70 -7.03 6.33
N GLY E 158 -3.62 -6.12 6.68
CA GLY E 158 -5.03 -6.35 6.43
C GLY E 158 -5.65 -7.47 7.21
N ARG E 159 -5.00 -7.95 8.26
CA ARG E 159 -5.53 -9.05 9.02
C ARG E 159 -6.23 -8.61 10.30
N VAL E 160 -6.09 -7.34 10.61
CA VAL E 160 -6.54 -6.84 11.88
C VAL E 160 -7.31 -5.54 11.69
N ASP E 161 -8.08 -5.20 12.72
CA ASP E 161 -8.98 -4.06 12.65
C ASP E 161 -8.33 -2.81 13.25
N MET E 162 -7.68 -2.03 12.42
CA MET E 162 -6.94 -0.86 12.93
C MET E 162 -7.79 0.11 13.77
N ARG E 163 -9.10 0.12 13.56
CA ARG E 163 -9.86 1.21 14.15
C ARG E 163 -10.16 0.83 15.56
N GLN E 164 -10.34 -0.47 15.76
CA GLN E 164 -10.56 -1.00 17.09
C GLN E 164 -9.28 -0.97 17.92
N ILE E 165 -8.13 -1.02 17.22
CA ILE E 165 -6.83 -1.06 17.84
C ILE E 165 -6.48 0.32 18.23
N GLU E 166 -6.67 1.27 17.32
CA GLU E 166 -6.44 2.64 17.60
C GLU E 166 -7.29 3.08 18.78
N LYS E 167 -8.52 2.56 18.86
CA LYS E 167 -9.43 2.88 19.95
C LYS E 167 -8.97 2.29 21.30
N THR E 168 -8.45 1.08 21.25
CA THR E 168 -7.86 0.50 22.43
C THR E 168 -6.69 1.36 22.93
N ILE E 169 -5.84 1.78 22.01
CA ILE E 169 -4.71 2.59 22.38
C ILE E 169 -5.19 3.88 23.05
N GLN E 170 -6.17 4.57 22.51
CA GLN E 170 -6.65 5.79 23.14
C GLN E 170 -7.20 5.60 24.54
N TYR E 171 -7.79 4.44 24.78
CA TYR E 171 -8.31 4.14 26.08
C TYR E 171 -7.10 3.95 27.00
N LEU E 172 -6.12 3.22 26.52
CA LEU E 172 -4.95 2.86 27.33
C LEU E 172 -4.13 4.07 27.83
N ILE E 173 -3.87 5.04 26.95
CA ILE E 173 -3.19 6.27 27.33
C ILE E 173 -4.03 7.09 28.31
N GLY E 174 -5.35 7.13 28.05
CA GLY E 174 -6.31 7.85 28.92
C GLY E 174 -6.27 7.27 30.31
N SER E 175 -6.10 5.95 30.38
CA SER E 175 -6.12 5.22 31.62
C SER E 175 -4.79 5.31 32.32
N GLY E 176 -3.72 5.28 31.53
CA GLY E 176 -2.40 5.20 32.08
C GLY E 176 -2.24 3.93 32.86
N MET E 177 -1.34 3.97 33.82
CA MET E 177 -1.09 2.84 34.67
C MET E 177 -0.45 3.30 35.98
N ASP E 178 -0.61 2.50 37.03
CA ASP E 178 0.11 2.71 38.27
C ASP E 178 0.84 1.42 38.70
N PRO E 179 2.15 1.33 38.38
CA PRO E 179 2.97 0.14 38.65
C PRO E 179 3.28 0.01 40.13
N ARG E 180 2.79 0.98 40.91
CA ARG E 180 2.87 1.00 42.36
C ARG E 180 4.33 1.10 42.81
N THR E 181 5.04 1.97 42.11
CA THR E 181 6.46 2.25 42.40
C THR E 181 6.63 3.36 43.45
N GLU E 182 5.53 4.04 43.74
CA GLU E 182 5.46 5.00 44.84
C GLU E 182 6.56 6.08 44.78
N ASN E 183 6.97 6.40 43.56
CA ASN E 183 7.99 7.42 43.28
C ASN E 183 9.37 7.01 43.73
N SER E 184 9.53 5.75 44.09
CA SER E 184 10.81 5.28 44.58
C SER E 184 11.64 4.75 43.43
N PRO E 185 12.81 5.37 43.19
CA PRO E 185 13.76 4.85 42.22
C PRO E 185 14.11 3.39 42.47
N TYR E 186 14.08 2.97 43.74
CA TYR E 186 14.33 1.56 44.08
C TYR E 186 13.28 0.67 43.44
N LEU E 187 12.01 0.98 43.73
CA LEU E 187 10.91 0.19 43.23
C LEU E 187 10.86 0.32 41.73
N GLY E 188 10.97 1.56 41.25
CA GLY E 188 10.94 1.84 39.81
C GLY E 188 11.87 0.96 38.99
N PHE E 189 13.16 0.95 39.35
CA PHE E 189 14.16 0.21 38.58
C PHE E 189 14.08 -1.31 38.77
N ILE E 190 13.58 -1.75 39.91
CA ILE E 190 13.22 -3.15 40.07
C ILE E 190 12.12 -3.46 39.03
N TYR E 191 11.06 -2.67 39.09
CA TYR E 191 9.95 -2.85 38.19
C TYR E 191 10.40 -2.96 36.75
N THR E 192 11.06 -1.91 36.25
CA THR E 192 11.48 -1.88 34.84
C THR E 192 12.53 -2.94 34.51
N SER E 193 13.29 -3.40 35.50
CA SER E 193 14.16 -4.56 35.29
C SER E 193 13.31 -5.76 34.91
N PHE E 194 12.27 -6.02 35.70
CA PHE E 194 11.38 -7.12 35.43
C PHE E 194 10.66 -6.99 34.07
N GLN E 195 10.05 -5.84 33.83
CA GLN E 195 9.33 -5.62 32.57
C GLN E 195 10.16 -5.81 31.31
N GLU E 196 11.33 -5.18 31.28
CA GLU E 196 12.23 -5.30 30.14
C GLU E 196 12.54 -6.75 29.79
N ARG E 197 12.72 -7.57 30.80
CA ARG E 197 12.99 -8.99 30.54
C ARG E 197 11.73 -9.67 29.98
N ALA E 198 10.57 -9.35 30.55
CA ALA E 198 9.32 -9.89 30.08
C ALA E 198 9.15 -9.57 28.61
N ASP E 199 9.30 -8.28 28.27
CA ASP E 199 9.30 -7.76 26.90
C ASP E 199 10.30 -8.51 26.01
N PHE E 200 11.51 -8.74 26.53
CA PHE E 200 12.48 -9.55 25.79
C PHE E 200 12.01 -11.00 25.51
N ILE E 201 11.21 -11.54 26.43
CA ILE E 201 10.72 -12.91 26.25
C ILE E 201 9.55 -12.95 25.26
N SER E 202 8.62 -12.02 25.42
CA SER E 202 7.44 -11.98 24.56
C SER E 202 7.85 -11.72 23.14
N HIS E 203 8.70 -10.72 22.96
CA HIS E 203 9.11 -10.36 21.61
C HIS E 203 9.98 -11.49 21.07
N GLY E 204 11.00 -11.88 21.82
CA GLY E 204 11.79 -13.09 21.48
C GLY E 204 10.98 -14.28 21.02
N ASN E 205 9.90 -14.57 21.75
CA ASN E 205 9.02 -15.66 21.40
C ASN E 205 8.20 -15.46 20.14
N THR E 206 7.56 -14.30 20.02
CA THR E 206 6.81 -14.01 18.82
C THR E 206 7.78 -14.04 17.66
N ALA E 207 9.04 -13.71 17.89
CA ALA E 207 10.07 -13.78 16.83
C ALA E 207 10.29 -15.20 16.31
N ARG E 208 10.68 -16.10 17.21
CA ARG E 208 10.95 -17.48 16.84
C ARG E 208 9.69 -18.12 16.25
N GLN E 209 8.55 -17.87 16.88
CA GLN E 209 7.33 -18.47 16.41
C GLN E 209 7.03 -17.93 15.03
N ALA E 210 7.31 -16.61 14.83
CA ALA E 210 7.16 -15.92 13.53
C ALA E 210 7.92 -16.63 12.41
N LYS E 211 9.02 -17.27 12.77
CA LYS E 211 9.71 -18.03 11.78
C LYS E 211 8.83 -19.23 11.40
N GLU E 212 8.30 -19.95 12.40
CA GLU E 212 7.59 -21.23 12.11
C GLU E 212 6.53 -20.90 11.05
N HIS E 213 5.51 -20.14 11.47
CA HIS E 213 4.37 -19.77 10.61
C HIS E 213 4.76 -19.42 9.14
N GLY E 214 6.08 -19.34 8.85
CA GLY E 214 6.64 -18.98 7.53
C GLY E 214 6.94 -17.48 7.18
N ASP E 215 7.10 -16.57 8.17
CA ASP E 215 7.53 -15.19 7.88
C ASP E 215 8.91 -14.71 8.47
N ILE E 216 10.02 -14.97 7.77
CA ILE E 216 11.32 -14.46 8.23
C ILE E 216 11.29 -12.96 8.54
N LYS E 217 10.74 -12.14 7.65
CA LYS E 217 10.81 -10.70 7.86
C LYS E 217 10.17 -10.30 9.18
N LEU E 218 8.99 -10.86 9.46
CA LEU E 218 8.30 -10.63 10.70
C LEU E 218 9.15 -11.04 11.90
N ALA E 219 9.96 -12.09 11.71
CA ALA E 219 10.87 -12.60 12.74
C ALA E 219 11.97 -11.57 13.01
N GLN E 220 12.59 -11.08 11.94
CA GLN E 220 13.57 -10.01 12.05
C GLN E 220 12.97 -8.81 12.77
N ILE E 221 11.71 -8.50 12.52
CA ILE E 221 11.06 -7.35 13.17
C ILE E 221 11.02 -7.62 14.68
N CYS E 222 10.45 -8.73 15.07
CA CYS E 222 10.27 -9.01 16.47
C CYS E 222 11.61 -9.18 17.16
N GLY E 223 12.53 -9.85 16.48
CA GLY E 223 13.89 -10.02 16.97
C GLY E 223 14.65 -8.72 17.22
N THR E 224 14.57 -7.80 16.26
CA THR E 224 15.21 -6.52 16.41
C THR E 224 14.62 -5.74 17.57
N ILE E 225 13.31 -5.89 17.77
CA ILE E 225 12.68 -5.29 18.97
C ILE E 225 13.20 -5.93 20.27
N ALA E 226 13.29 -7.24 20.26
CA ALA E 226 13.79 -8.00 21.40
C ALA E 226 15.19 -7.53 21.83
N ALA E 227 16.05 -7.28 20.85
CA ALA E 227 17.40 -6.92 21.13
C ALA E 227 17.40 -5.59 21.87
N ASP E 228 16.69 -4.59 21.37
CA ASP E 228 16.54 -3.33 22.12
C ASP E 228 16.15 -3.58 23.59
N GLU E 229 15.28 -4.57 23.83
CA GLU E 229 14.81 -4.85 25.19
C GLU E 229 15.92 -5.41 26.11
N LYS E 230 16.77 -6.30 25.57
CA LYS E 230 17.90 -6.85 26.32
C LYS E 230 18.81 -5.73 26.85
N ARG E 231 19.15 -4.82 25.95
CA ARG E 231 20.00 -3.71 26.29
C ARG E 231 19.35 -2.91 27.42
N HIS E 232 18.06 -2.72 27.33
CA HIS E 232 17.40 -1.95 28.37
C HIS E 232 17.46 -2.68 29.70
N GLU E 233 17.23 -4.00 29.65
CA GLU E 233 17.25 -4.87 30.81
C GLU E 233 18.65 -4.82 31.46
N THR E 234 19.66 -4.96 30.62
CA THR E 234 21.03 -4.86 31.07
C THR E 234 21.23 -3.56 31.83
N ALA E 235 20.82 -2.44 31.23
CA ALA E 235 20.96 -1.14 31.89
C ALA E 235 20.22 -1.01 33.24
N TYR E 236 18.95 -1.38 33.28
CA TYR E 236 18.20 -1.35 34.53
C TYR E 236 18.74 -2.30 35.61
N THR E 237 19.30 -3.44 35.19
CA THR E 237 19.82 -4.40 36.17
C THR E 237 21.12 -3.89 36.81
N LYS E 238 21.94 -3.16 36.04
CA LYS E 238 23.19 -2.62 36.62
C LYS E 238 22.90 -1.56 37.67
N ILE E 239 21.75 -0.91 37.58
CA ILE E 239 21.35 0.08 38.58
C ILE E 239 20.93 -0.61 39.88
N VAL E 240 20.07 -1.62 39.79
CA VAL E 240 19.66 -2.33 40.99
C VAL E 240 20.87 -3.03 41.65
N GLU E 241 21.71 -3.65 40.82
CA GLU E 241 22.95 -4.25 41.31
C GLU E 241 23.70 -3.25 42.18
N LYS E 242 23.84 -2.04 41.63
CA LYS E 242 24.53 -0.92 42.28
C LYS E 242 23.82 -0.49 43.54
N LEU E 243 22.50 -0.51 43.54
CA LEU E 243 21.76 -0.18 44.74
C LEU E 243 21.90 -1.25 45.81
N PHE E 244 21.99 -2.52 45.40
CA PHE E 244 22.22 -3.60 46.34
C PHE E 244 23.58 -3.43 46.99
N GLU E 245 24.52 -2.95 46.20
CA GLU E 245 25.89 -2.75 46.66
C GLU E 245 25.99 -1.60 47.67
N ILE E 246 25.32 -0.50 47.36
CA ILE E 246 25.31 0.68 48.23
C ILE E 246 24.36 0.54 49.41
N ASP E 247 23.16 0.00 49.18
CA ASP E 247 22.15 -0.12 50.23
C ASP E 247 21.42 -1.48 50.15
N PRO E 248 22.12 -2.58 50.54
CA PRO E 248 21.51 -3.91 50.43
C PRO E 248 20.23 -4.07 51.21
N ASP E 249 20.05 -3.27 52.26
CA ASP E 249 18.84 -3.32 53.07
C ASP E 249 17.62 -2.69 52.42
N GLY E 250 17.74 -1.43 52.01
CA GLY E 250 16.64 -0.75 51.30
C GLY E 250 16.23 -1.45 50.02
N THR E 251 17.24 -1.90 49.27
CA THR E 251 17.06 -2.60 48.00
C THR E 251 16.40 -3.98 48.17
N VAL E 252 16.90 -4.78 49.12
CA VAL E 252 16.29 -6.08 49.43
C VAL E 252 14.83 -5.90 49.81
N LEU E 253 14.55 -4.85 50.58
CA LEU E 253 13.18 -4.56 51.01
C LEU E 253 12.29 -4.12 49.85
N ALA E 254 12.85 -3.29 48.97
CA ALA E 254 12.16 -2.82 47.80
C ALA E 254 11.81 -4.01 46.90
N PHE E 255 12.77 -4.93 46.75
CA PHE E 255 12.58 -6.09 45.88
C PHE E 255 11.39 -6.94 46.36
N ALA E 256 11.36 -7.23 47.66
CA ALA E 256 10.26 -7.98 48.26
C ALA E 256 8.90 -7.25 48.12
N ASP E 257 8.91 -5.95 48.35
CA ASP E 257 7.69 -5.14 48.28
C ASP E 257 7.01 -5.26 46.90
N MET E 258 7.80 -5.14 45.83
CA MET E 258 7.28 -5.29 44.48
C MET E 258 6.63 -6.65 44.22
N MET E 259 7.25 -7.71 44.71
CA MET E 259 6.76 -9.04 44.46
C MET E 259 5.47 -9.39 45.18
N ARG E 260 5.33 -9.00 46.45
CA ARG E 260 4.07 -9.22 47.20
C ARG E 260 2.94 -8.53 46.46
N LYS E 261 3.16 -7.27 46.12
CA LYS E 261 2.24 -6.50 45.34
C LYS E 261 1.97 -7.18 44.00
N LYS E 262 2.95 -7.97 43.54
CA LYS E 262 2.97 -8.54 42.19
C LYS E 262 3.28 -7.47 41.17
N ILE E 263 4.06 -7.84 40.17
CA ILE E 263 4.39 -6.96 39.05
C ILE E 263 3.23 -6.96 38.07
N SER E 264 2.46 -5.88 38.05
CA SER E 264 1.38 -5.74 37.06
C SER E 264 1.93 -5.23 35.73
N MET E 265 1.43 -5.79 34.61
CA MET E 265 1.93 -5.42 33.28
C MET E 265 1.45 -4.03 32.87
N PRO E 266 2.29 -3.28 32.14
CA PRO E 266 2.01 -1.89 31.82
C PRO E 266 0.65 -1.70 31.16
N ALA E 267 0.15 -2.71 30.45
CA ALA E 267 -1.10 -2.54 29.73
C ALA E 267 -2.24 -3.33 30.34
N HIS E 268 -2.32 -3.36 31.66
CA HIS E 268 -3.34 -4.21 32.30
C HIS E 268 -4.69 -3.54 32.32
N LEU E 269 -4.72 -2.25 32.06
CA LEU E 269 -6.01 -1.54 31.94
C LEU E 269 -6.59 -1.50 30.52
N MET E 270 -6.03 -2.29 29.62
CA MET E 270 -6.55 -2.52 28.25
C MET E 270 -8.09 -2.54 28.12
N TYR E 271 -8.63 -1.75 27.22
CA TYR E 271 -10.08 -1.69 26.98
C TYR E 271 -10.41 -1.26 25.54
N ASP E 272 -11.33 -1.98 24.89
CA ASP E 272 -11.68 -1.66 23.48
C ASP E 272 -13.14 -1.21 23.39
N GLY E 273 -13.77 -1.03 24.55
CA GLY E 273 -15.14 -0.53 24.61
C GLY E 273 -16.17 -1.65 24.53
N ARG E 274 -15.69 -2.89 24.41
CA ARG E 274 -16.56 -4.06 24.27
C ARG E 274 -16.23 -5.13 25.33
N ASP E 275 -14.95 -5.43 25.49
CA ASP E 275 -14.54 -6.46 26.44
C ASP E 275 -14.12 -5.82 27.79
N ASP E 276 -14.74 -6.27 28.88
CA ASP E 276 -14.33 -5.75 30.20
C ASP E 276 -13.15 -6.50 30.79
N ASN E 277 -12.75 -7.61 30.17
CA ASN E 277 -11.59 -8.34 30.61
C ASN E 277 -10.58 -8.52 29.51
N LEU E 278 -10.29 -7.42 28.80
CA LEU E 278 -9.48 -7.50 27.60
C LEU E 278 -8.09 -8.00 27.92
N PHE E 279 -7.50 -7.47 29.01
CA PHE E 279 -6.14 -7.86 29.35
C PHE E 279 -6.04 -9.33 29.71
N ASP E 280 -6.93 -9.79 30.60
CA ASP E 280 -6.97 -11.21 30.97
C ASP E 280 -7.10 -12.09 29.73
N HIS E 281 -7.98 -11.71 28.81
CA HIS E 281 -8.17 -12.43 27.56
C HIS E 281 -6.96 -12.43 26.61
N PHE E 282 -6.41 -11.24 26.35
CA PHE E 282 -5.17 -11.10 25.57
C PHE E 282 -4.07 -12.01 26.15
N SER E 283 -3.89 -11.94 27.48
CA SER E 283 -2.90 -12.67 28.23
C SER E 283 -3.10 -14.18 28.11
N ALA E 284 -4.35 -14.59 28.23
CA ALA E 284 -4.72 -15.99 28.08
C ALA E 284 -4.16 -16.58 26.77
N VAL E 285 -4.43 -15.90 25.65
CA VAL E 285 -3.93 -16.32 24.34
C VAL E 285 -2.40 -16.35 24.32
N ALA E 286 -1.79 -15.34 24.92
CA ALA E 286 -0.34 -15.25 25.01
C ALA E 286 0.21 -16.42 25.81
N GLN E 287 -0.45 -16.71 26.94
CA GLN E 287 -0.11 -17.88 27.74
C GLN E 287 -0.22 -19.10 26.84
N ARG E 288 -1.41 -19.41 26.34
CA ARG E 288 -1.68 -20.62 25.55
C ARG E 288 -0.71 -20.81 24.38
N LEU E 289 -0.35 -19.71 23.75
CA LEU E 289 0.56 -19.78 22.62
C LEU E 289 2.02 -19.96 23.03
N GLY E 290 2.30 -19.82 24.32
CA GLY E 290 3.66 -19.89 24.82
C GLY E 290 4.51 -18.69 24.45
N VAL E 291 3.87 -17.53 24.35
CA VAL E 291 4.58 -16.27 24.11
C VAL E 291 5.06 -15.69 25.45
N TYR E 292 4.17 -15.65 26.43
CA TYR E 292 4.52 -15.22 27.75
C TYR E 292 3.61 -15.93 28.71
N THR E 293 4.21 -16.78 29.54
CA THR E 293 3.46 -17.70 30.40
C THR E 293 3.63 -17.36 31.88
N ALA E 294 2.75 -17.90 32.72
CA ALA E 294 2.91 -17.80 34.18
C ALA E 294 4.30 -18.32 34.60
N LYS E 295 4.85 -19.25 33.83
CA LYS E 295 6.21 -19.77 34.09
C LYS E 295 7.30 -18.76 33.75
N ASP E 296 7.10 -18.01 32.66
CA ASP E 296 8.10 -17.02 32.28
C ASP E 296 8.27 -16.01 33.41
N TYR E 297 7.14 -15.57 33.98
CA TYR E 297 7.13 -14.68 35.14
C TYR E 297 8.03 -15.19 36.26
N ALA E 298 8.02 -16.51 36.49
CA ALA E 298 8.84 -17.11 37.53
C ALA E 298 10.31 -17.10 37.16
N ASP E 299 10.62 -17.46 35.92
CA ASP E 299 12.00 -17.54 35.48
C ASP E 299 12.68 -16.17 35.57
N ILE E 300 11.94 -15.12 35.20
CA ILE E 300 12.43 -13.75 35.31
C ILE E 300 12.79 -13.44 36.76
N LEU E 301 11.87 -13.74 37.67
CA LEU E 301 12.08 -13.54 39.08
C LEU E 301 13.33 -14.26 39.59
N GLU E 302 13.40 -15.56 39.29
CA GLU E 302 14.54 -16.39 39.64
C GLU E 302 15.84 -15.88 39.04
N PHE E 303 15.81 -15.50 37.77
CA PHE E 303 16.98 -14.93 37.15
C PHE E 303 17.50 -13.73 37.91
N LEU E 304 16.60 -12.79 38.20
CA LEU E 304 16.93 -11.55 38.92
C LEU E 304 17.46 -11.78 40.35
N VAL E 305 16.90 -12.78 41.03
CA VAL E 305 17.42 -13.23 42.33
C VAL E 305 18.88 -13.68 42.21
N GLY E 306 19.19 -14.43 41.14
CA GLY E 306 20.55 -14.88 40.88
C GLY E 306 21.43 -13.76 40.34
N ARG E 307 20.86 -12.95 39.46
CA ARG E 307 21.63 -11.88 38.81
C ARG E 307 22.05 -10.81 39.78
N TRP E 308 21.24 -10.58 40.82
CA TRP E 308 21.54 -9.53 41.82
C TRP E 308 22.23 -10.07 43.05
N LYS E 309 22.42 -11.40 43.07
CA LYS E 309 23.08 -12.10 44.17
C LYS E 309 22.39 -11.89 45.51
N VAL E 310 21.06 -11.91 45.49
CA VAL E 310 20.26 -11.73 46.70
C VAL E 310 20.63 -12.75 47.78
N ASP E 311 20.80 -14.01 47.38
CA ASP E 311 21.14 -15.10 48.29
C ASP E 311 22.49 -14.91 48.97
N LYS E 312 23.45 -14.34 48.24
CA LYS E 312 24.82 -14.12 48.74
C LYS E 312 24.94 -12.87 49.64
N LEU E 313 23.82 -12.18 49.88
CA LEU E 313 23.79 -10.99 50.74
C LEU E 313 23.90 -11.36 52.21
N THR E 314 24.72 -10.61 52.92
CA THR E 314 24.88 -10.80 54.36
C THR E 314 24.86 -9.45 55.09
N GLY E 315 24.65 -9.51 56.41
CA GLY E 315 24.56 -8.32 57.25
C GLY E 315 23.30 -7.52 56.97
N LEU E 316 22.16 -8.21 56.94
CA LEU E 316 20.86 -7.58 56.72
C LEU E 316 20.07 -7.56 58.03
N SER E 317 19.23 -6.53 58.20
CA SER E 317 18.38 -6.41 59.38
C SER E 317 17.34 -7.54 59.39
N ALA E 318 16.80 -7.84 60.58
CA ALA E 318 15.73 -8.84 60.73
C ALA E 318 14.69 -8.60 59.64
N GLU E 319 14.57 -7.34 59.27
CA GLU E 319 13.73 -6.90 58.17
C GLU E 319 14.27 -7.41 56.83
N GLY E 320 15.55 -7.12 56.58
CA GLY E 320 16.23 -7.55 55.36
C GLY E 320 16.20 -9.06 55.16
N GLN E 321 16.38 -9.80 56.24
CA GLN E 321 16.41 -11.26 56.19
C GLN E 321 15.07 -11.93 55.83
N LYS E 322 13.97 -11.42 56.41
CA LYS E 322 12.62 -11.91 56.06
C LYS E 322 12.36 -11.66 54.58
N ALA E 323 12.76 -10.47 54.14
CA ALA E 323 12.61 -10.07 52.76
C ALA E 323 13.43 -10.98 51.83
N GLN E 324 14.72 -11.14 52.16
CA GLN E 324 15.67 -11.93 51.38
C GLN E 324 15.17 -13.34 51.17
N ASP E 325 14.65 -13.92 52.26
CA ASP E 325 14.14 -15.27 52.25
C ASP E 325 12.87 -15.40 51.39
N TYR E 326 11.94 -14.47 51.61
CA TYR E 326 10.70 -14.41 50.83
C TYR E 326 10.99 -14.42 49.34
N VAL E 327 11.94 -13.58 48.92
CA VAL E 327 12.27 -13.44 47.50
C VAL E 327 12.92 -14.70 46.93
N CYS E 328 13.82 -15.31 47.69
CA CYS E 328 14.52 -16.52 47.25
C CYS E 328 13.63 -17.77 47.15
N ARG E 329 12.52 -17.77 47.88
CA ARG E 329 11.62 -18.93 47.91
C ARG E 329 10.27 -18.73 47.22
N LEU E 330 10.11 -17.59 46.54
CA LEU E 330 8.87 -17.29 45.83
C LEU E 330 8.78 -17.95 44.45
N PRO E 331 9.90 -18.03 43.70
CA PRO E 331 9.84 -18.62 42.35
C PRO E 331 9.25 -20.05 42.27
N PRO E 332 9.81 -21.03 43.03
CA PRO E 332 9.21 -22.38 43.00
C PRO E 332 7.77 -22.44 43.52
N ARG E 333 7.44 -21.63 44.53
CA ARG E 333 6.06 -21.49 45.01
C ARG E 333 5.11 -21.03 43.87
N ILE E 334 5.53 -19.98 43.16
CA ILE E 334 4.78 -19.48 42.01
C ILE E 334 4.75 -20.53 40.91
N ARG E 335 5.85 -21.27 40.79
CA ARG E 335 5.99 -22.34 39.77
C ARG E 335 4.88 -23.38 39.96
N ARG E 336 5.08 -24.27 40.93
CA ARG E 336 4.09 -25.31 41.21
C ARG E 336 2.64 -24.79 41.08
N LEU E 337 2.31 -23.75 41.84
CA LEU E 337 0.96 -23.18 41.85
C LEU E 337 0.40 -22.93 40.45
N GLU E 338 0.92 -21.88 39.80
CA GLU E 338 0.51 -21.51 38.41
C GLU E 338 1.21 -22.37 37.33
N GLU E 339 1.43 -23.64 37.71
CA GLU E 339 1.98 -24.69 36.86
C GLU E 339 0.82 -25.49 36.28
N ARG E 340 0.08 -26.19 37.16
CA ARG E 340 -1.09 -27.01 36.80
C ARG E 340 -2.17 -26.24 36.02
N ALA E 341 -1.99 -26.17 34.70
CA ALA E 341 -2.97 -25.56 33.80
C ALA E 341 -4.02 -26.63 33.37
N GLN E 342 -4.76 -27.12 34.37
CA GLN E 342 -5.80 -28.17 34.18
C GLN E 342 -7.17 -27.62 33.78
N GLY E 343 -7.81 -26.88 34.69
CA GLY E 343 -9.14 -26.30 34.46
C GLY E 343 -9.24 -25.05 33.59
N ARG E 344 -8.12 -24.57 33.02
CA ARG E 344 -8.08 -23.30 32.24
C ARG E 344 -7.31 -23.37 30.87
N ALA E 345 -6.48 -24.41 30.70
CA ALA E 345 -5.73 -24.65 29.44
C ALA E 345 -6.53 -25.55 28.46
N LYS E 346 -7.01 -26.67 28.96
CA LYS E 346 -7.76 -27.60 28.13
C LYS E 346 -9.17 -27.08 27.74
N GLU E 347 -10.01 -26.86 28.76
CA GLU E 347 -11.39 -26.37 28.60
C GLU E 347 -11.50 -24.86 28.29
N ALA E 348 -10.47 -24.26 27.69
CA ALA E 348 -10.55 -22.83 27.38
C ALA E 348 -11.62 -22.62 26.30
N PRO E 349 -12.56 -21.69 26.55
CA PRO E 349 -13.59 -21.40 25.55
C PRO E 349 -13.00 -20.60 24.41
N THR E 350 -13.75 -20.51 23.32
CA THR E 350 -13.41 -19.63 22.17
C THR E 350 -14.04 -18.26 22.36
N MET E 351 -13.30 -17.21 22.03
CA MET E 351 -13.76 -15.85 22.28
C MET E 351 -13.42 -14.89 21.12
N PRO E 352 -14.38 -14.00 20.78
CA PRO E 352 -14.17 -12.99 19.78
C PRO E 352 -13.37 -11.78 20.28
N PHE E 353 -12.48 -11.28 19.43
CA PHE E 353 -11.72 -10.11 19.75
C PHE E 353 -11.97 -9.00 18.72
N SER E 354 -12.32 -7.81 19.16
CA SER E 354 -12.58 -6.76 18.25
C SER E 354 -11.35 -6.35 17.44
N TRP E 355 -10.15 -6.71 17.90
CA TRP E 355 -8.93 -6.41 17.14
C TRP E 355 -8.86 -7.18 15.82
N ILE E 356 -9.65 -8.24 15.69
CA ILE E 356 -9.72 -9.07 14.51
C ILE E 356 -11.15 -9.20 14.02
N PHE E 357 -11.85 -8.08 14.03
CA PHE E 357 -13.24 -7.97 13.53
C PHE E 357 -14.15 -9.03 14.15
N ASP E 358 -13.96 -9.26 15.45
CA ASP E 358 -14.79 -10.17 16.20
C ASP E 358 -14.68 -11.61 15.70
N ARG E 359 -13.66 -11.94 14.91
CA ARG E 359 -13.32 -13.36 14.73
C ARG E 359 -12.89 -13.92 16.09
N GLN E 360 -12.98 -15.22 16.26
CA GLN E 360 -12.76 -15.87 17.57
C GLN E 360 -11.52 -16.70 17.61
N VAL E 361 -10.84 -16.68 18.75
CA VAL E 361 -9.69 -17.52 18.99
C VAL E 361 -9.82 -18.20 20.34
N LYS E 362 -9.08 -19.30 20.51
CA LYS E 362 -9.12 -20.15 21.70
C LYS E 362 -8.37 -19.45 22.84
N LEU E 363 -9.03 -19.24 23.98
CA LEU E 363 -8.39 -18.64 25.16
C LEU E 363 -7.50 -19.66 25.92
N PHE F 18 53.90 -15.63 -15.46
CA PHE F 18 52.44 -15.39 -15.20
C PHE F 18 51.73 -16.71 -15.06
N MET F 19 52.40 -17.61 -14.35
CA MET F 19 52.03 -19.00 -14.16
C MET F 19 51.24 -19.16 -12.83
N PRO F 20 49.96 -19.60 -12.90
CA PRO F 20 49.20 -19.92 -11.68
C PRO F 20 49.74 -21.20 -11.01
N PRO F 21 49.60 -21.31 -9.67
CA PRO F 21 50.08 -22.51 -9.00
C PRO F 21 49.22 -23.69 -9.46
N ARG F 22 49.73 -24.90 -9.29
CA ARG F 22 49.01 -26.09 -9.71
C ARG F 22 48.99 -27.11 -8.60
N GLU F 23 48.10 -28.10 -8.75
CA GLU F 23 48.00 -29.16 -7.79
C GLU F 23 49.29 -29.93 -7.86
N VAL F 24 49.93 -30.13 -6.70
CA VAL F 24 51.24 -30.80 -6.62
C VAL F 24 51.16 -32.31 -6.37
N HIS F 25 49.94 -32.84 -6.26
CA HIS F 25 49.75 -34.27 -5.99
C HIS F 25 49.23 -35.00 -7.24
N VAL F 26 49.65 -36.25 -7.41
CA VAL F 26 49.18 -37.14 -8.47
C VAL F 26 47.65 -37.31 -8.48
N GLN F 27 47.09 -37.25 -9.69
CA GLN F 27 45.63 -37.30 -9.91
C GLN F 27 45.15 -38.76 -9.82
N VAL F 28 44.27 -39.03 -8.84
CA VAL F 28 43.72 -40.39 -8.59
C VAL F 28 42.21 -40.43 -8.84
N THR F 29 41.78 -41.12 -9.90
CA THR F 29 40.36 -41.16 -10.28
C THR F 29 39.69 -42.50 -9.93
N HIS F 30 38.37 -42.42 -9.68
CA HIS F 30 37.49 -43.60 -9.50
C HIS F 30 38.03 -44.66 -8.53
N SER F 31 38.34 -44.23 -7.30
CA SER F 31 38.90 -45.12 -6.27
C SER F 31 37.83 -45.99 -5.62
N MET F 32 36.63 -45.44 -5.45
CA MET F 32 35.52 -46.21 -4.91
C MET F 32 35.18 -47.42 -5.81
N PRO F 33 35.00 -48.62 -5.21
CA PRO F 33 34.61 -49.80 -5.99
C PRO F 33 33.29 -49.51 -6.73
N PRO F 34 33.24 -49.83 -8.04
CA PRO F 34 32.12 -49.50 -8.93
C PRO F 34 30.76 -50.11 -8.50
N GLN F 35 30.79 -51.23 -7.78
CA GLN F 35 29.56 -51.84 -7.25
C GLN F 35 28.86 -50.95 -6.20
N LYS F 36 29.64 -50.18 -5.44
CA LYS F 36 29.06 -49.34 -4.40
C LYS F 36 28.25 -48.17 -4.97
N ILE F 37 28.30 -48.01 -6.29
CA ILE F 37 27.48 -47.02 -7.02
C ILE F 37 25.98 -47.27 -6.81
N GLU F 38 25.62 -48.54 -6.64
CA GLU F 38 24.23 -48.92 -6.40
C GLU F 38 23.71 -48.41 -5.04
N ILE F 39 24.56 -48.40 -4.02
CA ILE F 39 24.17 -47.94 -2.68
C ILE F 39 23.49 -46.59 -2.80
N PHE F 40 24.03 -45.75 -3.67
CA PHE F 40 23.50 -44.40 -3.84
C PHE F 40 22.21 -44.37 -4.66
N LYS F 41 22.15 -45.16 -5.72
CA LYS F 41 20.90 -45.30 -6.48
C LYS F 41 19.76 -45.71 -5.55
N SER F 42 20.06 -46.63 -4.62
CA SER F 42 19.11 -47.10 -3.59
C SER F 42 18.68 -46.01 -2.62
N LEU F 43 19.61 -45.12 -2.30
CA LEU F 43 19.38 -44.11 -1.29
C LEU F 43 18.67 -42.88 -1.87
N ASP F 44 18.26 -42.98 -3.13
CA ASP F 44 17.62 -41.86 -3.82
C ASP F 44 16.44 -41.31 -3.02
N ASN F 45 15.42 -42.15 -2.82
CA ASN F 45 14.27 -41.81 -1.99
C ASN F 45 14.70 -41.26 -0.63
N TRP F 46 15.60 -41.98 0.05
CA TRP F 46 16.10 -41.54 1.35
C TRP F 46 16.62 -40.10 1.29
N ALA F 47 17.45 -39.81 0.28
CA ALA F 47 17.99 -38.46 0.06
C ALA F 47 16.89 -37.44 -0.14
N GLU F 48 15.84 -37.85 -0.83
CA GLU F 48 14.69 -36.99 -1.12
C GLU F 48 13.85 -36.73 0.13
N GLU F 49 14.31 -37.20 1.28
CA GLU F 49 13.54 -37.04 2.52
C GLU F 49 14.40 -36.61 3.70
N ASN F 50 15.71 -36.80 3.58
CA ASN F 50 16.64 -36.43 4.64
C ASN F 50 17.63 -35.37 4.21
N ILE F 51 17.73 -35.17 2.89
CA ILE F 51 18.65 -34.20 2.36
C ILE F 51 17.94 -33.03 1.71
N LEU F 52 17.16 -33.28 0.65
CA LEU F 52 16.46 -32.20 -0.06
C LEU F 52 15.70 -31.28 0.90
N VAL F 53 15.22 -31.85 2.00
CA VAL F 53 14.54 -31.07 3.06
C VAL F 53 15.36 -29.88 3.62
N HIS F 54 16.67 -29.86 3.38
CA HIS F 54 17.56 -28.80 3.92
C HIS F 54 17.80 -27.66 2.92
N LEU F 55 17.18 -27.80 1.74
CA LEU F 55 17.14 -26.70 0.78
C LEU F 55 15.96 -25.82 1.10
N LYS F 56 16.21 -24.52 1.07
CA LYS F 56 15.17 -23.51 1.25
C LYS F 56 14.52 -23.29 -0.13
N PRO F 57 13.18 -23.47 -0.22
CA PRO F 57 12.46 -23.21 -1.47
C PRO F 57 12.69 -21.78 -2.01
N VAL F 58 12.85 -21.67 -3.32
CA VAL F 58 13.19 -20.38 -3.92
C VAL F 58 12.43 -19.19 -3.37
N GLU F 59 11.10 -19.26 -3.45
CA GLU F 59 10.21 -18.15 -3.05
C GLU F 59 10.50 -17.64 -1.65
N LYS F 60 10.98 -18.51 -0.77
CA LYS F 60 11.29 -18.15 0.61
C LYS F 60 12.75 -17.80 0.88
N CYS F 61 13.57 -17.70 -0.17
CA CYS F 61 15.00 -17.40 -0.02
C CYS F 61 15.27 -15.91 -0.13
N TRP F 62 16.27 -15.45 0.61
CA TRP F 62 16.77 -14.11 0.48
C TRP F 62 17.43 -14.00 -0.87
N GLN F 63 17.50 -12.78 -1.40
CA GLN F 63 18.25 -12.53 -2.62
C GLN F 63 19.23 -11.39 -2.38
N PRO F 64 20.33 -11.34 -3.16
CA PRO F 64 21.28 -10.28 -2.95
C PRO F 64 20.63 -8.89 -2.78
N GLN F 65 19.60 -8.55 -3.55
CA GLN F 65 19.02 -7.19 -3.48
C GLN F 65 18.47 -6.83 -2.10
N ASP F 66 18.06 -7.83 -1.35
CA ASP F 66 17.61 -7.63 0.01
C ASP F 66 18.66 -6.97 0.87
N PHE F 67 19.95 -7.04 0.51
CA PHE F 67 20.96 -6.43 1.41
C PHE F 67 21.76 -5.33 0.79
N LEU F 68 21.31 -4.87 -0.39
CA LEU F 68 22.07 -3.88 -1.13
C LEU F 68 21.29 -2.62 -1.27
N PRO F 69 21.96 -1.51 -1.53
CA PRO F 69 21.21 -0.36 -1.92
C PRO F 69 20.18 -0.66 -3.03
N ASP F 70 18.98 -0.09 -2.92
CA ASP F 70 17.90 -0.32 -3.89
C ASP F 70 18.00 0.63 -5.07
N PRO F 71 18.39 0.14 -6.24
CA PRO F 71 18.65 1.11 -7.30
C PRO F 71 17.38 1.69 -7.94
N ALA F 72 16.21 1.18 -7.60
CA ALA F 72 14.97 1.71 -8.11
C ALA F 72 14.29 2.47 -7.02
N SER F 73 15.06 2.94 -6.05
CA SER F 73 14.54 3.79 -4.97
C SER F 73 15.14 5.20 -4.96
N ASP F 74 14.40 6.18 -4.47
CA ASP F 74 14.97 7.53 -4.38
C ASP F 74 16.07 7.52 -3.28
N GLY F 75 16.06 6.51 -2.44
CA GLY F 75 17.05 6.34 -1.43
C GLY F 75 18.35 5.74 -1.91
N PHE F 76 18.48 5.45 -3.19
CA PHE F 76 19.69 4.81 -3.68
C PHE F 76 20.97 5.57 -3.35
N ASP F 77 21.02 6.85 -3.69
CA ASP F 77 22.20 7.64 -3.53
C ASP F 77 22.63 7.59 -2.09
N GLU F 78 21.77 8.00 -1.16
CA GLU F 78 22.18 8.04 0.24
C GLU F 78 22.59 6.66 0.76
N GLN F 79 21.95 5.64 0.28
CA GLN F 79 22.27 4.29 0.70
C GLN F 79 23.66 3.88 0.22
N VAL F 80 23.97 4.18 -1.04
CA VAL F 80 25.33 3.90 -1.55
C VAL F 80 26.36 4.69 -0.75
N ARG F 81 26.00 5.93 -0.44
CA ARG F 81 26.88 6.87 0.25
C ARG F 81 27.13 6.42 1.70
N GLU F 82 26.10 5.97 2.39
CA GLU F 82 26.30 5.45 3.73
C GLU F 82 27.16 4.19 3.73
N LEU F 83 26.94 3.34 2.73
CA LEU F 83 27.69 2.10 2.57
C LEU F 83 29.21 2.38 2.47
N ARG F 84 29.57 3.38 1.63
CA ARG F 84 30.92 3.76 1.42
C ARG F 84 31.51 4.42 2.65
N GLU F 85 30.71 5.18 3.39
CA GLU F 85 31.26 5.87 4.56
C GLU F 85 31.62 4.83 5.63
N ARG F 86 30.75 3.85 5.80
CA ARG F 86 30.97 2.80 6.76
C ARG F 86 32.20 2.02 6.38
N ALA F 87 32.42 1.81 5.08
CA ALA F 87 33.53 0.99 4.61
C ALA F 87 34.88 1.67 4.89
N LYS F 88 34.90 2.99 4.99
CA LYS F 88 36.11 3.68 5.32
C LYS F 88 36.58 3.30 6.69
N GLU F 89 35.65 3.04 7.62
CA GLU F 89 36.00 2.62 8.98
C GLU F 89 36.33 1.13 9.09
N ILE F 90 36.23 0.39 8.01
CA ILE F 90 36.64 -0.99 8.01
C ILE F 90 38.04 -1.06 7.45
N PRO F 91 38.99 -1.62 8.24
CA PRO F 91 40.40 -1.61 7.88
C PRO F 91 40.72 -2.56 6.73
N ASP F 92 41.83 -2.26 6.03
CA ASP F 92 42.32 -3.02 4.88
C ASP F 92 42.47 -4.51 5.15
N ASP F 93 42.99 -4.84 6.35
CA ASP F 93 43.17 -6.23 6.83
C ASP F 93 41.92 -7.01 6.49
N TYR F 94 40.82 -6.47 6.97
CA TYR F 94 39.56 -7.16 6.92
C TYR F 94 39.08 -7.26 5.47
N PHE F 95 39.27 -6.22 4.67
CA PHE F 95 38.91 -6.30 3.26
C PHE F 95 39.67 -7.36 2.52
N VAL F 96 40.93 -7.54 2.87
CA VAL F 96 41.70 -8.64 2.29
C VAL F 96 40.99 -9.99 2.45
N VAL F 97 40.62 -10.31 3.69
CA VAL F 97 39.99 -11.57 4.04
C VAL F 97 38.66 -11.66 3.34
N LEU F 98 37.87 -10.60 3.48
CA LEU F 98 36.56 -10.54 2.86
C LEU F 98 36.62 -10.74 1.34
N VAL F 99 37.68 -10.25 0.70
CA VAL F 99 37.81 -10.35 -0.72
C VAL F 99 38.12 -11.77 -1.05
N GLY F 100 38.99 -12.40 -0.25
CA GLY F 100 39.35 -13.79 -0.45
C GLY F 100 38.13 -14.67 -0.35
N ASP F 101 37.28 -14.38 0.62
CA ASP F 101 36.09 -15.15 0.81
C ASP F 101 35.24 -15.01 -0.42
N MET F 102 35.05 -13.78 -0.87
CA MET F 102 34.23 -13.50 -2.02
C MET F 102 34.78 -14.20 -3.26
N ILE F 103 36.08 -14.09 -3.48
CA ILE F 103 36.71 -14.81 -4.59
C ILE F 103 36.45 -16.32 -4.54
N THR F 104 36.62 -16.92 -3.37
CA THR F 104 36.30 -18.33 -3.18
C THR F 104 34.86 -18.59 -3.63
N GLU F 105 33.94 -17.74 -3.22
CA GLU F 105 32.52 -17.90 -3.62
C GLU F 105 32.34 -17.78 -5.14
N GLU F 106 33.05 -16.88 -5.75
CA GLU F 106 32.81 -16.70 -7.18
C GLU F 106 33.27 -17.82 -8.05
N ALA F 107 34.13 -18.69 -7.52
CA ALA F 107 34.63 -19.85 -8.28
C ALA F 107 33.66 -21.02 -8.27
N LEU F 108 32.40 -20.74 -7.90
CA LEU F 108 31.28 -21.67 -7.85
C LEU F 108 31.19 -22.76 -8.94
N PRO F 109 31.30 -22.37 -10.23
CA PRO F 109 31.16 -23.42 -11.23
C PRO F 109 32.08 -24.58 -10.96
N THR F 110 33.29 -24.31 -10.50
CA THR F 110 34.21 -25.37 -10.10
C THR F 110 33.61 -26.35 -9.09
N TYR F 111 32.83 -25.83 -8.12
CA TYR F 111 32.29 -26.63 -7.03
C TYR F 111 31.14 -27.46 -7.49
N GLN F 112 30.40 -26.96 -8.48
CA GLN F 112 29.34 -27.78 -9.06
C GLN F 112 29.99 -28.95 -9.74
N THR F 113 31.09 -28.69 -10.42
CA THR F 113 31.82 -29.75 -11.08
C THR F 113 32.32 -30.77 -10.05
N MET F 114 32.85 -30.29 -8.92
CA MET F 114 33.36 -31.16 -7.82
C MET F 114 32.36 -32.21 -7.37
N LEU F 115 31.09 -31.82 -7.31
CA LEU F 115 29.99 -32.72 -6.96
C LEU F 115 29.62 -33.59 -8.15
N ASN F 116 29.67 -33.02 -9.36
CA ASN F 116 29.40 -33.80 -10.57
C ASN F 116 30.51 -34.77 -10.97
N THR F 117 31.54 -34.86 -10.15
CA THR F 117 32.61 -35.83 -10.42
C THR F 117 32.42 -37.08 -9.61
N LEU F 118 31.51 -37.04 -8.63
CA LEU F 118 31.25 -38.17 -7.74
C LEU F 118 30.42 -39.31 -8.38
N ASP F 119 30.94 -40.53 -8.26
CA ASP F 119 30.50 -41.67 -9.08
C ASP F 119 29.01 -42.00 -9.04
N GLY F 120 28.45 -42.12 -7.84
CA GLY F 120 27.06 -42.58 -7.70
C GLY F 120 26.05 -41.44 -7.61
N VAL F 121 26.51 -40.21 -7.82
CA VAL F 121 25.71 -39.02 -7.53
C VAL F 121 25.69 -37.97 -8.64
N ARG F 122 26.60 -38.07 -9.60
CA ARG F 122 26.70 -37.05 -10.64
C ARG F 122 25.42 -36.85 -11.43
N ASP F 123 25.21 -35.63 -11.91
CA ASP F 123 24.12 -35.29 -12.81
C ASP F 123 24.55 -35.69 -14.22
N GLU F 124 23.89 -36.69 -14.80
CA GLU F 124 24.37 -37.26 -16.07
C GLU F 124 24.00 -36.44 -17.30
N THR F 125 23.18 -35.41 -17.14
CA THR F 125 22.64 -34.71 -18.30
C THR F 125 22.71 -33.21 -18.13
N GLY F 126 22.66 -32.76 -16.88
CA GLY F 126 22.55 -31.35 -16.58
C GLY F 126 21.17 -31.01 -16.05
N ALA F 127 20.25 -31.99 -16.05
CA ALA F 127 18.87 -31.81 -15.53
C ALA F 127 18.26 -33.11 -15.07
N SER F 128 19.07 -33.97 -14.44
CA SER F 128 18.64 -35.30 -14.05
C SER F 128 17.62 -35.27 -12.91
N PRO F 129 16.48 -35.93 -13.07
CA PRO F 129 15.46 -36.01 -12.03
C PRO F 129 15.87 -36.75 -10.75
N THR F 130 17.12 -37.20 -10.64
CA THR F 130 17.53 -37.91 -9.42
C THR F 130 17.59 -36.90 -8.28
N SER F 131 17.38 -37.41 -7.07
CA SER F 131 17.52 -36.62 -5.85
C SER F 131 18.89 -35.96 -5.77
N TRP F 132 19.92 -36.72 -6.14
CA TRP F 132 21.28 -36.26 -6.04
C TRP F 132 21.55 -35.08 -6.97
N ALA F 133 21.13 -35.22 -8.23
CA ALA F 133 21.27 -34.14 -9.20
C ALA F 133 20.44 -32.90 -8.81
N ILE F 134 19.24 -33.14 -8.26
CA ILE F 134 18.37 -32.06 -7.78
C ILE F 134 19.05 -31.25 -6.68
N TRP F 135 19.63 -31.94 -5.70
CA TRP F 135 20.41 -31.29 -4.65
C TRP F 135 21.56 -30.43 -5.21
N THR F 136 22.37 -31.05 -6.08
CA THR F 136 23.53 -30.38 -6.65
C THR F 136 23.13 -29.06 -7.31
N ARG F 137 22.04 -29.09 -8.07
CA ARG F 137 21.59 -27.93 -8.81
C ARG F 137 21.01 -26.84 -7.88
N ALA F 138 20.27 -27.25 -6.85
CA ALA F 138 19.68 -26.29 -5.93
C ALA F 138 20.70 -25.71 -4.97
N TRP F 139 21.68 -26.54 -4.59
CA TRP F 139 22.78 -26.10 -3.75
C TRP F 139 23.61 -25.05 -4.53
N THR F 140 23.81 -25.31 -5.81
CA THR F 140 24.56 -24.40 -6.64
C THR F 140 23.82 -23.08 -6.76
N ALA F 141 22.50 -23.15 -7.01
CA ALA F 141 21.66 -21.96 -7.08
C ALA F 141 21.73 -21.11 -5.80
N GLU F 142 21.77 -21.79 -4.65
CA GLU F 142 21.93 -21.13 -3.39
C GLU F 142 23.28 -20.43 -3.24
N GLU F 143 24.34 -21.14 -3.58
CA GLU F 143 25.70 -20.59 -3.50
C GLU F 143 25.88 -19.36 -4.38
N ASN F 144 25.25 -19.36 -5.54
CA ASN F 144 25.43 -18.30 -6.49
C ASN F 144 25.11 -16.90 -5.91
N ARG F 145 24.17 -16.80 -4.98
CA ARG F 145 23.78 -15.53 -4.45
C ARG F 145 24.85 -15.02 -3.49
N HIS F 146 25.74 -15.90 -3.03
CA HIS F 146 26.76 -15.52 -2.04
C HIS F 146 27.79 -14.66 -2.74
N GLY F 147 28.24 -15.15 -3.88
CA GLY F 147 29.19 -14.43 -4.72
C GLY F 147 28.63 -13.11 -5.18
N ASP F 148 27.41 -13.13 -5.73
CA ASP F 148 26.76 -11.92 -6.18
C ASP F 148 26.69 -10.86 -5.09
N LEU F 149 26.40 -11.27 -3.87
CA LEU F 149 26.14 -10.29 -2.85
C LEU F 149 27.45 -9.62 -2.42
N LEU F 150 28.47 -10.45 -2.18
CA LEU F 150 29.76 -9.97 -1.72
C LEU F 150 30.42 -9.17 -2.84
N ASN F 151 30.19 -9.56 -4.08
CA ASN F 151 30.68 -8.84 -5.23
C ASN F 151 30.14 -7.40 -5.26
N LYS F 152 28.82 -7.25 -5.33
CA LYS F 152 28.27 -5.93 -5.30
C LYS F 152 28.63 -5.11 -4.10
N TYR F 153 28.80 -5.75 -2.94
CA TYR F 153 29.22 -5.05 -1.76
C TYR F 153 30.64 -4.47 -1.92
N LEU F 154 31.55 -5.30 -2.42
CA LEU F 154 32.91 -4.86 -2.56
C LEU F 154 33.00 -3.79 -3.64
N TYR F 155 32.24 -3.94 -4.72
CA TYR F 155 32.19 -3.01 -5.80
C TYR F 155 31.75 -1.63 -5.34
N LEU F 156 30.63 -1.55 -4.62
CA LEU F 156 30.15 -0.28 -4.15
C LEU F 156 31.10 0.35 -3.15
N SER F 157 31.91 -0.47 -2.47
CA SER F 157 32.65 -0.01 -1.30
C SER F 157 33.73 1.02 -1.64
N GLY F 158 34.35 0.84 -2.81
CA GLY F 158 35.47 1.65 -3.25
C GLY F 158 36.75 1.42 -2.50
N ARG F 159 36.73 0.51 -1.55
CA ARG F 159 37.93 0.15 -0.78
C ARG F 159 38.89 -0.86 -1.49
N VAL F 160 38.42 -1.46 -2.57
CA VAL F 160 39.13 -2.58 -3.19
C VAL F 160 39.26 -2.45 -4.71
N ASP F 161 40.18 -3.18 -5.29
CA ASP F 161 40.51 -3.00 -6.68
C ASP F 161 39.80 -4.10 -7.45
N MET F 162 38.61 -3.78 -7.94
CA MET F 162 37.79 -4.78 -8.62
C MET F 162 38.48 -5.43 -9.82
N ARG F 163 39.38 -4.70 -10.47
CA ARG F 163 39.98 -5.28 -11.67
C ARG F 163 40.95 -6.41 -11.32
N GLN F 164 41.74 -6.21 -10.28
CA GLN F 164 42.63 -7.23 -9.80
C GLN F 164 41.87 -8.42 -9.22
N ILE F 165 40.69 -8.15 -8.64
CA ILE F 165 39.88 -9.20 -8.04
C ILE F 165 39.24 -10.04 -9.17
N GLU F 166 38.72 -9.38 -10.19
CA GLU F 166 38.12 -10.05 -11.29
C GLU F 166 39.14 -10.97 -11.97
N LYS F 167 40.38 -10.49 -12.02
CA LYS F 167 41.47 -11.21 -12.64
C LYS F 167 41.86 -12.43 -11.79
N THR F 168 41.90 -12.27 -10.47
CA THR F 168 42.12 -13.39 -9.61
C THR F 168 41.04 -14.45 -9.83
N ILE F 169 39.78 -14.00 -9.93
CA ILE F 169 38.68 -14.91 -10.17
C ILE F 169 38.87 -15.67 -11.47
N GLN F 170 39.22 -15.00 -12.55
CA GLN F 170 39.41 -15.73 -13.79
C GLN F 170 40.57 -16.75 -13.73
N TYR F 171 41.61 -16.45 -12.98
CA TYR F 171 42.69 -17.39 -12.84
C TYR F 171 42.16 -18.61 -12.10
N LEU F 172 41.38 -18.35 -11.06
CA LEU F 172 40.90 -19.39 -10.17
C LEU F 172 40.05 -20.44 -10.87
N ILE F 173 39.10 -19.99 -11.71
CA ILE F 173 38.21 -20.87 -12.47
C ILE F 173 39.04 -21.62 -13.53
N GLY F 174 39.95 -20.92 -14.19
CA GLY F 174 40.84 -21.58 -15.14
C GLY F 174 41.62 -22.70 -14.48
N SER F 175 42.04 -22.47 -13.24
CA SER F 175 42.82 -23.41 -12.48
C SER F 175 41.96 -24.54 -11.95
N GLY F 176 40.74 -24.24 -11.55
CA GLY F 176 39.90 -25.23 -10.90
C GLY F 176 40.52 -25.66 -9.58
N MET F 177 40.12 -26.83 -9.13
CA MET F 177 40.70 -27.43 -7.95
C MET F 177 40.53 -28.93 -7.96
N ASP F 178 41.47 -29.61 -7.32
CA ASP F 178 41.34 -31.05 -7.09
C ASP F 178 41.37 -31.37 -5.59
N PRO F 179 40.17 -31.54 -4.99
CA PRO F 179 40.04 -31.80 -3.55
C PRO F 179 40.47 -33.21 -3.20
N ARG F 180 40.87 -33.97 -4.22
CA ARG F 180 41.37 -35.34 -4.08
C ARG F 180 40.32 -36.30 -3.52
N THR F 181 39.10 -36.18 -4.03
CA THR F 181 37.96 -37.01 -3.64
C THR F 181 37.85 -38.25 -4.51
N GLU F 182 38.63 -38.26 -5.59
CA GLU F 182 38.83 -39.45 -6.41
C GLU F 182 37.51 -40.05 -6.94
N ASN F 183 36.55 -39.16 -7.16
CA ASN F 183 35.19 -39.48 -7.64
C ASN F 183 34.34 -40.26 -6.64
N SER F 184 34.85 -40.40 -5.42
CA SER F 184 34.17 -41.16 -4.38
C SER F 184 33.17 -40.28 -3.63
N PRO F 185 31.89 -40.62 -3.72
CA PRO F 185 30.87 -39.95 -2.93
C PRO F 185 31.21 -39.98 -1.44
N TYR F 186 31.93 -41.01 -0.99
CA TYR F 186 32.35 -41.08 0.41
C TYR F 186 33.29 -39.92 0.72
N LEU F 187 34.35 -39.81 -0.06
CA LEU F 187 35.35 -38.78 0.15
C LEU F 187 34.71 -37.43 -0.10
N GLY F 188 33.96 -37.34 -1.19
CA GLY F 188 33.25 -36.13 -1.57
C GLY F 188 32.47 -35.52 -0.42
N PHE F 189 31.55 -36.30 0.15
CA PHE F 189 30.66 -35.76 1.17
C PHE F 189 31.34 -35.57 2.51
N ILE F 190 32.41 -36.31 2.76
CA ILE F 190 33.26 -36.00 3.90
C ILE F 190 33.86 -34.61 3.65
N TYR F 191 34.45 -34.44 2.47
CA TYR F 191 35.09 -33.20 2.12
C TYR F 191 34.14 -32.03 2.33
N THR F 192 33.02 -32.05 1.62
CA THR F 192 32.07 -30.94 1.65
C THR F 192 31.48 -30.72 3.05
N SER F 193 31.38 -31.80 3.85
CA SER F 193 30.97 -31.66 5.26
C SER F 193 31.96 -30.75 6.00
N PHE F 194 33.26 -31.02 5.84
CA PHE F 194 34.30 -30.18 6.43
C PHE F 194 34.28 -28.72 5.90
N GLN F 195 34.21 -28.55 4.58
CA GLN F 195 34.25 -27.23 3.99
C GLN F 195 33.09 -26.32 4.42
N GLU F 196 31.89 -26.85 4.33
CA GLU F 196 30.69 -26.14 4.73
C GLU F 196 30.82 -25.56 6.14
N ARG F 197 31.33 -26.37 7.06
CA ARG F 197 31.55 -25.91 8.42
C ARG F 197 32.63 -24.82 8.44
N ALA F 198 33.70 -25.01 7.68
CA ALA F 198 34.74 -23.98 7.58
C ALA F 198 34.08 -22.68 7.14
N ASP F 199 33.32 -22.78 6.06
CA ASP F 199 32.61 -21.63 5.50
C ASP F 199 31.71 -20.97 6.54
N PHE F 200 31.03 -21.81 7.34
CA PHE F 200 30.16 -21.29 8.37
C PHE F 200 30.96 -20.53 9.44
N ILE F 201 32.21 -20.91 9.63
CA ILE F 201 33.01 -20.29 10.70
C ILE F 201 33.57 -18.98 10.19
N SER F 202 34.13 -19.01 8.98
CA SER F 202 34.72 -17.82 8.36
C SER F 202 33.67 -16.75 8.23
N HIS F 203 32.56 -17.10 7.56
CA HIS F 203 31.51 -16.13 7.37
C HIS F 203 30.98 -15.68 8.74
N GLY F 204 30.65 -16.64 9.60
CA GLY F 204 30.26 -16.34 10.97
C GLY F 204 31.15 -15.34 11.69
N ASN F 205 32.46 -15.52 11.55
CA ASN F 205 33.43 -14.63 12.16
C ASN F 205 33.51 -13.26 11.52
N THR F 206 33.59 -13.21 10.19
CA THR F 206 33.58 -11.93 9.53
C THR F 206 32.29 -11.21 9.93
N ALA F 207 31.24 -11.98 10.22
CA ALA F 207 29.94 -11.38 10.61
C ALA F 207 30.06 -10.64 11.93
N ARG F 208 30.47 -11.36 12.98
CA ARG F 208 30.58 -10.78 14.32
C ARG F 208 31.64 -9.67 14.34
N GLN F 209 32.71 -9.88 13.60
CA GLN F 209 33.74 -8.86 13.56
C GLN F 209 33.20 -7.63 12.81
N ALA F 210 32.38 -7.88 11.79
CA ALA F 210 31.77 -6.81 11.02
C ALA F 210 30.94 -5.90 11.92
N LYS F 211 30.34 -6.47 12.95
CA LYS F 211 29.65 -5.62 13.90
C LYS F 211 30.66 -4.66 14.59
N GLU F 212 31.76 -5.22 15.12
CA GLU F 212 32.76 -4.44 15.90
C GLU F 212 33.08 -3.20 15.08
N HIS F 213 33.82 -3.36 14.00
CA HIS F 213 34.25 -2.24 13.14
C HIS F 213 33.18 -1.17 12.87
N GLY F 214 31.94 -1.37 13.37
CA GLY F 214 30.76 -0.48 13.17
C GLY F 214 29.80 -0.64 11.94
N ASP F 215 29.81 -1.79 11.26
CA ASP F 215 28.83 -2.00 10.20
C ASP F 215 27.75 -3.13 10.40
N ILE F 216 26.62 -2.81 11.02
CA ILE F 216 25.55 -3.79 11.10
C ILE F 216 25.18 -4.46 9.76
N LYS F 217 24.96 -3.67 8.72
CA LYS F 217 24.48 -4.22 7.44
C LYS F 217 25.42 -5.28 6.88
N LEU F 218 26.71 -5.02 7.01
CA LEU F 218 27.70 -5.94 6.56
C LEU F 218 27.65 -7.21 7.38
N ALA F 219 27.31 -7.07 8.65
CA ALA F 219 27.16 -8.22 9.54
C ALA F 219 26.01 -9.10 9.08
N GLN F 220 24.84 -8.49 8.87
CA GLN F 220 23.68 -9.16 8.27
C GLN F 220 24.00 -9.88 6.96
N ILE F 221 24.84 -9.27 6.12
CA ILE F 221 25.28 -9.91 4.87
C ILE F 221 26.08 -11.22 5.15
N CYS F 222 27.11 -11.11 5.97
CA CYS F 222 27.93 -12.22 6.30
C CYS F 222 27.17 -13.28 7.08
N GLY F 223 26.32 -12.83 8.00
CA GLY F 223 25.50 -13.72 8.80
C GLY F 223 24.53 -14.54 7.97
N THR F 224 23.89 -13.89 7.02
CA THR F 224 22.92 -14.53 6.16
C THR F 224 23.58 -15.58 5.29
N ILE F 225 24.82 -15.33 4.88
CA ILE F 225 25.62 -16.29 4.13
C ILE F 225 25.98 -17.48 5.03
N ALA F 226 26.40 -17.18 6.25
CA ALA F 226 26.71 -18.20 7.24
C ALA F 226 25.56 -19.16 7.48
N ALA F 227 24.35 -18.62 7.56
CA ALA F 227 23.18 -19.44 7.81
C ALA F 227 23.03 -20.43 6.67
N ASP F 228 23.11 -19.94 5.43
CA ASP F 228 23.07 -20.87 4.29
C ASP F 228 24.06 -22.01 4.49
N GLU F 229 25.21 -21.70 5.04
CA GLU F 229 26.29 -22.67 5.16
C GLU F 229 25.96 -23.77 6.14
N LYS F 230 25.36 -23.40 7.27
CA LYS F 230 24.95 -24.35 8.31
C LYS F 230 24.01 -25.40 7.77
N ARG F 231 23.01 -24.94 7.02
CA ARG F 231 22.04 -25.83 6.39
C ARG F 231 22.76 -26.80 5.46
N HIS F 232 23.70 -26.30 4.68
CA HIS F 232 24.44 -27.16 3.78
C HIS F 232 25.24 -28.18 4.58
N GLU F 233 25.92 -27.72 5.62
CA GLU F 233 26.69 -28.59 6.54
C GLU F 233 25.78 -29.68 7.08
N THR F 234 24.63 -29.28 7.62
CA THR F 234 23.63 -30.20 8.16
C THR F 234 23.29 -31.26 7.12
N ALA F 235 23.03 -30.84 5.89
CA ALA F 235 22.68 -31.79 4.82
C ALA F 235 23.79 -32.79 4.51
N TYR F 236 25.01 -32.29 4.30
CA TYR F 236 26.15 -33.16 4.00
C TYR F 236 26.51 -34.08 5.16
N THR F 237 26.35 -33.60 6.39
CA THR F 237 26.61 -34.43 7.56
C THR F 237 25.62 -35.59 7.74
N LYS F 238 24.36 -35.41 7.33
CA LYS F 238 23.37 -36.49 7.42
C LYS F 238 23.69 -37.61 6.44
N ILE F 239 24.40 -37.26 5.35
CA ILE F 239 24.77 -38.27 4.36
C ILE F 239 25.90 -39.16 4.87
N VAL F 240 26.94 -38.55 5.44
CA VAL F 240 28.04 -39.30 6.00
C VAL F 240 27.57 -40.16 7.18
N GLU F 241 26.76 -39.55 8.05
CA GLU F 241 26.13 -40.27 9.14
C GLU F 241 25.47 -41.56 8.62
N LYS F 242 24.68 -41.40 7.55
CA LYS F 242 24.01 -42.50 6.88
C LYS F 242 25.00 -43.51 6.30
N LEU F 243 26.08 -43.01 5.74
CA LEU F 243 27.11 -43.90 5.19
C LEU F 243 27.83 -44.68 6.28
N PHE F 244 28.05 -44.05 7.44
CA PHE F 244 28.62 -44.73 8.60
C PHE F 244 27.71 -45.85 9.08
N GLU F 245 26.40 -45.59 8.98
CA GLU F 245 25.39 -46.55 9.41
C GLU F 245 25.32 -47.76 8.48
N ILE F 246 25.35 -47.51 7.16
CA ILE F 246 25.30 -48.58 6.16
C ILE F 246 26.64 -49.28 5.98
N ASP F 247 27.74 -48.51 5.95
CA ASP F 247 29.07 -49.05 5.70
C ASP F 247 30.13 -48.41 6.60
N PRO F 248 30.10 -48.72 7.91
CA PRO F 248 31.03 -48.08 8.84
C PRO F 248 32.48 -48.31 8.47
N ASP F 249 32.79 -49.39 7.75
CA ASP F 249 34.16 -49.66 7.33
C ASP F 249 34.69 -48.74 6.22
N GLY F 250 33.96 -48.67 5.12
CA GLY F 250 34.37 -47.86 3.97
C GLY F 250 34.40 -46.38 4.33
N THR F 251 33.41 -45.97 5.11
CA THR F 251 33.26 -44.59 5.58
C THR F 251 34.36 -44.19 6.58
N VAL F 252 34.64 -45.05 7.57
CA VAL F 252 35.74 -44.80 8.50
C VAL F 252 37.05 -44.66 7.74
N LEU F 253 37.21 -45.51 6.72
CA LEU F 253 38.43 -45.52 5.91
C LEU F 253 38.54 -44.29 5.04
N ALA F 254 37.41 -43.87 4.48
CA ALA F 254 37.35 -42.64 3.67
C ALA F 254 37.67 -41.40 4.51
N PHE F 255 37.18 -41.39 5.75
CA PHE F 255 37.36 -40.26 6.67
C PHE F 255 38.85 -40.07 6.98
N ALA F 256 39.53 -41.17 7.28
CA ALA F 256 40.97 -41.15 7.57
C ALA F 256 41.79 -40.74 6.33
N ASP F 257 41.35 -41.21 5.17
CA ASP F 257 42.05 -40.93 3.92
C ASP F 257 42.08 -39.42 3.66
N MET F 258 40.95 -38.75 3.85
CA MET F 258 40.87 -37.32 3.63
C MET F 258 41.79 -36.55 4.58
N MET F 259 41.89 -37.01 5.81
CA MET F 259 42.67 -36.28 6.79
C MET F 259 44.17 -36.37 6.61
N ARG F 260 44.71 -37.57 6.31
CA ARG F 260 46.14 -37.72 5.98
C ARG F 260 46.50 -36.80 4.82
N LYS F 261 45.72 -36.89 3.75
CA LYS F 261 45.87 -36.03 2.59
C LYS F 261 45.75 -34.56 3.00
N LYS F 262 45.03 -34.31 4.10
CA LYS F 262 44.66 -32.97 4.53
C LYS F 262 43.55 -32.43 3.64
N ILE F 263 42.62 -31.72 4.26
CA ILE F 263 41.57 -31.00 3.53
C ILE F 263 42.15 -29.72 2.96
N SER F 264 42.42 -29.69 1.64
CA SER F 264 42.82 -28.41 0.99
C SER F 264 41.63 -27.50 0.67
N MET F 265 41.77 -26.21 0.94
CA MET F 265 40.68 -25.24 0.70
C MET F 265 40.42 -25.10 -0.80
N PRO F 266 39.14 -24.96 -1.17
CA PRO F 266 38.71 -24.83 -2.59
C PRO F 266 39.48 -23.77 -3.37
N ALA F 267 39.88 -22.67 -2.72
CA ALA F 267 40.62 -21.63 -3.43
C ALA F 267 42.13 -21.64 -3.18
N HIS F 268 42.74 -22.80 -3.06
CA HIS F 268 44.16 -22.79 -2.73
C HIS F 268 45.07 -22.42 -3.91
N LEU F 269 44.53 -22.50 -5.12
CA LEU F 269 45.30 -22.13 -6.31
C LEU F 269 45.11 -20.64 -6.72
N MET F 270 44.63 -19.85 -5.77
CA MET F 270 44.50 -18.41 -5.91
C MET F 270 45.78 -17.78 -6.52
N TYR F 271 45.57 -16.85 -7.48
CA TYR F 271 46.62 -16.18 -8.20
C TYR F 271 46.14 -14.88 -8.83
N ASP F 272 46.88 -13.80 -8.66
CA ASP F 272 46.45 -12.52 -9.18
C ASP F 272 47.37 -12.04 -10.29
N GLY F 273 48.31 -12.89 -10.66
CA GLY F 273 49.36 -12.51 -11.61
C GLY F 273 50.59 -11.78 -11.03
N ARG F 274 50.61 -11.55 -9.70
CA ARG F 274 51.72 -10.85 -9.02
C ARG F 274 52.30 -11.67 -7.85
N ASP F 275 51.43 -12.23 -7.02
CA ASP F 275 51.84 -13.00 -5.87
C ASP F 275 51.85 -14.53 -6.20
N ASP F 276 52.96 -15.19 -5.96
CA ASP F 276 52.99 -16.64 -6.17
C ASP F 276 52.53 -17.42 -4.94
N ASN F 277 52.28 -16.72 -3.83
CA ASN F 277 51.80 -17.36 -2.63
C ASN F 277 50.57 -16.65 -2.12
N LEU F 278 49.65 -16.37 -3.03
CA LEU F 278 48.47 -15.59 -2.71
C LEU F 278 47.60 -16.27 -1.66
N PHE F 279 47.37 -17.58 -1.83
CA PHE F 279 46.55 -18.29 -0.88
C PHE F 279 47.17 -18.33 0.49
N ASP F 280 48.46 -18.64 0.58
CA ASP F 280 49.13 -18.63 1.86
C ASP F 280 48.97 -17.27 2.53
N HIS F 281 49.24 -16.21 1.76
CA HIS F 281 49.16 -14.86 2.29
C HIS F 281 47.76 -14.49 2.76
N PHE F 282 46.76 -14.81 1.95
CA PHE F 282 45.38 -14.53 2.30
C PHE F 282 45.03 -15.20 3.62
N SER F 283 45.39 -16.46 3.70
CA SER F 283 45.17 -17.31 4.87
C SER F 283 45.85 -16.76 6.11
N ALA F 284 47.11 -16.37 5.96
CA ALA F 284 47.82 -15.75 7.06
C ALA F 284 47.00 -14.63 7.71
N VAL F 285 46.52 -13.66 6.90
CA VAL F 285 45.69 -12.56 7.37
C VAL F 285 44.41 -13.10 8.07
N ALA F 286 43.78 -14.08 7.46
CA ALA F 286 42.58 -14.71 8.02
C ALA F 286 42.90 -15.32 9.38
N GLN F 287 44.01 -16.06 9.42
CA GLN F 287 44.51 -16.60 10.67
C GLN F 287 44.68 -15.44 11.68
N ARG F 288 45.59 -14.52 11.40
CA ARG F 288 45.89 -13.43 12.34
C ARG F 288 44.64 -12.71 12.84
N LEU F 289 43.67 -12.51 11.95
CA LEU F 289 42.45 -11.78 12.30
C LEU F 289 41.48 -12.64 13.13
N GLY F 290 41.76 -13.93 13.18
CA GLY F 290 40.87 -14.83 13.86
C GLY F 290 39.59 -15.06 13.12
N VAL F 291 39.64 -15.00 11.80
CA VAL F 291 38.50 -15.35 10.97
C VAL F 291 38.45 -16.86 10.73
N TYR F 292 39.59 -17.43 10.39
CA TYR F 292 39.70 -18.87 10.25
C TYR F 292 41.12 -19.24 10.58
N THR F 293 41.28 -20.03 11.65
CA THR F 293 42.59 -20.32 12.21
C THR F 293 42.92 -21.80 12.10
N ALA F 294 44.21 -22.13 12.27
CA ALA F 294 44.65 -23.51 12.33
C ALA F 294 43.84 -24.27 13.37
N LYS F 295 43.45 -23.56 14.43
CA LYS F 295 42.63 -24.13 15.49
C LYS F 295 41.21 -24.46 15.04
N ASP F 296 40.64 -23.60 14.19
CA ASP F 296 39.29 -23.84 13.69
C ASP F 296 39.27 -25.18 12.95
N TYR F 297 40.27 -25.39 12.11
CA TYR F 297 40.45 -26.65 11.39
C TYR F 297 40.38 -27.89 12.33
N ALA F 298 40.97 -27.76 13.51
CA ALA F 298 40.95 -28.82 14.49
C ALA F 298 39.56 -29.03 15.08
N ASP F 299 38.90 -27.93 15.42
CA ASP F 299 37.58 -27.97 16.05
C ASP F 299 36.55 -28.60 15.11
N ILE F 300 36.65 -28.30 13.82
CA ILE F 300 35.79 -28.89 12.80
C ILE F 300 35.98 -30.38 12.76
N LEU F 301 37.24 -30.80 12.70
CA LEU F 301 37.60 -32.20 12.72
C LEU F 301 37.00 -32.92 13.93
N GLU F 302 37.29 -32.40 15.12
CA GLU F 302 36.82 -32.94 16.39
C GLU F 302 35.29 -33.00 16.44
N PHE F 303 34.65 -31.92 16.00
CA PHE F 303 33.19 -31.89 15.94
C PHE F 303 32.64 -33.05 15.12
N LEU F 304 33.20 -33.25 13.93
CA LEU F 304 32.76 -34.30 13.00
C LEU F 304 32.98 -35.73 13.55
N VAL F 305 34.08 -35.90 14.26
CA VAL F 305 34.40 -37.13 14.95
C VAL F 305 33.29 -37.44 15.97
N GLY F 306 32.83 -36.40 16.65
CA GLY F 306 31.77 -36.54 17.65
C GLY F 306 30.40 -36.63 17.02
N ARG F 307 30.18 -35.81 16.00
CA ARG F 307 28.90 -35.76 15.29
C ARG F 307 28.58 -37.07 14.56
N TRP F 308 29.61 -37.75 14.06
CA TRP F 308 29.40 -38.99 13.32
C TRP F 308 29.53 -40.23 14.20
N LYS F 309 29.87 -40.00 15.47
CA LYS F 309 30.05 -41.05 16.47
C LYS F 309 31.12 -42.07 16.09
N VAL F 310 32.22 -41.58 15.51
CA VAL F 310 33.35 -42.42 15.11
C VAL F 310 33.85 -43.32 16.27
N ASP F 311 34.00 -42.71 17.45
CA ASP F 311 34.48 -43.39 18.64
C ASP F 311 33.58 -44.53 19.09
N LYS F 312 32.27 -44.34 18.91
CA LYS F 312 31.27 -45.33 19.33
C LYS F 312 31.09 -46.48 18.33
N LEU F 313 31.89 -46.47 17.27
CA LEU F 313 31.84 -47.51 16.23
C LEU F 313 32.50 -48.78 16.70
N THR F 314 31.87 -49.91 16.40
CA THR F 314 32.38 -51.23 16.76
C THR F 314 32.21 -52.23 15.61
N GLY F 315 32.98 -53.32 15.66
CA GLY F 315 33.02 -54.31 14.59
C GLY F 315 33.64 -53.75 13.31
N LEU F 316 34.84 -53.18 13.45
CA LEU F 316 35.59 -52.68 12.30
C LEU F 316 36.79 -53.58 12.05
N SER F 317 37.16 -53.73 10.78
CA SER F 317 38.33 -54.52 10.40
C SER F 317 39.60 -53.92 10.99
N ALA F 318 40.66 -54.73 11.09
CA ALA F 318 41.97 -54.25 11.54
C ALA F 318 42.31 -52.97 10.81
N GLU F 319 41.75 -52.84 9.59
CA GLU F 319 41.85 -51.63 8.77
C GLU F 319 41.01 -50.51 9.36
N GLY F 320 39.73 -50.78 9.61
CA GLY F 320 38.80 -49.84 10.22
C GLY F 320 39.29 -49.27 11.54
N GLN F 321 39.86 -50.13 12.38
CA GLN F 321 40.35 -49.74 13.70
C GLN F 321 41.55 -48.78 13.69
N LYS F 322 42.54 -49.03 12.82
CA LYS F 322 43.70 -48.13 12.66
C LYS F 322 43.22 -46.78 12.22
N ALA F 323 42.26 -46.81 11.30
CA ALA F 323 41.62 -45.62 10.78
C ALA F 323 40.87 -44.84 11.86
N GLN F 324 40.01 -45.56 12.58
CA GLN F 324 39.18 -45.00 13.65
C GLN F 324 40.03 -44.30 14.70
N ASP F 325 41.13 -44.96 15.07
CA ASP F 325 42.05 -44.45 16.06
C ASP F 325 42.80 -43.19 15.59
N TYR F 326 43.32 -43.26 14.36
CA TYR F 326 44.01 -42.14 13.74
C TYR F 326 43.14 -40.89 13.78
N VAL F 327 41.87 -41.05 13.42
CA VAL F 327 40.94 -39.92 13.30
C VAL F 327 40.59 -39.30 14.66
N CYS F 328 40.40 -40.16 15.67
CA CYS F 328 40.05 -39.71 17.01
C CYS F 328 41.21 -39.04 17.76
N ARG F 329 42.44 -39.26 17.32
CA ARG F 329 43.63 -38.72 18.01
C ARG F 329 44.37 -37.65 17.20
N LEU F 330 43.85 -37.30 16.04
CA LEU F 330 44.47 -36.27 15.21
C LEU F 330 44.19 -34.82 15.68
N PRO F 331 42.96 -34.54 16.17
CA PRO F 331 42.67 -33.17 16.59
C PRO F 331 43.65 -32.57 17.62
N PRO F 332 43.86 -33.23 18.79
CA PRO F 332 44.83 -32.67 19.74
C PRO F 332 46.25 -32.58 19.18
N ARG F 333 46.66 -33.57 18.39
CA ARG F 333 47.97 -33.54 17.73
C ARG F 333 48.12 -32.31 16.85
N ILE F 334 47.11 -32.06 16.02
CA ILE F 334 47.05 -30.85 15.20
C ILE F 334 47.02 -29.60 16.07
N ARG F 335 46.22 -29.66 17.14
CA ARG F 335 46.09 -28.55 18.08
C ARG F 335 47.47 -28.10 18.57
N ARG F 336 48.04 -28.84 19.53
CA ARG F 336 49.37 -28.50 20.09
C ARG F 336 50.35 -28.00 19.02
N LEU F 337 50.61 -28.85 18.02
CA LEU F 337 51.49 -28.50 16.87
C LEU F 337 51.23 -27.10 16.30
N GLU F 338 50.16 -26.95 15.54
CA GLU F 338 49.79 -25.64 14.94
C GLU F 338 49.07 -24.71 15.94
N GLU F 339 49.49 -24.85 17.20
CA GLU F 339 49.09 -24.02 18.35
C GLU F 339 50.09 -22.87 18.50
N ARG F 340 51.33 -23.23 18.91
CA ARG F 340 52.45 -22.29 19.11
C ARG F 340 52.74 -21.38 17.89
N ALA F 341 51.98 -20.29 17.79
CA ALA F 341 52.22 -19.26 16.78
C ALA F 341 53.27 -18.25 17.29
N GLN F 342 54.50 -18.76 17.51
CA GLN F 342 55.66 -17.98 17.97
C GLN F 342 56.43 -17.25 16.86
N GLY F 343 57.07 -18.02 15.97
CA GLY F 343 57.87 -17.48 14.88
C GLY F 343 57.14 -16.91 13.66
N ARG F 344 55.80 -16.92 13.68
CA ARG F 344 54.98 -16.54 12.49
C ARG F 344 53.81 -15.56 12.79
N ALA F 345 53.41 -15.47 14.06
CA ALA F 345 52.33 -14.56 14.51
C ALA F 345 52.86 -13.16 14.90
N LYS F 346 53.89 -13.14 15.74
CA LYS F 346 54.54 -11.92 16.23
C LYS F 346 55.38 -11.20 15.15
N GLU F 347 56.38 -11.91 14.60
CA GLU F 347 57.29 -11.36 13.58
C GLU F 347 56.73 -11.41 12.16
N ALA F 348 55.41 -11.33 12.01
CA ALA F 348 54.83 -11.39 10.69
C ALA F 348 55.17 -10.09 9.97
N PRO F 349 55.72 -10.19 8.73
CA PRO F 349 56.04 -8.99 7.97
C PRO F 349 54.77 -8.36 7.41
N THR F 350 54.90 -7.14 6.91
CA THR F 350 53.83 -6.43 6.21
C THR F 350 53.94 -6.75 4.73
N MET F 351 52.82 -6.93 4.06
CA MET F 351 52.84 -7.30 2.65
C MET F 351 51.72 -6.62 1.84
N PRO F 352 52.03 -6.18 0.60
CA PRO F 352 51.06 -5.54 -0.30
C PRO F 352 50.20 -6.55 -0.99
N PHE F 353 48.91 -6.25 -1.15
CA PHE F 353 47.96 -7.10 -1.86
C PHE F 353 47.40 -6.35 -3.04
N SER F 354 47.38 -6.97 -4.20
CA SER F 354 46.86 -6.24 -5.36
C SER F 354 45.37 -5.99 -5.22
N TRP F 355 44.68 -6.71 -4.33
CA TRP F 355 43.23 -6.59 -4.15
C TRP F 355 42.87 -5.26 -3.52
N ILE F 356 43.82 -4.69 -2.79
CA ILE F 356 43.68 -3.34 -2.25
C ILE F 356 44.72 -2.34 -2.81
N PHE F 357 44.92 -2.36 -4.13
CA PHE F 357 45.85 -1.44 -4.82
C PHE F 357 47.26 -1.45 -4.24
N ASP F 358 47.74 -2.64 -3.87
CA ASP F 358 49.07 -2.79 -3.33
C ASP F 358 49.31 -2.05 -2.01
N ARG F 359 48.24 -1.65 -1.33
CA ARG F 359 48.36 -1.24 0.07
C ARG F 359 48.80 -2.46 0.84
N GLN F 360 49.43 -2.27 2.00
CA GLN F 360 50.02 -3.40 2.76
C GLN F 360 49.33 -3.72 4.06
N VAL F 361 49.19 -4.99 4.38
CA VAL F 361 48.63 -5.38 5.66
C VAL F 361 49.54 -6.43 6.32
N LYS F 362 49.41 -6.56 7.64
CA LYS F 362 50.25 -7.42 8.47
C LYS F 362 49.90 -8.90 8.24
N LEU F 363 50.86 -9.71 7.84
CA LEU F 363 50.60 -11.15 7.65
C LEU F 363 50.52 -11.92 8.99
FE FE G . 28.57 -15.48 -22.89
FE FE H . 30.43 -18.12 -25.29
FE FE I . -36.05 0.47 -15.80
FE FE J . -39.19 1.46 -18.76
FE FE K . -29.48 18.82 -2.77
FE FE L . -28.65 22.26 -4.57
FE FE M . -1.42 17.84 17.77
FE FE N . -3.13 19.97 20.97
FE FE O . 9.48 -1.90 23.43
FE FE P . 12.25 -1.89 26.53
FE FE Q . 29.17 -20.16 0.17
FE FE R . 27.91 -23.99 1.39
#